data_6N7T
#
_entry.id   6N7T
#
_cell.length_a   1
_cell.length_b   1
_cell.length_c   1
_cell.angle_alpha   90
_cell.angle_beta   90
_cell.angle_gamma   90
#
_symmetry.space_group_name_H-M   'P 1'
#
loop_
_entity.id
_entity.type
_entity.pdbx_description
1 polymer 'DNA primase/helicase'
2 polymer 'DNA (25-MER)'
3 non-polymer "THYMIDINE-5'-TRIPHOSPHATE"
4 non-polymer 'MAGNESIUM ION'
#
loop_
_entity_poly.entity_id
_entity_poly.type
_entity_poly.pdbx_seq_one_letter_code
_entity_poly.pdbx_strand_id
1 'polypeptide(L)'
;MDNSHDSDSVFLYHIPCDNCGSSDGNSLFSDGHTFCYVCEKWTAGNEDTKERASKRKPSGGKPMTYNVWNFGESNGRYSA
LTARGISKETCQKAGYWIAKVDGVMYQVADYRDQNGNIVSQKVRDKDKNFKTTGSHKSDALFGKHLWNGGKKIVVTEGEI
DMLTVMELQDCKYPVVSLGHGASAAKKTCAANYEYFDQFEQIILMFDMDEAGRKAVEEAAQVLPAGKVRVAVLPCKDANE
CHLNGHDREIMEQVWNAGPWIPDGVVSALSLRERIREHLSSEESVGLLFSGCTGINDKTLGARGGEVIMVTSGSGMGKST
FVRQQALQWGTAMGKKVGLAMLQESVEETAEDLIGLHNRVRLRQSDSLKREIIENGKFDQWFDELFGNDTFHLYDSFAEA
ETDRLLAKLAYMRSGLGCDVIILDHISIVVSASGESDERKMIDNLMTKLKGFAKSTGVVLVVICHLKNPDKGKAHEEGRP
VSITDLRGSGALRQLSDTIIALERNQQGDMPNLVLVRILKCRFTGDTGIAGYMEYNKETGWLEPSSYSGEEESHSESTDW
SNDTDF
;
A,B,C,D,E,F
2 'polydeoxyribonucleotide'
;(DT)(DG)(DG)(DT)(DC)(DT)(DT)(DT)(DT)(DT)(DT)(DT)(DT)(DT)(DT)(DT)(DT)(DT)(DT)(DT)
(DT)(DT)(DT)(DT)(DT)
;
T
#
loop_
_chem_comp.id
_chem_comp.type
_chem_comp.name
_chem_comp.formula
DC DNA linking 2'-DEOXYCYTIDINE-5'-MONOPHOSPHATE 'C9 H14 N3 O7 P'
DG DNA linking 2'-DEOXYGUANOSINE-5'-MONOPHOSPHATE 'C10 H14 N5 O7 P'
DT DNA linking THYMIDINE-5'-MONOPHOSPHATE 'C10 H15 N2 O8 P'
MG non-polymer 'MAGNESIUM ION' 'Mg 2'
TTP non-polymer THYMIDINE-5'-TRIPHOSPHATE 'C10 H17 N2 O14 P3'
#
# COMPACT_ATOMS: atom_id res chain seq x y z
N GLY A 264 26.56 28.27 3.35
CA GLY A 264 26.75 29.70 3.15
C GLY A 264 25.63 30.54 3.73
N VAL A 265 25.63 30.69 5.05
CA VAL A 265 24.63 31.50 5.74
C VAL A 265 24.96 32.98 5.49
N VAL A 266 24.06 33.67 4.80
CA VAL A 266 24.29 35.05 4.36
C VAL A 266 23.35 35.97 5.13
N SER A 267 23.92 36.97 5.80
CA SER A 267 23.14 37.93 6.55
C SER A 267 22.52 38.96 5.61
N ALA A 268 21.70 39.84 6.19
CA ALA A 268 20.97 40.84 5.41
C ALA A 268 21.85 41.99 4.94
N LEU A 269 23.00 42.21 5.56
CA LEU A 269 23.89 43.29 5.16
C LEU A 269 24.58 43.03 3.83
N SER A 270 24.83 41.76 3.50
CA SER A 270 25.59 41.42 2.30
C SER A 270 24.80 41.61 1.01
N LEU A 271 23.49 41.86 1.11
CA LEU A 271 22.66 42.11 -0.06
C LEU A 271 22.49 43.59 -0.36
N ARG A 272 23.49 44.41 -0.01
CA ARG A 272 23.40 45.84 -0.28
C ARG A 272 23.61 46.13 -1.76
N GLU A 273 24.50 45.36 -2.41
CA GLU A 273 24.76 45.52 -3.83
C GLU A 273 24.04 44.51 -4.71
N ARG A 274 23.54 43.42 -4.12
CA ARG A 274 22.89 42.39 -4.93
C ARG A 274 21.45 42.77 -5.24
N ILE A 275 20.70 43.23 -4.23
CA ILE A 275 19.33 43.70 -4.40
C ILE A 275 19.28 44.85 -5.40
N ARG A 276 20.27 45.76 -5.33
CA ARG A 276 20.35 46.88 -6.26
C ARG A 276 20.60 46.39 -7.69
N GLU A 277 21.25 45.24 -7.83
CA GLU A 277 21.41 44.66 -9.16
C GLU A 277 20.17 43.87 -9.55
N HIS A 278 19.39 43.39 -8.57
CA HIS A 278 18.21 42.61 -8.88
C HIS A 278 17.03 43.49 -9.25
N LEU A 279 17.09 44.78 -8.89
CA LEU A 279 16.01 45.70 -9.26
C LEU A 279 16.07 46.09 -10.74
N SER A 280 17.20 45.84 -11.38
CA SER A 280 17.35 46.12 -12.81
C SER A 280 17.98 44.95 -13.54
N VAL A 285 10.73 40.76 -15.26
CA VAL A 285 10.20 41.21 -16.54
C VAL A 285 9.28 40.14 -17.11
N GLY A 286 7.99 40.46 -17.18
CA GLY A 286 6.99 39.49 -17.61
C GLY A 286 6.90 39.30 -19.11
N LEU A 287 6.95 38.05 -19.55
CA LEU A 287 6.70 37.74 -20.96
C LEU A 287 5.21 37.59 -21.18
N LEU A 288 4.67 38.38 -22.10
CA LEU A 288 3.23 38.49 -22.28
C LEU A 288 2.69 37.23 -22.94
N PHE A 289 1.53 36.76 -22.48
CA PHE A 289 0.85 35.65 -23.12
C PHE A 289 0.08 36.14 -24.34
N SER A 290 -0.01 35.30 -25.36
CA SER A 290 -0.76 35.62 -26.56
C SER A 290 -2.09 34.88 -26.56
N GLY A 291 -2.98 35.32 -27.45
CA GLY A 291 -4.27 34.69 -27.62
C GLY A 291 -5.39 35.28 -26.79
N CYS A 292 -5.10 35.71 -25.56
CA CYS A 292 -6.13 36.28 -24.70
C CYS A 292 -5.49 37.28 -23.75
N THR A 293 -6.06 38.48 -23.68
CA THR A 293 -5.55 39.50 -22.77
C THR A 293 -6.10 39.36 -21.36
N GLY A 294 -7.09 38.50 -21.15
CA GLY A 294 -7.58 38.24 -19.81
C GLY A 294 -6.60 37.45 -18.94
N ILE A 295 -5.70 36.70 -19.58
CA ILE A 295 -4.65 36.01 -18.84
C ILE A 295 -3.60 37.00 -18.35
N ASN A 296 -3.21 37.95 -19.20
CA ASN A 296 -2.14 38.88 -18.86
C ASN A 296 -2.54 39.89 -17.78
N ASP A 297 -3.84 40.07 -17.52
CA ASP A 297 -4.28 41.01 -16.51
C ASP A 297 -4.12 40.47 -15.10
N LYS A 298 -4.37 39.17 -14.90
CA LYS A 298 -4.26 38.56 -13.58
C LYS A 298 -3.13 37.56 -13.47
N THR A 299 -2.07 37.72 -14.25
CA THR A 299 -0.86 36.92 -14.11
C THR A 299 0.42 37.75 -14.14
N LEU A 300 0.41 38.92 -14.81
CA LEU A 300 1.58 39.76 -15.08
C LEU A 300 2.67 38.99 -15.83
N GLY A 301 2.24 38.11 -16.74
CA GLY A 301 3.15 37.40 -17.61
C GLY A 301 3.87 36.24 -16.97
N ALA A 302 5.20 36.21 -17.11
CA ALA A 302 6.05 35.17 -16.53
C ALA A 302 7.46 35.72 -16.40
N ARG A 303 8.07 35.50 -15.25
CA ARG A 303 9.42 35.95 -14.98
C ARG A 303 10.37 34.76 -15.07
N GLY A 304 11.65 35.02 -14.80
CA GLY A 304 12.63 33.96 -14.72
C GLY A 304 12.40 33.13 -13.48
N GLY A 305 12.26 31.82 -13.63
CA GLY A 305 11.94 30.97 -12.50
C GLY A 305 10.48 31.07 -12.12
N GLU A 306 9.61 30.68 -13.05
CA GLU A 306 8.17 30.82 -12.90
C GLU A 306 7.53 29.61 -13.57
N VAL A 307 7.25 28.57 -12.81
CA VAL A 307 6.77 27.31 -13.35
C VAL A 307 5.30 27.46 -13.71
N ILE A 308 4.98 27.22 -14.99
CA ILE A 308 3.62 27.35 -15.50
C ILE A 308 3.14 25.97 -15.93
N MET A 309 2.11 25.48 -15.26
CA MET A 309 1.47 24.21 -15.57
C MET A 309 0.29 24.50 -16.47
N VAL A 310 0.18 23.76 -17.58
CA VAL A 310 -0.90 23.91 -18.53
C VAL A 310 -1.61 22.57 -18.65
N THR A 311 -2.92 22.56 -18.43
CA THR A 311 -3.64 21.29 -18.46
C THR A 311 -5.02 21.48 -19.08
N SER A 312 -5.60 20.35 -19.49
CA SER A 312 -6.98 20.24 -19.95
C SER A 312 -7.35 18.76 -19.89
N GLY A 313 -8.45 18.41 -20.54
CA GLY A 313 -8.79 17.02 -20.73
C GLY A 313 -7.95 16.36 -21.81
N SER A 314 -8.43 15.22 -22.29
CA SER A 314 -7.76 14.50 -23.37
C SER A 314 -8.22 15.08 -24.70
N GLY A 315 -7.26 15.53 -25.51
CA GLY A 315 -7.57 16.05 -26.82
C GLY A 315 -8.29 17.37 -26.86
N MET A 316 -8.08 18.23 -25.86
CA MET A 316 -8.72 19.54 -25.82
C MET A 316 -7.79 20.67 -26.25
N GLY A 317 -6.58 20.36 -26.69
CA GLY A 317 -5.72 21.38 -27.25
C GLY A 317 -4.71 21.97 -26.28
N LYS A 318 -3.99 21.09 -25.58
CA LYS A 318 -2.91 21.53 -24.65
C LYS A 318 -1.63 21.76 -25.46
N SER A 319 -1.38 20.89 -26.44
CA SER A 319 -0.21 20.97 -27.36
C SER A 319 -0.35 22.11 -28.37
N THR A 320 -1.58 22.38 -28.84
CA THR A 320 -1.77 23.43 -29.84
C THR A 320 -1.64 24.82 -29.21
N PHE A 321 -2.19 25.01 -28.01
CA PHE A 321 -2.06 26.30 -27.33
C PHE A 321 -0.63 26.58 -26.92
N VAL A 322 0.06 25.58 -26.39
CA VAL A 322 1.46 25.77 -26.03
C VAL A 322 2.34 25.94 -27.28
N ARG A 323 1.95 25.32 -28.40
CA ARG A 323 2.65 25.52 -29.66
C ARG A 323 2.44 26.94 -30.18
N GLN A 324 1.23 27.49 -30.03
CA GLN A 324 0.95 28.87 -30.40
C GLN A 324 1.75 29.85 -29.56
N GLN A 325 1.87 29.59 -28.26
CA GLN A 325 2.67 30.47 -27.42
C GLN A 325 4.17 30.33 -27.73
N ALA A 326 4.60 29.13 -28.11
CA ALA A 326 5.98 28.93 -28.54
C ALA A 326 6.27 29.67 -29.84
N LEU A 327 5.27 29.75 -30.71
CA LEU A 327 5.39 30.56 -31.91
C LEU A 327 5.50 32.04 -31.60
N GLN A 328 4.52 32.56 -30.84
CA GLN A 328 4.41 34.00 -30.51
C GLN A 328 5.62 34.51 -29.72
N TRP A 329 6.19 33.69 -28.82
CA TRP A 329 7.29 34.14 -27.99
C TRP A 329 8.63 34.06 -28.72
N GLY A 330 8.68 33.42 -29.89
CA GLY A 330 9.92 33.25 -30.61
C GLY A 330 10.13 34.20 -31.77
N THR A 331 9.09 34.37 -32.61
CA THR A 331 9.24 35.15 -33.83
C THR A 331 8.74 36.58 -33.69
N ALA A 332 8.07 36.92 -32.59
CA ALA A 332 7.56 38.28 -32.40
C ALA A 332 8.27 39.04 -31.30
N MET A 333 8.90 38.35 -30.35
CA MET A 333 9.54 38.99 -29.23
C MET A 333 11.04 38.75 -29.15
N GLY A 334 11.59 37.89 -30.02
CA GLY A 334 13.02 37.66 -30.05
C GLY A 334 13.56 36.80 -28.92
N LYS A 335 12.70 36.14 -28.16
CA LYS A 335 13.14 35.29 -27.06
C LYS A 335 13.31 33.87 -27.56
N LYS A 336 14.44 33.26 -27.20
CA LYS A 336 14.78 31.93 -27.70
C LYS A 336 13.95 30.88 -26.98
N VAL A 337 13.31 30.00 -27.74
CA VAL A 337 12.35 29.03 -27.22
C VAL A 337 12.89 27.62 -27.46
N GLY A 338 13.06 26.86 -26.37
CA GLY A 338 13.46 25.48 -26.47
C GLY A 338 12.33 24.52 -26.17
N LEU A 339 11.85 23.83 -27.20
CA LEU A 339 10.72 22.92 -27.09
C LEU A 339 11.21 21.52 -26.73
N ALA A 340 10.33 20.77 -26.08
CA ALA A 340 10.56 19.35 -25.83
C ALA A 340 9.27 18.58 -26.09
N MET A 341 8.69 18.80 -27.27
CA MET A 341 7.44 18.16 -27.66
C MET A 341 7.60 16.64 -27.73
N LEU A 342 6.92 15.94 -26.84
CA LEU A 342 7.01 14.48 -26.76
C LEU A 342 5.74 13.79 -27.21
N GLN A 343 4.70 14.57 -27.52
CA GLN A 343 3.42 14.02 -28.03
C GLN A 343 3.66 13.51 -29.46
N GLU A 344 4.26 14.36 -30.28
CA GLU A 344 4.60 14.04 -31.69
C GLU A 344 6.11 14.16 -31.87
N SER A 345 6.60 13.86 -33.08
CA SER A 345 8.02 13.94 -33.38
C SER A 345 8.42 15.30 -33.93
N VAL A 346 9.64 15.40 -34.46
CA VAL A 346 10.25 16.69 -34.79
C VAL A 346 9.66 17.26 -36.08
N GLU A 347 9.51 16.43 -37.11
CA GLU A 347 9.08 16.93 -38.41
C GLU A 347 7.62 17.36 -38.40
N GLU A 348 6.78 16.66 -37.64
CA GLU A 348 5.36 17.04 -37.55
C GLU A 348 5.19 18.39 -36.86
N THR A 349 5.90 18.61 -35.75
CA THR A 349 5.76 19.90 -35.07
C THR A 349 6.46 21.02 -35.85
N ALA A 350 7.48 20.69 -36.66
CA ALA A 350 8.09 21.71 -37.50
C ALA A 350 7.15 22.14 -38.62
N GLU A 351 6.47 21.18 -39.25
CA GLU A 351 5.45 21.50 -40.25
C GLU A 351 4.30 22.26 -39.63
N ASP A 352 3.92 21.92 -38.40
CA ASP A 352 2.84 22.63 -37.74
C ASP A 352 3.23 24.06 -37.39
N LEU A 353 4.49 24.29 -37.00
CA LEU A 353 4.96 25.65 -36.73
C LEU A 353 5.00 26.49 -38.01
N ILE A 354 5.46 25.91 -39.12
CA ILE A 354 5.49 26.64 -40.38
C ILE A 354 4.08 26.95 -40.88
N GLY A 355 3.19 25.95 -40.83
CA GLY A 355 1.83 26.17 -41.27
C GLY A 355 1.03 27.09 -40.37
N LEU A 356 1.41 27.17 -39.08
CA LEU A 356 0.67 28.01 -38.15
C LEU A 356 1.34 29.35 -37.94
N HIS A 357 2.42 29.63 -38.69
CA HIS A 357 2.94 30.99 -38.70
C HIS A 357 2.46 31.53 -40.03
N ASN A 358 2.33 30.67 -41.05
CA ASN A 358 1.80 31.10 -42.34
C ASN A 358 0.27 30.95 -42.43
N ARG A 359 -0.39 30.69 -41.29
CA ARG A 359 -1.84 30.71 -41.14
C ARG A 359 -2.55 29.69 -42.05
N VAL A 360 -2.00 28.49 -42.18
CA VAL A 360 -2.68 27.44 -42.93
C VAL A 360 -2.74 26.17 -42.09
N ARG A 361 -3.38 25.14 -42.63
CA ARG A 361 -3.37 23.79 -42.04
C ARG A 361 -2.52 22.95 -42.98
N LEU A 362 -1.25 22.78 -42.63
CA LEU A 362 -0.28 22.23 -43.58
C LEU A 362 -0.41 20.72 -43.71
N ARG A 363 -0.54 20.01 -42.59
CA ARG A 363 -0.54 18.54 -42.62
C ARG A 363 -1.85 17.96 -43.13
N GLN A 364 -2.91 18.78 -43.16
CA GLN A 364 -4.25 18.32 -43.61
C GLN A 364 -4.45 18.62 -45.11
N SER A 365 -3.37 18.87 -45.86
CA SER A 365 -3.49 19.14 -47.29
C SER A 365 -2.31 18.50 -47.99
N ASP A 366 -2.59 17.42 -48.73
CA ASP A 366 -1.52 16.71 -49.41
C ASP A 366 -1.00 17.47 -50.62
N SER A 367 -1.90 18.15 -51.34
CA SER A 367 -1.48 18.88 -52.54
C SER A 367 -0.72 20.15 -52.19
N LEU A 368 -0.99 20.71 -51.00
CA LEU A 368 -0.32 21.94 -50.63
C LEU A 368 1.08 21.67 -50.09
N LYS A 369 1.29 20.50 -49.46
CA LYS A 369 2.63 20.08 -49.09
C LYS A 369 3.48 19.80 -50.32
N ARG A 370 2.88 19.23 -51.35
CA ARG A 370 3.57 18.90 -52.59
C ARG A 370 3.87 20.13 -53.43
N GLU A 371 3.04 21.18 -53.31
CA GLU A 371 3.21 22.34 -54.17
C GLU A 371 4.37 23.23 -53.72
N ILE A 372 4.60 23.33 -52.41
CA ILE A 372 5.58 24.29 -51.90
C ILE A 372 7.03 23.90 -52.18
N ILE A 373 7.27 22.70 -52.70
CA ILE A 373 8.59 22.34 -53.16
C ILE A 373 8.73 22.49 -54.68
N GLU A 374 7.61 22.52 -55.41
CA GLU A 374 7.66 22.66 -56.86
C GLU A 374 7.92 24.09 -57.31
N ASN A 375 7.64 25.08 -56.46
CA ASN A 375 7.87 26.47 -56.79
C ASN A 375 8.92 27.13 -55.91
N GLY A 376 9.63 26.37 -55.09
CA GLY A 376 10.77 26.88 -54.36
C GLY A 376 10.44 27.75 -53.17
N LYS A 377 9.19 27.81 -52.74
CA LYS A 377 8.78 28.64 -51.61
C LYS A 377 8.98 27.95 -50.27
N PHE A 378 9.58 26.75 -50.25
CA PHE A 378 9.90 26.10 -49.00
C PHE A 378 11.00 26.84 -48.25
N ASP A 379 11.99 27.36 -48.97
CA ASP A 379 13.00 28.19 -48.34
C ASP A 379 12.51 29.61 -48.09
N GLN A 380 11.39 30.01 -48.69
CA GLN A 380 10.78 31.30 -48.36
C GLN A 380 10.12 31.30 -46.99
N TRP A 381 9.75 30.13 -46.48
CA TRP A 381 9.13 30.02 -45.17
C TRP A 381 10.05 29.41 -44.12
N PHE A 382 11.14 28.77 -44.54
CA PHE A 382 12.12 28.26 -43.59
C PHE A 382 13.08 29.36 -43.15
N ASP A 383 13.50 30.20 -44.09
CA ASP A 383 14.50 31.23 -43.79
C ASP A 383 13.93 32.35 -42.93
N GLU A 384 12.65 32.71 -43.16
CA GLU A 384 12.06 33.82 -42.43
C GLU A 384 11.79 33.48 -40.96
N LEU A 385 11.68 32.19 -40.62
CA LEU A 385 11.43 31.79 -39.25
C LEU A 385 12.69 31.29 -38.56
N PHE A 386 13.37 30.31 -39.15
CA PHE A 386 14.39 29.54 -38.43
C PHE A 386 15.80 30.03 -38.72
N GLY A 387 15.97 31.34 -38.90
CA GLY A 387 17.25 31.91 -39.27
C GLY A 387 18.00 32.64 -38.18
N ASN A 388 17.29 33.30 -37.27
CA ASN A 388 17.93 34.07 -36.21
C ASN A 388 18.17 33.25 -34.95
N ASP A 389 18.22 31.92 -35.06
CA ASP A 389 18.50 30.98 -33.96
C ASP A 389 17.48 31.09 -32.83
N THR A 390 16.26 31.51 -33.16
CA THR A 390 15.25 31.79 -32.15
C THR A 390 14.46 30.55 -31.75
N PHE A 391 14.86 29.36 -32.17
CA PHE A 391 14.19 28.13 -31.81
C PHE A 391 15.18 27.00 -31.60
N HIS A 392 14.82 26.09 -30.70
CA HIS A 392 15.53 24.83 -30.52
C HIS A 392 14.50 23.76 -30.21
N LEU A 393 14.74 22.54 -30.68
CA LEU A 393 13.81 21.45 -30.49
C LEU A 393 14.47 20.33 -29.70
N TYR A 394 13.73 19.25 -29.51
CA TYR A 394 14.22 18.09 -28.79
C TYR A 394 13.49 16.85 -29.27
N ASP A 395 14.25 15.80 -29.56
CA ASP A 395 13.71 14.53 -30.02
C ASP A 395 13.80 13.52 -28.90
N SER A 396 12.90 12.53 -28.92
CA SER A 396 12.97 11.41 -28.00
C SER A 396 13.34 10.14 -28.75
N THR A 402 14.85 9.69 -16.22
CA THR A 402 14.31 11.04 -16.16
C THR A 402 15.46 12.04 -16.06
N ASP A 403 16.59 11.57 -15.52
CA ASP A 403 17.76 12.42 -15.36
C ASP A 403 18.55 12.61 -16.65
N ARG A 404 18.19 11.91 -17.72
CA ARG A 404 18.74 12.21 -19.04
C ARG A 404 17.96 13.32 -19.74
N LEU A 405 16.81 13.70 -19.18
CA LEU A 405 16.08 14.86 -19.69
C LEU A 405 16.63 16.16 -19.12
N LEU A 406 16.81 16.22 -17.79
CA LEU A 406 17.30 17.45 -17.15
C LEU A 406 18.75 17.73 -17.52
N ALA A 407 19.54 16.69 -17.76
CA ALA A 407 20.94 16.88 -18.16
C ALA A 407 21.05 17.48 -19.55
N LYS A 408 20.03 17.32 -20.40
CA LYS A 408 20.04 17.97 -21.70
C LYS A 408 19.34 19.32 -21.64
N LEU A 409 18.37 19.49 -20.74
CA LEU A 409 17.75 20.80 -20.57
C LEU A 409 18.72 21.80 -19.94
N ALA A 410 19.61 21.34 -19.08
CA ALA A 410 20.64 22.22 -18.53
C ALA A 410 21.63 22.66 -19.60
N TYR A 411 21.93 21.78 -20.55
CA TYR A 411 22.75 22.15 -21.69
C TYR A 411 21.99 23.06 -22.64
N MET A 412 20.67 22.91 -22.71
CA MET A 412 19.84 23.80 -23.53
C MET A 412 19.81 25.20 -22.95
N ARG A 413 19.86 25.30 -21.62
CA ARG A 413 19.74 26.63 -20.94
C ARG A 413 21.12 27.27 -20.68
N SER A 414 22.19 26.48 -20.65
CA SER A 414 23.51 27.04 -20.36
C SER A 414 24.26 27.42 -21.63
N GLY A 415 24.58 26.44 -22.49
CA GLY A 415 25.38 26.71 -23.66
C GLY A 415 24.61 27.35 -24.79
N LEU A 416 23.39 26.86 -25.02
CA LEU A 416 22.56 27.41 -26.09
C LEU A 416 21.95 28.75 -25.70
N GLY A 417 21.56 28.91 -24.44
CA GLY A 417 21.04 30.19 -23.98
C GLY A 417 19.64 30.49 -24.45
N CYS A 418 18.70 29.59 -24.17
CA CYS A 418 17.30 29.81 -24.50
C CYS A 418 16.61 30.56 -23.36
N ASP A 419 15.37 30.93 -23.59
CA ASP A 419 14.70 31.79 -22.62
C ASP A 419 13.37 31.24 -22.12
N VAL A 420 12.73 30.34 -22.87
CA VAL A 420 11.51 29.65 -22.44
C VAL A 420 11.70 28.18 -22.76
N ILE A 421 11.69 27.33 -21.73
CA ILE A 421 11.82 25.89 -21.90
C ILE A 421 10.44 25.27 -21.76
N ILE A 422 10.07 24.42 -22.72
CA ILE A 422 8.74 23.84 -22.81
C ILE A 422 8.84 22.34 -22.72
N LEU A 423 8.05 21.74 -21.82
CA LEU A 423 7.95 20.30 -21.65
C LEU A 423 6.52 19.85 -21.90
N ASP A 424 6.35 18.93 -22.85
CA ASP A 424 5.06 18.42 -23.25
C ASP A 424 4.91 16.98 -22.76
N HIS A 425 3.70 16.69 -22.25
CA HIS A 425 3.20 15.35 -21.95
C HIS A 425 4.11 14.62 -20.94
N ILE A 426 4.06 15.14 -19.71
CA ILE A 426 4.94 14.69 -18.63
C ILE A 426 4.72 13.23 -18.22
N SER A 427 3.61 12.60 -18.63
CA SER A 427 3.32 11.23 -18.19
C SER A 427 4.23 10.20 -18.87
N ILE A 428 4.90 10.57 -19.96
CA ILE A 428 5.96 9.72 -20.50
C ILE A 428 7.14 9.66 -19.55
N VAL A 429 7.47 10.79 -18.91
CA VAL A 429 8.63 10.86 -18.04
C VAL A 429 8.40 10.01 -16.79
N VAL A 430 7.15 9.92 -16.33
CA VAL A 430 6.82 9.00 -15.24
C VAL A 430 6.20 7.72 -15.81
N ASP A 437 5.41 2.47 -8.37
CA ASP A 437 4.65 3.55 -7.75
C ASP A 437 5.04 4.89 -8.36
N GLU A 438 4.09 5.52 -9.06
CA GLU A 438 4.34 6.75 -9.81
C GLU A 438 3.90 7.99 -9.06
N ARG A 439 4.07 8.01 -7.73
CA ARG A 439 3.79 9.17 -6.93
C ARG A 439 5.07 9.81 -6.41
N LYS A 440 5.98 9.01 -5.86
CA LYS A 440 7.31 9.49 -5.49
C LYS A 440 8.09 9.93 -6.72
N MET A 441 7.87 9.25 -7.86
CA MET A 441 8.57 9.61 -9.10
C MET A 441 8.14 10.98 -9.61
N ILE A 442 6.83 11.22 -9.68
CA ILE A 442 6.35 12.51 -10.16
C ILE A 442 6.64 13.61 -9.14
N ASP A 443 6.70 13.26 -7.84
CA ASP A 443 7.02 14.24 -6.82
C ASP A 443 8.48 14.68 -6.90
N ASN A 444 9.41 13.72 -7.01
CA ASN A 444 10.82 14.05 -7.16
C ASN A 444 11.08 14.74 -8.50
N LEU A 445 10.30 14.40 -9.52
CA LEU A 445 10.42 15.07 -10.82
C LEU A 445 10.02 16.53 -10.71
N MET A 446 8.90 16.81 -10.04
CA MET A 446 8.45 18.19 -9.91
C MET A 446 9.38 19.00 -9.01
N THR A 447 9.98 18.34 -8.00
CA THR A 447 10.99 19.00 -7.18
C THR A 447 12.23 19.35 -8.00
N LYS A 448 12.69 18.43 -8.85
CA LYS A 448 13.87 18.70 -9.67
C LYS A 448 13.60 19.79 -10.71
N LEU A 449 12.39 19.79 -11.30
CA LEU A 449 12.04 20.83 -12.25
C LEU A 449 11.91 22.20 -11.58
N LYS A 450 11.38 22.24 -10.36
CA LYS A 450 11.28 23.51 -9.63
C LYS A 450 12.65 24.01 -9.22
N GLY A 451 13.54 23.11 -8.80
CA GLY A 451 14.90 23.51 -8.47
C GLY A 451 15.71 23.92 -9.70
N PHE A 452 15.37 23.37 -10.86
CA PHE A 452 16.03 23.79 -12.09
C PHE A 452 15.49 25.12 -12.58
N ALA A 453 14.21 25.38 -12.34
CA ALA A 453 13.64 26.66 -12.75
C ALA A 453 14.10 27.80 -11.87
N LYS A 454 14.09 27.58 -10.55
CA LYS A 454 14.52 28.61 -9.61
C LYS A 454 16.03 28.80 -9.70
N SER A 455 16.46 30.07 -9.59
CA SER A 455 17.87 30.50 -9.60
C SER A 455 18.56 30.14 -10.91
N THR A 456 17.82 30.12 -12.00
CA THR A 456 18.37 29.95 -13.34
C THR A 456 17.87 31.03 -14.29
N GLY A 457 16.61 31.44 -14.16
CA GLY A 457 16.09 32.52 -14.97
C GLY A 457 15.51 32.05 -16.29
N VAL A 458 14.50 31.19 -16.23
CA VAL A 458 13.84 30.68 -17.43
C VAL A 458 12.39 30.39 -17.09
N VAL A 459 11.51 30.54 -18.08
CA VAL A 459 10.10 30.21 -17.93
C VAL A 459 9.94 28.75 -18.32
N LEU A 460 9.52 27.92 -17.37
CA LEU A 460 9.48 26.48 -17.55
C LEU A 460 8.03 26.04 -17.69
N VAL A 461 7.53 26.01 -18.92
CA VAL A 461 6.17 25.59 -19.21
C VAL A 461 6.12 24.08 -19.15
N VAL A 462 5.18 23.53 -18.39
CA VAL A 462 5.05 22.09 -18.19
C VAL A 462 3.61 21.69 -18.48
N ILE A 463 3.41 20.63 -19.26
CA ILE A 463 2.07 20.13 -19.55
C ILE A 463 1.84 18.84 -18.77
N CYS A 464 0.69 18.76 -18.08
CA CYS A 464 0.28 17.57 -17.34
C CYS A 464 -1.12 17.18 -17.79
N HIS A 465 -1.74 16.26 -17.05
CA HIS A 465 -3.06 15.74 -17.39
C HIS A 465 -4.00 15.74 -16.21
N LEU A 466 -5.19 15.19 -16.43
CA LEU A 466 -6.25 15.11 -15.46
C LEU A 466 -6.76 13.68 -15.37
N LYS A 467 -7.16 13.27 -14.17
CA LYS A 467 -7.63 11.91 -13.95
C LYS A 467 -9.08 11.76 -14.37
N ASN A 468 -9.62 10.57 -14.11
CA ASN A 468 -10.99 10.26 -14.49
C ASN A 468 -11.99 11.05 -13.65
N PRO A 469 -13.12 11.45 -14.23
CA PRO A 469 -14.22 11.97 -13.41
C PRO A 469 -14.88 10.85 -12.62
N ASP A 470 -15.67 11.24 -11.62
CA ASP A 470 -16.32 10.22 -10.80
C ASP A 470 -17.82 10.16 -11.10
N LYS A 471 -18.51 11.28 -11.03
CA LYS A 471 -19.95 11.33 -11.28
C LYS A 471 -20.26 12.47 -12.25
N GLY A 472 -21.37 12.31 -12.96
CA GLY A 472 -21.80 13.34 -13.88
C GLY A 472 -21.09 13.27 -15.22
N LYS A 473 -20.66 14.44 -15.69
CA LYS A 473 -20.05 14.58 -17.00
C LYS A 473 -18.53 14.59 -16.88
N ALA A 474 -17.87 14.37 -18.01
CA ALA A 474 -16.42 14.19 -18.04
C ALA A 474 -15.72 15.49 -18.37
N HIS A 475 -14.38 15.46 -18.32
CA HIS A 475 -13.56 16.63 -18.60
C HIS A 475 -13.53 17.00 -20.07
N GLU A 476 -13.89 16.08 -20.96
CA GLU A 476 -13.94 16.34 -22.38
C GLU A 476 -15.31 16.86 -22.82
N GLU A 477 -16.29 16.84 -21.92
CA GLU A 477 -17.59 17.42 -22.18
C GLU A 477 -17.77 18.79 -21.54
N GLY A 478 -16.78 19.30 -20.83
CA GLY A 478 -16.90 20.61 -20.22
C GLY A 478 -17.24 20.58 -18.74
N ARG A 479 -16.66 19.63 -18.01
CA ARG A 479 -16.81 19.65 -16.56
C ARG A 479 -15.98 20.80 -15.97
N PRO A 480 -16.55 21.58 -15.05
CA PRO A 480 -15.75 22.60 -14.36
C PRO A 480 -14.69 21.95 -13.49
N VAL A 481 -13.44 22.11 -13.89
CA VAL A 481 -12.33 21.38 -13.29
C VAL A 481 -12.01 21.97 -11.92
N SER A 482 -11.58 21.12 -11.00
CA SER A 482 -11.09 21.52 -9.70
C SER A 482 -9.56 21.44 -9.67
N ILE A 483 -8.98 22.01 -8.61
CA ILE A 483 -7.52 22.05 -8.52
C ILE A 483 -6.94 20.70 -8.16
N THR A 484 -7.71 19.81 -7.55
CA THR A 484 -7.19 18.53 -7.07
C THR A 484 -7.30 17.43 -8.10
N ASP A 485 -7.66 17.74 -9.34
CA ASP A 485 -7.74 16.74 -10.39
C ASP A 485 -6.46 16.60 -11.18
N LEU A 486 -5.40 17.29 -10.79
CA LEU A 486 -4.08 17.12 -11.40
C LEU A 486 -3.54 15.76 -10.98
N ARG A 487 -3.73 14.76 -11.85
CA ARG A 487 -3.44 13.33 -11.54
C ARG A 487 -1.96 13.01 -11.33
N GLY A 488 -1.69 12.09 -10.41
CA GLY A 488 -0.37 11.55 -10.14
C GLY A 488 0.07 11.76 -8.71
N SER A 489 -0.13 12.97 -8.20
CA SER A 489 0.21 13.33 -6.83
C SER A 489 -0.47 14.65 -6.50
N GLY A 490 -0.12 15.22 -5.35
CA GLY A 490 -0.56 16.54 -5.02
C GLY A 490 0.57 17.52 -5.23
N ALA A 491 1.69 17.03 -5.74
CA ALA A 491 2.86 17.84 -6.00
C ALA A 491 2.76 18.63 -7.30
N LEU A 492 1.72 18.42 -8.09
CA LEU A 492 1.51 19.23 -9.28
C LEU A 492 0.81 20.53 -8.98
N ARG A 493 0.11 20.60 -7.84
CA ARG A 493 -0.66 21.82 -7.45
C ARG A 493 0.02 22.53 -6.28
N GLN A 494 1.10 21.96 -5.74
CA GLN A 494 1.79 22.58 -4.62
C GLN A 494 3.20 23.07 -4.98
N LEU A 495 3.60 22.94 -6.24
CA LEU A 495 4.88 23.46 -6.68
C LEU A 495 4.79 24.34 -7.91
N SER A 496 3.64 24.39 -8.57
CA SER A 496 3.50 25.24 -9.75
C SER A 496 3.18 26.68 -9.35
N ASP A 497 3.82 27.61 -10.04
CA ASP A 497 3.61 29.03 -9.80
C ASP A 497 2.38 29.57 -10.50
N THR A 498 2.08 29.07 -11.71
CA THR A 498 0.88 29.44 -12.43
C THR A 498 0.24 28.16 -12.92
N ILE A 499 -1.07 28.04 -12.79
CA ILE A 499 -1.81 26.87 -13.27
C ILE A 499 -2.91 27.34 -14.19
N ILE A 500 -2.90 26.88 -15.44
CA ILE A 500 -3.87 27.24 -16.45
C ILE A 500 -4.59 25.97 -16.88
N ALA A 501 -5.92 26.02 -16.96
CA ALA A 501 -6.71 24.88 -17.40
C ALA A 501 -7.63 25.29 -18.53
N LEU A 502 -7.83 24.37 -19.47
CA LEU A 502 -8.69 24.61 -20.62
C LEU A 502 -9.87 23.65 -20.61
N GLU A 503 -11.03 24.15 -21.03
CA GLU A 503 -12.27 23.38 -21.01
C GLU A 503 -13.00 23.55 -22.32
N ARG A 504 -13.56 22.46 -22.87
CA ARG A 504 -14.28 22.56 -24.16
C ARG A 504 -15.31 21.43 -24.35
N ASN A 505 -16.60 21.78 -24.36
CA ASN A 505 -17.70 20.87 -24.63
C ASN A 505 -17.66 20.54 -26.12
N GLN A 506 -17.04 19.42 -26.46
CA GLN A 506 -16.97 19.00 -27.85
C GLN A 506 -18.20 18.23 -28.30
N GLN A 507 -19.15 17.99 -27.41
CA GLN A 507 -20.40 17.35 -27.77
C GLN A 507 -21.59 18.29 -27.75
N GLY A 508 -21.43 19.51 -27.25
CA GLY A 508 -22.52 20.45 -27.14
C GLY A 508 -22.72 21.27 -28.40
N ASP A 509 -23.20 22.50 -28.19
CA ASP A 509 -23.55 23.36 -29.31
C ASP A 509 -22.31 23.94 -29.99
N MET A 510 -21.32 24.39 -29.21
CA MET A 510 -20.14 25.06 -29.74
C MET A 510 -18.89 24.27 -29.38
N PRO A 511 -18.41 23.41 -30.29
CA PRO A 511 -17.09 22.80 -30.10
C PRO A 511 -15.94 23.66 -30.56
N ASN A 512 -16.12 24.96 -30.71
CA ASN A 512 -15.07 25.87 -31.15
C ASN A 512 -14.88 27.01 -30.16
N LEU A 513 -15.38 26.84 -28.94
CA LEU A 513 -15.28 27.86 -27.92
C LEU A 513 -14.70 27.25 -26.66
N VAL A 514 -13.43 27.54 -26.39
CA VAL A 514 -12.76 27.01 -25.20
C VAL A 514 -12.89 28.03 -24.08
N LEU A 515 -12.76 27.54 -22.85
CA LEU A 515 -12.81 28.37 -21.66
C LEU A 515 -11.49 28.18 -20.91
N VAL A 516 -10.90 29.28 -20.48
CA VAL A 516 -9.59 29.28 -19.83
C VAL A 516 -9.78 29.66 -18.38
N ARG A 517 -9.25 28.84 -17.47
CA ARG A 517 -9.44 29.04 -16.04
C ARG A 517 -8.08 29.04 -15.36
N ILE A 518 -7.71 30.17 -14.78
CA ILE A 518 -6.52 30.24 -13.94
C ILE A 518 -6.88 29.66 -12.58
N LEU A 519 -6.11 28.68 -12.13
CA LEU A 519 -6.41 28.02 -10.87
C LEU A 519 -5.49 28.41 -9.74
N LYS A 520 -4.26 28.83 -10.04
CA LYS A 520 -3.30 29.19 -9.02
C LYS A 520 -2.38 30.27 -9.57
N CYS A 521 -2.19 31.34 -8.79
CA CYS A 521 -1.26 32.40 -9.15
C CYS A 521 -0.58 32.86 -7.87
N ARG A 522 0.71 32.57 -7.75
CA ARG A 522 1.48 32.90 -6.51
C ARG A 522 2.06 34.31 -6.55
N PHE A 523 1.93 35.02 -7.67
CA PHE A 523 2.48 36.37 -7.75
C PHE A 523 1.40 37.43 -7.55
N THR A 524 0.24 37.25 -8.19
CA THR A 524 -0.83 38.23 -8.10
C THR A 524 -1.89 37.84 -7.09
N GLY A 525 -2.44 36.64 -7.20
CA GLY A 525 -3.43 36.16 -6.28
C GLY A 525 -4.85 36.14 -6.80
N ASP A 526 -5.06 36.37 -8.08
CA ASP A 526 -6.38 36.31 -8.69
C ASP A 526 -6.53 35.00 -9.47
N THR A 527 -7.60 34.27 -9.19
CA THR A 527 -7.93 33.05 -9.89
C THR A 527 -9.35 33.17 -10.45
N GLY A 528 -9.67 32.29 -11.40
CA GLY A 528 -11.01 32.20 -11.94
C GLY A 528 -10.97 32.18 -13.45
N ILE A 529 -12.09 32.59 -14.05
CA ILE A 529 -12.22 32.60 -15.51
C ILE A 529 -11.38 33.73 -16.08
N ALA A 530 -10.40 33.37 -16.92
CA ALA A 530 -9.55 34.38 -17.54
C ALA A 530 -10.17 34.94 -18.81
N GLY A 531 -10.72 34.10 -19.66
CA GLY A 531 -11.37 34.59 -20.86
C GLY A 531 -11.75 33.46 -21.79
N TYR A 532 -12.37 33.83 -22.91
CA TYR A 532 -12.80 32.89 -23.93
C TYR A 532 -11.94 33.07 -25.18
N MET A 533 -11.63 31.97 -25.85
CA MET A 533 -10.91 32.04 -27.12
C MET A 533 -11.62 31.16 -28.14
N GLU A 534 -11.79 31.72 -29.34
CA GLU A 534 -12.49 31.05 -30.43
C GLU A 534 -11.50 30.32 -31.33
N TYR A 535 -11.79 29.03 -31.55
CA TYR A 535 -10.95 28.15 -32.41
C TYR A 535 -11.43 28.27 -33.86
N ASN A 536 -10.51 28.58 -34.77
CA ASN A 536 -10.82 28.74 -36.18
C ASN A 536 -10.41 27.49 -36.94
N LYS A 537 -11.39 26.87 -37.62
CA LYS A 537 -11.19 25.58 -38.34
C LYS A 537 -10.67 25.77 -39.77
N GLU A 538 -9.96 26.88 -40.03
CA GLU A 538 -9.39 27.09 -41.36
C GLU A 538 -7.89 27.35 -41.34
N THR A 539 -7.42 28.19 -40.43
CA THR A 539 -6.00 28.54 -40.38
C THR A 539 -5.24 27.83 -39.26
N GLY A 540 -5.93 27.14 -38.36
CA GLY A 540 -5.30 26.51 -37.22
C GLY A 540 -5.15 27.41 -36.01
N TRP A 541 -5.36 28.70 -36.18
CA TRP A 541 -5.27 29.64 -35.07
C TRP A 541 -6.53 29.63 -34.23
N LEU A 542 -6.38 30.02 -32.97
CA LEU A 542 -7.48 30.44 -32.12
C LEU A 542 -7.25 31.90 -31.75
N GLU A 543 -8.24 32.64 -31.83
CA GLU A 543 -8.36 34.09 -31.72
C GLU A 543 -9.02 34.45 -30.39
N PRO A 544 -8.80 35.66 -29.87
CA PRO A 544 -9.57 36.10 -28.70
C PRO A 544 -11.02 36.34 -29.05
N SER A 545 -11.91 35.66 -28.33
CA SER A 545 -13.34 35.78 -28.55
C SER A 545 -13.93 36.81 -27.59
N SER A 546 -15.15 37.22 -27.89
CA SER A 546 -15.85 38.24 -27.10
C SER A 546 -17.22 37.74 -26.70
N TYR A 547 -17.36 36.44 -26.55
CA TYR A 547 -18.61 35.87 -26.04
C TYR A 547 -18.73 36.12 -24.54
N SER A 548 -19.92 36.51 -24.12
CA SER A 548 -20.23 36.73 -22.72
C SER A 548 -21.20 35.64 -22.24
N GLY A 549 -21.06 35.26 -20.98
CA GLY A 549 -21.91 34.25 -20.39
C GLY A 549 -23.33 34.70 -20.15
N GLY B 264 21.06 10.81 32.10
CA GLY B 264 21.49 10.71 33.48
C GLY B 264 20.35 10.97 34.45
N VAL B 265 20.07 9.98 35.30
CA VAL B 265 18.98 10.10 36.26
C VAL B 265 19.37 11.07 37.36
N VAL B 266 18.38 11.77 37.90
CA VAL B 266 18.57 12.69 39.01
C VAL B 266 17.49 12.41 40.05
N SER B 267 17.78 12.79 41.28
CA SER B 267 16.78 12.75 42.34
C SER B 267 16.15 14.12 42.48
N ALA B 268 14.90 14.16 42.91
CA ALA B 268 14.13 15.39 42.90
C ALA B 268 14.35 16.25 44.14
N LEU B 269 15.36 15.96 44.95
CA LEU B 269 15.73 16.85 46.04
C LEU B 269 16.97 17.65 45.73
N SER B 270 17.69 17.31 44.68
CA SER B 270 18.77 18.12 44.14
C SER B 270 18.26 19.18 43.17
N LEU B 271 16.98 19.14 42.82
CA LEU B 271 16.37 20.05 41.86
C LEU B 271 15.89 21.35 42.49
N ARG B 272 16.45 21.77 43.63
CA ARG B 272 15.91 22.95 44.30
C ARG B 272 16.47 24.23 43.69
N GLU B 273 17.62 24.15 43.02
CA GLU B 273 18.24 25.33 42.43
C GLU B 273 17.93 25.51 40.95
N ARG B 274 17.61 24.43 40.23
CA ARG B 274 17.30 24.54 38.82
C ARG B 274 15.85 24.89 38.56
N ILE B 275 14.90 24.27 39.27
CA ILE B 275 13.49 24.63 39.21
C ILE B 275 13.31 26.08 39.67
N ARG B 276 14.15 26.55 40.60
CA ARG B 276 14.21 27.97 40.93
C ARG B 276 14.66 28.81 39.73
N GLU B 277 15.73 28.40 39.05
CA GLU B 277 16.29 29.20 37.96
C GLU B 277 15.36 29.24 36.76
N HIS B 278 14.69 28.12 36.48
CA HIS B 278 13.66 28.08 35.45
C HIS B 278 12.45 28.92 35.83
N LEU B 279 12.23 29.16 37.12
CA LEU B 279 11.03 29.86 37.56
C LEU B 279 11.10 31.36 37.28
N SER B 280 12.31 31.93 37.21
CA SER B 280 12.50 33.37 37.02
C SER B 280 13.48 33.63 35.89
N SER B 281 13.29 32.95 34.76
CA SER B 281 14.16 33.14 33.61
C SER B 281 13.57 34.16 32.64
N SER B 284 11.07 31.78 28.25
CA SER B 284 9.91 31.70 29.11
C SER B 284 8.95 32.85 28.82
N VAL B 285 9.43 33.84 28.10
CA VAL B 285 8.63 35.00 27.71
C VAL B 285 8.15 34.80 26.28
N GLY B 286 6.84 34.85 26.08
CA GLY B 286 6.28 34.57 24.78
C GLY B 286 6.46 35.73 23.82
N LEU B 287 6.48 35.39 22.52
CA LEU B 287 6.43 36.39 21.46
C LEU B 287 5.01 36.47 20.92
N LEU B 288 4.43 37.66 20.97
CA LEU B 288 3.03 37.82 20.63
C LEU B 288 2.85 37.76 19.11
N PHE B 289 1.78 37.10 18.68
CA PHE B 289 1.47 37.05 17.26
C PHE B 289 0.81 38.35 16.80
N SER B 290 0.82 38.56 15.50
CA SER B 290 0.12 39.69 14.88
C SER B 290 -0.89 39.14 13.88
N GLY B 291 -1.79 40.01 13.43
CA GLY B 291 -2.81 39.65 12.50
C GLY B 291 -4.14 39.28 13.14
N CYS B 292 -4.10 38.62 14.30
CA CYS B 292 -5.33 38.28 15.01
C CYS B 292 -4.99 38.13 16.49
N THR B 293 -5.77 38.80 17.35
CA THR B 293 -5.57 38.70 18.78
C THR B 293 -6.19 37.44 19.38
N GLY B 294 -7.06 36.76 18.66
CA GLY B 294 -7.61 35.50 19.12
C GLY B 294 -6.63 34.34 19.13
N ILE B 295 -5.48 34.52 18.47
CA ILE B 295 -4.43 33.51 18.54
C ILE B 295 -3.67 33.64 19.85
N ASN B 296 -3.33 34.86 20.25
CA ASN B 296 -2.51 35.08 21.44
C ASN B 296 -3.24 34.77 22.74
N ASP B 297 -4.57 34.74 22.72
CA ASP B 297 -5.31 34.51 23.96
C ASP B 297 -5.25 33.07 24.42
N LYS B 298 -5.25 32.12 23.49
CA LYS B 298 -5.30 30.69 23.83
C LYS B 298 -4.03 29.95 23.45
N THR B 299 -2.94 30.66 23.20
CA THR B 299 -1.67 30.03 22.89
C THR B 299 -0.58 30.68 23.73
N LEU B 300 -0.83 31.94 24.12
CA LEU B 300 0.05 32.78 24.94
C LEU B 300 1.40 33.02 24.26
N GLY B 301 1.44 32.96 22.94
CA GLY B 301 2.62 33.37 22.20
C GLY B 301 3.49 32.24 21.69
N ALA B 302 4.80 32.44 21.73
CA ALA B 302 5.78 31.50 21.21
C ALA B 302 6.97 31.48 22.14
N ARG B 303 7.41 30.29 22.54
CA ARG B 303 8.42 30.12 23.57
C ARG B 303 9.62 29.35 23.03
N GLY B 304 10.68 29.31 23.82
CA GLY B 304 11.84 28.54 23.43
C GLY B 304 11.57 27.05 23.60
N GLY B 305 11.94 26.26 22.59
CA GLY B 305 11.62 24.85 22.60
C GLY B 305 10.15 24.60 22.38
N GLU B 306 9.63 25.07 21.25
CA GLU B 306 8.20 25.08 21.00
C GLU B 306 8.01 25.07 19.50
N VAL B 307 7.80 23.90 18.91
CA VAL B 307 7.69 23.76 17.47
C VAL B 307 6.28 24.12 17.06
N ILE B 308 6.16 25.11 16.19
CA ILE B 308 4.87 25.67 15.79
C ILE B 308 4.65 25.35 14.32
N MET B 309 3.57 24.64 14.04
CA MET B 309 3.27 24.19 12.69
C MET B 309 2.21 25.09 12.09
N VAL B 310 2.42 25.49 10.84
CA VAL B 310 1.48 26.34 10.10
C VAL B 310 1.13 25.63 8.80
N THR B 311 -0.16 25.50 8.51
CA THR B 311 -0.56 24.81 7.28
C THR B 311 -1.80 25.44 6.68
N SER B 312 -1.99 25.19 5.39
CA SER B 312 -3.17 25.60 4.64
C SER B 312 -3.24 24.75 3.39
N GLY B 313 -4.12 25.13 2.47
CA GLY B 313 -4.14 24.53 1.15
C GLY B 313 -2.99 25.04 0.29
N SER B 314 -3.03 24.62 -0.97
CA SER B 314 -1.98 24.97 -1.92
C SER B 314 -2.17 26.41 -2.37
N GLY B 315 -1.27 27.30 -1.94
CA GLY B 315 -1.35 28.69 -2.31
C GLY B 315 -2.38 29.51 -1.57
N MET B 316 -2.68 29.18 -0.32
CA MET B 316 -3.75 29.83 0.41
C MET B 316 -3.26 30.87 1.41
N GLY B 317 -1.95 31.13 1.48
CA GLY B 317 -1.50 32.23 2.32
C GLY B 317 -0.61 31.88 3.49
N LYS B 318 0.22 30.84 3.36
CA LYS B 318 1.12 30.49 4.46
C LYS B 318 2.32 31.42 4.53
N SER B 319 3.00 31.61 3.39
CA SER B 319 4.26 32.35 3.39
C SER B 319 4.05 33.82 3.67
N THR B 320 2.91 34.38 3.25
CA THR B 320 2.59 35.77 3.58
C THR B 320 2.41 35.96 5.08
N PHE B 321 1.65 35.06 5.71
CA PHE B 321 1.41 35.12 7.15
C PHE B 321 2.70 34.96 7.94
N VAL B 322 3.51 33.98 7.57
CA VAL B 322 4.74 33.73 8.32
C VAL B 322 5.78 34.82 8.05
N ARG B 323 5.77 35.42 6.86
CA ARG B 323 6.67 36.52 6.58
C ARG B 323 6.27 37.78 7.34
N GLN B 324 4.95 38.00 7.50
CA GLN B 324 4.48 39.11 8.33
C GLN B 324 4.84 38.90 9.79
N GLN B 325 4.75 37.65 10.25
CA GLN B 325 5.12 37.29 11.64
C GLN B 325 6.62 37.55 11.84
N ALA B 326 7.41 37.24 10.81
CA ALA B 326 8.86 37.45 10.86
C ALA B 326 9.20 38.93 10.85
N LEU B 327 8.39 39.73 10.15
CA LEU B 327 8.58 41.17 10.17
C LEU B 327 8.25 41.76 11.54
N GLN B 328 7.12 41.34 12.12
CA GLN B 328 6.68 41.86 13.41
C GLN B 328 7.60 41.42 14.54
N TRP B 329 8.20 40.23 14.44
CA TRP B 329 9.11 39.78 15.47
C TRP B 329 10.54 40.29 15.26
N GLY B 330 10.77 41.04 14.20
CA GLY B 330 12.11 41.47 13.87
C GLY B 330 12.36 42.94 14.08
N THR B 331 11.37 43.79 13.81
CA THR B 331 11.57 45.23 13.87
C THR B 331 10.82 45.90 15.01
N ALA B 332 9.85 45.24 15.62
CA ALA B 332 9.06 45.84 16.68
C ALA B 332 9.36 45.30 18.06
N MET B 333 10.04 44.16 18.16
CA MET B 333 10.38 43.58 19.45
C MET B 333 11.85 43.28 19.61
N GLY B 334 12.69 43.65 18.65
CA GLY B 334 14.12 43.51 18.76
C GLY B 334 14.65 42.09 18.70
N LYS B 335 13.81 41.11 18.43
CA LYS B 335 14.26 39.72 18.41
C LYS B 335 14.97 39.41 17.11
N LYS B 336 16.19 38.88 17.22
CA LYS B 336 16.96 38.49 16.06
C LYS B 336 16.30 37.26 15.46
N VAL B 337 16.11 37.26 14.14
CA VAL B 337 15.31 36.25 13.46
C VAL B 337 16.13 35.70 12.31
N GLY B 338 16.22 34.37 12.21
CA GLY B 338 16.82 33.72 11.07
C GLY B 338 15.81 32.94 10.24
N LEU B 339 15.86 33.12 8.93
CA LEU B 339 14.92 32.49 8.02
C LEU B 339 15.61 31.42 7.18
N ALA B 340 14.81 30.45 6.73
CA ALA B 340 15.27 29.36 5.89
C ALA B 340 14.26 29.14 4.76
N MET B 341 13.90 30.23 4.09
CA MET B 341 12.91 30.19 3.00
C MET B 341 13.43 29.36 1.84
N LEU B 342 12.69 28.32 1.49
CA LEU B 342 13.07 27.41 0.42
C LEU B 342 12.19 27.55 -0.81
N GLN B 343 11.04 28.22 -0.70
CA GLN B 343 10.19 28.45 -1.86
C GLN B 343 10.84 29.40 -2.85
N GLU B 344 11.37 30.51 -2.35
CA GLU B 344 11.72 31.66 -3.17
C GLU B 344 13.22 31.91 -3.15
N SER B 345 13.62 33.01 -3.78
CA SER B 345 15.00 33.44 -3.80
C SER B 345 15.30 34.26 -2.55
N VAL B 346 16.54 34.70 -2.40
CA VAL B 346 16.92 35.50 -1.24
C VAL B 346 16.56 36.97 -1.47
N GLU B 347 16.86 37.50 -2.65
CA GLU B 347 16.55 38.88 -2.96
C GLU B 347 15.05 39.10 -3.08
N GLU B 348 14.31 38.07 -3.48
CA GLU B 348 12.85 38.19 -3.60
C GLU B 348 12.21 38.35 -2.24
N THR B 349 12.60 37.54 -1.26
CA THR B 349 12.03 37.68 0.08
C THR B 349 12.56 38.92 0.79
N ALA B 350 13.78 39.37 0.46
CA ALA B 350 14.28 40.61 1.04
C ALA B 350 13.48 41.81 0.55
N GLU B 351 13.24 41.90 -0.77
CA GLU B 351 12.43 42.98 -1.31
C GLU B 351 10.98 42.87 -0.87
N ASP B 352 10.50 41.65 -0.63
CA ASP B 352 9.15 41.48 -0.11
C ASP B 352 9.05 42.02 1.32
N LEU B 353 10.09 41.79 2.13
CA LEU B 353 10.12 42.35 3.49
C LEU B 353 10.19 43.88 3.46
N ILE B 354 10.98 44.45 2.54
CA ILE B 354 11.07 45.91 2.44
C ILE B 354 9.74 46.50 2.02
N GLY B 355 9.10 45.92 0.99
CA GLY B 355 7.83 46.44 0.54
C GLY B 355 6.70 46.27 1.55
N LEU B 356 6.74 45.20 2.34
CA LEU B 356 5.70 45.01 3.34
C LEU B 356 5.95 45.89 4.56
N HIS B 357 7.22 46.21 4.86
CA HIS B 357 7.50 47.13 5.96
C HIS B 357 7.16 48.57 5.58
N ASN B 358 7.36 48.96 4.32
CA ASN B 358 7.01 50.30 3.90
C ASN B 358 5.56 50.41 3.43
N ARG B 359 4.76 49.35 3.62
CA ARG B 359 3.30 49.33 3.40
C ARG B 359 2.94 49.62 1.95
N VAL B 360 3.72 49.08 1.02
CA VAL B 360 3.45 49.16 -0.40
C VAL B 360 3.47 47.74 -0.98
N ARG B 361 3.28 47.66 -2.29
CA ARG B 361 3.33 46.39 -3.02
C ARG B 361 4.50 46.49 -3.99
N LEU B 362 5.67 46.03 -3.55
CA LEU B 362 6.92 46.38 -4.25
C LEU B 362 7.11 45.53 -5.50
N ARG B 363 7.24 44.22 -5.35
CA ARG B 363 7.66 43.36 -6.45
C ARG B 363 6.60 43.21 -7.53
N GLN B 364 5.34 43.50 -7.20
CA GLN B 364 4.24 43.39 -8.15
C GLN B 364 3.96 44.69 -8.89
N SER B 365 4.96 45.57 -9.02
CA SER B 365 4.82 46.81 -9.76
C SER B 365 6.19 47.25 -10.23
N ASP B 366 6.43 47.22 -11.54
CA ASP B 366 7.70 47.71 -12.08
C ASP B 366 7.80 49.22 -12.01
N SER B 367 6.65 49.91 -11.97
CA SER B 367 6.62 51.37 -11.97
C SER B 367 7.19 51.93 -10.67
N LEU B 368 6.75 51.39 -9.54
CA LEU B 368 7.28 51.86 -8.26
C LEU B 368 8.72 51.42 -8.04
N LYS B 369 9.10 50.25 -8.58
CA LYS B 369 10.48 49.81 -8.46
C LYS B 369 11.42 50.68 -9.29
N ARG B 370 10.94 51.20 -10.42
CA ARG B 370 11.75 52.15 -11.18
C ARG B 370 11.68 53.55 -10.58
N GLU B 371 10.57 53.86 -9.88
CA GLU B 371 10.40 55.17 -9.28
C GLU B 371 11.30 55.36 -8.06
N ILE B 372 11.40 54.34 -7.21
CA ILE B 372 12.19 54.47 -5.99
C ILE B 372 13.69 54.31 -6.20
N ILE B 373 14.11 53.84 -7.37
CA ILE B 373 15.54 53.63 -7.61
C ILE B 373 16.21 54.89 -8.16
N GLU B 374 15.44 55.87 -8.63
CA GLU B 374 16.02 57.08 -9.19
C GLU B 374 16.06 58.25 -8.21
N ASN B 375 15.07 58.34 -7.32
CA ASN B 375 15.09 59.40 -6.32
C ASN B 375 15.83 59.00 -5.03
N GLY B 376 16.42 57.80 -5.00
CA GLY B 376 17.33 57.43 -3.93
C GLY B 376 16.69 57.14 -2.59
N LYS B 377 15.37 57.00 -2.52
CA LYS B 377 14.69 56.66 -1.28
C LYS B 377 14.75 55.17 -0.96
N PHE B 378 15.30 54.37 -1.88
CA PHE B 378 15.50 52.95 -1.63
C PHE B 378 16.51 52.71 -0.51
N ASP B 379 17.61 53.48 -0.49
CA ASP B 379 18.58 53.33 0.59
C ASP B 379 18.01 53.81 1.92
N GLN B 380 17.12 54.81 1.88
CA GLN B 380 16.44 55.25 3.08
C GLN B 380 15.49 54.18 3.61
N TRP B 381 14.79 53.48 2.72
CA TRP B 381 13.98 52.34 3.15
C TRP B 381 14.81 51.14 3.58
N PHE B 382 16.04 51.01 3.06
CA PHE B 382 16.85 49.84 3.36
C PHE B 382 17.56 49.97 4.70
N ASP B 383 18.06 51.16 5.01
CA ASP B 383 18.88 51.34 6.21
C ASP B 383 18.03 51.30 7.48
N GLU B 384 16.75 51.68 7.38
CA GLU B 384 15.92 51.66 8.57
C GLU B 384 15.55 50.25 9.01
N LEU B 385 15.55 49.28 8.09
CA LEU B 385 15.36 47.89 8.45
C LEU B 385 16.68 47.22 8.78
N PHE B 386 17.62 47.22 7.85
CA PHE B 386 18.83 46.43 7.99
C PHE B 386 19.99 47.25 8.55
N GLY B 387 19.70 48.22 9.41
CA GLY B 387 20.74 48.96 10.09
C GLY B 387 21.18 48.26 11.36
N ASN B 388 20.22 47.74 12.12
CA ASN B 388 20.52 47.05 13.37
C ASN B 388 21.00 45.62 13.15
N ASP B 389 20.89 45.10 11.93
CA ASP B 389 21.23 43.73 11.55
C ASP B 389 20.45 42.72 12.41
N THR B 390 19.13 42.74 12.25
CA THR B 390 18.26 41.84 12.99
C THR B 390 17.96 40.55 12.24
N PHE B 391 17.87 40.60 10.92
CA PHE B 391 17.51 39.43 10.13
C PHE B 391 18.75 38.70 9.65
N HIS B 392 18.64 37.38 9.53
CA HIS B 392 19.66 36.55 8.91
C HIS B 392 18.98 35.58 7.99
N LEU B 393 19.59 35.30 6.83
CA LEU B 393 18.97 34.48 5.82
C LEU B 393 19.88 33.30 5.48
N TYR B 394 19.34 32.39 4.67
CA TYR B 394 20.06 31.18 4.26
C TYR B 394 20.05 31.08 2.74
N ASP B 395 21.21 30.78 2.17
CA ASP B 395 21.37 30.70 0.73
C ASP B 395 21.32 29.23 0.31
N SER B 396 20.41 28.91 -0.60
CA SER B 396 20.21 27.54 -1.05
C SER B 396 21.29 27.14 -2.05
N THR B 402 20.30 16.62 4.53
CA THR B 402 19.37 17.22 5.46
C THR B 402 20.00 17.36 6.84
N ASP B 403 21.05 16.56 7.08
CA ASP B 403 21.84 16.66 8.30
C ASP B 403 22.87 17.78 8.25
N ARG B 404 23.27 18.21 7.06
CA ARG B 404 24.03 19.44 6.89
C ARG B 404 23.14 20.66 7.10
N LEU B 405 21.83 20.52 6.88
CA LEU B 405 20.89 21.61 7.09
C LEU B 405 20.79 21.97 8.57
N LEU B 406 20.65 20.96 9.43
CA LEU B 406 20.61 21.22 10.87
C LEU B 406 21.96 21.67 11.40
N ALA B 407 23.05 21.26 10.74
CA ALA B 407 24.37 21.76 11.10
C ALA B 407 24.50 23.24 10.82
N LYS B 408 24.00 23.69 9.67
CA LYS B 408 24.01 25.13 9.38
C LYS B 408 22.99 25.89 10.23
N LEU B 409 21.90 25.24 10.63
CA LEU B 409 20.98 25.88 11.56
C LEU B 409 21.58 26.04 12.95
N ALA B 410 22.37 25.06 13.41
CA ALA B 410 23.08 25.21 14.66
C ALA B 410 24.22 26.22 14.53
N TYR B 411 24.79 26.35 13.33
CA TYR B 411 25.74 27.43 13.06
C TYR B 411 25.07 28.79 13.13
N MET B 412 23.80 28.86 12.76
CA MET B 412 23.03 30.09 12.91
C MET B 412 22.69 30.36 14.36
N ARG B 413 22.32 29.34 15.13
CA ARG B 413 21.81 29.55 16.48
C ARG B 413 22.93 29.66 17.50
N SER B 414 23.75 28.63 17.64
CA SER B 414 24.82 28.63 18.63
C SER B 414 25.97 29.54 18.19
N GLY B 415 26.12 29.75 16.89
CA GLY B 415 27.13 30.66 16.39
C GLY B 415 26.73 32.11 16.53
N LEU B 416 25.62 32.49 15.91
CA LEU B 416 25.26 33.91 15.83
C LEU B 416 24.35 34.33 16.97
N GLY B 417 23.25 33.61 17.17
CA GLY B 417 22.34 33.91 18.26
C GLY B 417 21.02 34.55 17.90
N CYS B 418 20.36 34.10 16.84
CA CYS B 418 19.02 34.58 16.55
C CYS B 418 18.00 33.87 17.43
N ASP B 419 16.89 34.56 17.71
CA ASP B 419 15.92 34.05 18.68
C ASP B 419 14.81 33.21 18.05
N VAL B 420 14.41 33.50 16.81
CA VAL B 420 13.36 32.75 16.14
C VAL B 420 13.88 32.28 14.79
N ILE B 421 13.85 30.97 14.58
CA ILE B 421 14.23 30.36 13.31
C ILE B 421 12.97 29.88 12.61
N ILE B 422 12.81 30.30 11.37
CA ILE B 422 11.66 29.93 10.56
C ILE B 422 12.13 29.05 9.41
N LEU B 423 11.48 27.90 9.23
CA LEU B 423 11.61 27.09 8.04
C LEU B 423 10.30 27.11 7.26
N ASP B 424 10.42 27.01 5.95
CA ASP B 424 9.26 27.04 5.07
C ASP B 424 9.35 25.87 4.11
N HIS B 425 8.19 25.27 3.82
CA HIS B 425 7.98 24.30 2.76
C HIS B 425 8.86 23.06 2.96
N ILE B 426 8.52 22.31 4.02
CA ILE B 426 9.31 21.16 4.44
C ILE B 426 9.26 20.01 3.42
N SER B 427 8.33 20.05 2.47
CA SER B 427 8.18 18.98 1.50
C SER B 427 9.37 18.85 0.54
N ILE B 428 10.19 19.89 0.40
CA ILE B 428 11.44 19.75 -0.35
C ILE B 428 12.45 18.93 0.45
N VAL B 429 12.47 19.13 1.78
CA VAL B 429 13.51 18.55 2.62
C VAL B 429 13.38 17.03 2.70
N VAL B 430 12.16 16.51 2.57
CA VAL B 430 11.95 15.06 2.56
C VAL B 430 11.93 14.56 1.12
N SER B 431 12.35 15.41 0.19
CA SER B 431 12.37 15.02 -1.22
C SER B 431 13.64 15.53 -1.91
N ASP B 437 9.74 5.04 0.92
CA ASP B 437 9.16 5.12 2.24
C ASP B 437 9.43 6.47 2.88
N GLU B 438 8.55 7.43 2.62
CA GLU B 438 8.72 8.79 3.11
C GLU B 438 8.46 8.93 4.61
N ARG B 439 7.73 7.98 5.21
CA ARG B 439 7.22 8.15 6.56
C ARG B 439 8.33 8.09 7.59
N LYS B 440 9.26 7.14 7.46
CA LYS B 440 10.37 7.03 8.39
C LYS B 440 11.31 8.22 8.27
N MET B 441 11.50 8.74 7.05
CA MET B 441 12.38 9.88 6.82
C MET B 441 11.83 11.13 7.50
N ILE B 442 10.53 11.40 7.32
CA ILE B 442 9.95 12.60 7.91
C ILE B 442 9.76 12.44 9.41
N ASP B 443 9.64 11.19 9.89
CA ASP B 443 9.56 10.95 11.33
C ASP B 443 10.90 11.25 11.99
N ASN B 444 11.99 10.78 11.38
CA ASN B 444 13.34 11.08 11.86
C ASN B 444 13.62 12.58 11.79
N LEU B 445 13.15 13.24 10.73
CA LEU B 445 13.36 14.68 10.59
C LEU B 445 12.59 15.46 11.64
N MET B 446 11.36 15.06 11.94
CA MET B 446 10.56 15.75 12.94
C MET B 446 11.12 15.56 14.34
N THR B 447 11.65 14.36 14.63
CA THR B 447 12.31 14.15 15.91
C THR B 447 13.59 14.98 16.02
N LYS B 448 14.35 15.10 14.94
CA LYS B 448 15.56 15.92 14.97
C LYS B 448 15.25 17.40 15.14
N LEU B 449 14.20 17.90 14.47
CA LEU B 449 13.82 19.29 14.62
C LEU B 449 13.27 19.59 16.01
N LYS B 450 12.52 18.65 16.60
CA LYS B 450 12.06 18.82 17.97
C LYS B 450 13.23 18.81 18.95
N GLY B 451 14.22 17.96 18.72
CA GLY B 451 15.40 17.95 19.56
C GLY B 451 16.28 19.18 19.38
N PHE B 452 16.24 19.79 18.19
CA PHE B 452 16.97 21.02 17.98
C PHE B 452 16.25 22.21 18.61
N ALA B 453 14.91 22.18 18.62
CA ALA B 453 14.17 23.27 19.23
C ALA B 453 14.23 23.21 20.75
N LYS B 454 13.87 22.06 21.32
CA LYS B 454 13.89 21.91 22.77
C LYS B 454 15.34 21.79 23.25
N SER B 455 15.58 22.30 24.46
CA SER B 455 16.89 22.28 25.16
C SER B 455 17.97 23.04 24.37
N THR B 456 17.57 24.04 23.61
CA THR B 456 18.53 24.93 22.97
C THR B 456 18.22 26.39 23.22
N GLY B 457 16.94 26.78 23.26
CA GLY B 457 16.58 28.14 23.50
C GLY B 457 16.23 28.94 22.26
N VAL B 458 15.40 28.38 21.37
CA VAL B 458 15.01 29.04 20.14
C VAL B 458 13.55 28.69 19.86
N VAL B 459 12.83 29.61 19.23
CA VAL B 459 11.52 29.29 18.69
C VAL B 459 11.74 28.76 17.28
N LEU B 460 11.01 27.71 16.92
CA LEU B 460 11.21 27.05 15.62
C LEU B 460 9.86 26.93 14.93
N VAL B 461 9.73 27.58 13.78
CA VAL B 461 8.48 27.60 13.04
C VAL B 461 8.62 26.71 11.81
N VAL B 462 7.66 25.78 11.63
CA VAL B 462 7.72 24.77 10.57
C VAL B 462 6.44 24.89 9.75
N ILE B 463 6.56 24.76 8.43
CA ILE B 463 5.41 24.84 7.51
C ILE B 463 5.33 23.56 6.71
N CYS B 464 4.17 22.92 6.72
CA CYS B 464 3.91 21.71 5.94
C CYS B 464 2.57 21.85 5.22
N HIS B 465 2.29 20.91 4.32
CA HIS B 465 1.15 20.98 3.44
C HIS B 465 0.07 19.97 3.83
N LEU B 466 -0.96 19.89 2.98
CA LEU B 466 -2.07 19.00 3.19
C LEU B 466 -2.12 17.97 2.07
N LYS B 467 -2.77 16.85 2.33
CA LYS B 467 -2.93 15.80 1.34
C LYS B 467 -4.24 15.98 0.56
N ASN B 468 -4.46 15.09 -0.40
CA ASN B 468 -5.69 15.14 -1.17
C ASN B 468 -6.85 14.56 -0.35
N PRO B 469 -8.03 15.17 -0.42
CA PRO B 469 -9.18 14.60 0.29
C PRO B 469 -9.73 13.40 -0.44
N ASP B 470 -10.68 12.72 0.22
CA ASP B 470 -11.33 11.56 -0.39
C ASP B 470 -12.49 11.98 -1.27
N LYS B 471 -13.49 12.66 -0.70
CA LYS B 471 -14.71 13.01 -1.39
C LYS B 471 -15.04 14.47 -1.13
N GLY B 472 -16.18 14.90 -1.67
CA GLY B 472 -16.70 16.23 -1.37
C GLY B 472 -15.94 17.32 -2.08
N LYS B 473 -15.70 18.41 -1.38
CA LYS B 473 -15.02 19.59 -1.90
C LYS B 473 -13.55 19.58 -1.46
N ALA B 474 -12.78 20.48 -2.05
CA ALA B 474 -11.34 20.54 -1.81
C ALA B 474 -11.03 21.48 -0.65
N HIS B 475 -9.78 21.43 -0.19
CA HIS B 475 -9.34 22.30 0.90
C HIS B 475 -9.20 23.74 0.47
N GLU B 476 -8.97 23.97 -0.83
CA GLU B 476 -8.86 25.34 -1.34
C GLU B 476 -10.21 25.94 -1.70
N GLU B 477 -11.28 25.15 -1.70
CA GLU B 477 -12.62 25.65 -1.97
C GLU B 477 -13.41 25.95 -0.70
N GLY B 478 -12.81 25.78 0.47
CA GLY B 478 -13.46 26.15 1.71
C GLY B 478 -13.86 25.01 2.63
N ARG B 479 -13.30 23.83 2.45
CA ARG B 479 -13.63 22.73 3.35
C ARG B 479 -12.88 22.91 4.66
N PRO B 480 -13.51 22.67 5.80
CA PRO B 480 -12.78 22.70 7.08
C PRO B 480 -11.82 21.53 7.17
N VAL B 481 -10.56 21.85 7.44
CA VAL B 481 -9.48 20.87 7.47
C VAL B 481 -9.45 20.20 8.84
N SER B 482 -9.18 18.90 8.85
CA SER B 482 -9.02 18.14 10.08
C SER B 482 -7.53 18.09 10.46
N ILE B 483 -7.25 17.35 11.54
CA ILE B 483 -5.89 17.28 12.04
C ILE B 483 -5.05 16.26 11.29
N THR B 484 -5.65 15.17 10.79
CA THR B 484 -4.91 14.09 10.14
C THR B 484 -4.65 14.35 8.67
N ASP B 485 -4.91 15.56 8.18
CA ASP B 485 -4.70 15.89 6.78
C ASP B 485 -3.29 16.34 6.47
N LEU B 486 -2.40 16.39 7.47
CA LEU B 486 -1.02 16.80 7.25
C LEU B 486 -0.31 15.72 6.46
N ARG B 487 0.08 16.05 5.21
CA ARG B 487 0.68 15.06 4.28
C ARG B 487 2.10 14.65 4.66
N GLY B 488 2.40 13.37 4.48
CA GLY B 488 3.73 12.82 4.71
C GLY B 488 3.76 11.73 5.76
N SER B 489 3.08 11.94 6.88
CA SER B 489 2.97 10.99 7.97
C SER B 489 1.87 11.46 8.92
N GLY B 490 1.74 10.77 10.05
CA GLY B 490 0.98 11.26 11.16
C GLY B 490 1.93 11.59 12.29
N ALA B 491 3.23 11.47 12.00
CA ALA B 491 4.28 11.84 12.93
C ALA B 491 4.52 13.33 12.99
N LEU B 492 3.81 14.12 12.17
CA LEU B 492 3.94 15.57 12.25
C LEU B 492 3.02 16.15 13.31
N ARG B 493 1.89 15.50 13.58
CA ARG B 493 0.94 16.04 14.55
C ARG B 493 1.16 15.51 15.97
N GLN B 494 2.09 14.59 16.16
CA GLN B 494 2.37 14.08 17.50
C GLN B 494 3.61 14.71 18.13
N LEU B 495 4.39 15.44 17.35
CA LEU B 495 5.59 16.10 17.86
C LEU B 495 5.50 17.61 17.78
N SER B 496 4.37 18.15 17.33
CA SER B 496 4.18 19.59 17.25
C SER B 496 3.37 20.08 18.44
N ASP B 497 3.64 21.31 18.86
CA ASP B 497 2.96 21.86 20.02
C ASP B 497 1.73 22.66 19.62
N THR B 498 1.92 23.69 18.80
CA THR B 498 0.84 24.51 18.30
C THR B 498 0.66 24.21 16.82
N ILE B 499 -0.57 23.97 16.40
CA ILE B 499 -0.88 23.73 14.99
C ILE B 499 -1.91 24.76 14.56
N ILE B 500 -1.55 25.57 13.56
CA ILE B 500 -2.40 26.62 13.03
C ILE B 500 -2.77 26.26 11.61
N ALA B 501 -4.06 26.33 11.30
CA ALA B 501 -4.54 26.03 9.96
C ALA B 501 -5.30 27.22 9.41
N LEU B 502 -4.90 27.69 8.23
CA LEU B 502 -5.57 28.78 7.55
C LEU B 502 -6.43 28.21 6.42
N GLU B 503 -7.65 28.71 6.29
CA GLU B 503 -8.49 28.20 5.21
C GLU B 503 -9.42 29.28 4.69
N ARG B 504 -9.57 29.31 3.37
CA ARG B 504 -10.42 30.33 2.69
C ARG B 504 -10.96 29.73 1.38
N ASN B 505 -11.99 30.37 0.83
CA ASN B 505 -12.63 29.96 -0.40
C ASN B 505 -12.17 30.92 -1.50
N GLN B 506 -11.29 30.45 -2.38
CA GLN B 506 -10.78 31.35 -3.41
C GLN B 506 -11.76 31.53 -4.56
N GLN B 507 -12.79 30.69 -4.65
CA GLN B 507 -13.79 30.82 -5.70
C GLN B 507 -15.09 31.40 -5.19
N GLY B 508 -15.25 31.53 -3.88
CA GLY B 508 -16.48 32.03 -3.28
C GLY B 508 -16.58 33.53 -3.32
N ASP B 509 -17.53 34.04 -2.54
CA ASP B 509 -17.86 35.47 -2.58
C ASP B 509 -16.80 36.32 -1.88
N MET B 510 -16.14 35.76 -0.87
CA MET B 510 -15.15 36.49 -0.07
C MET B 510 -13.82 35.76 -0.14
N PRO B 511 -12.99 36.04 -1.15
CA PRO B 511 -11.70 35.35 -1.28
C PRO B 511 -10.57 35.95 -0.48
N ASN B 512 -10.84 36.87 0.45
CA ASN B 512 -9.81 37.47 1.28
C ASN B 512 -10.17 37.38 2.75
N LEU B 513 -11.04 36.44 3.10
CA LEU B 513 -11.44 36.20 4.49
C LEU B 513 -10.88 34.85 4.90
N VAL B 514 -9.69 34.85 5.46
CA VAL B 514 -9.09 33.61 5.94
C VAL B 514 -9.68 33.29 7.31
N LEU B 515 -9.75 32.00 7.62
CA LEU B 515 -10.16 31.53 8.92
C LEU B 515 -8.98 30.82 9.55
N VAL B 516 -8.71 31.15 10.80
CA VAL B 516 -7.61 30.57 11.56
C VAL B 516 -8.18 29.55 12.53
N ARG B 517 -7.69 28.32 12.45
CA ARG B 517 -8.17 27.22 13.26
C ARG B 517 -7.00 26.65 14.03
N ILE B 518 -7.06 26.74 15.36
CA ILE B 518 -6.07 26.10 16.22
C ILE B 518 -6.46 24.64 16.36
N LEU B 519 -5.63 23.74 15.85
CA LEU B 519 -5.96 22.33 15.85
C LEU B 519 -5.40 21.60 17.06
N LYS B 520 -4.24 22.04 17.55
CA LYS B 520 -3.57 21.39 18.66
C LYS B 520 -2.84 22.45 19.47
N CYS B 521 -2.93 22.35 20.80
CA CYS B 521 -2.22 23.24 21.68
C CYS B 521 -1.82 22.49 22.93
N ARG B 522 -0.53 22.15 23.04
CA ARG B 522 -0.03 21.43 24.20
C ARG B 522 -0.04 22.28 25.46
N PHE B 523 0.12 23.60 25.33
CA PHE B 523 0.31 24.44 26.49
C PHE B 523 -1.01 24.77 27.19
N THR B 524 -2.03 25.17 26.43
CA THR B 524 -3.32 25.50 27.01
C THR B 524 -4.39 24.43 26.78
N GLY B 525 -4.61 24.04 25.53
CA GLY B 525 -5.57 23.00 25.22
C GLY B 525 -6.83 23.44 24.54
N ASP B 526 -7.03 24.74 24.33
CA ASP B 526 -8.21 25.24 23.63
C ASP B 526 -7.98 25.13 22.14
N THR B 527 -8.90 24.45 21.46
CA THR B 527 -8.86 24.28 20.02
C THR B 527 -10.13 24.85 19.40
N GLY B 528 -10.06 25.18 18.12
CA GLY B 528 -11.22 25.67 17.41
C GLY B 528 -10.89 26.94 16.65
N ILE B 529 -11.94 27.69 16.32
CA ILE B 529 -11.78 28.89 15.50
C ILE B 529 -11.23 30.01 16.36
N ALA B 530 -10.06 30.53 15.99
CA ALA B 530 -9.51 31.68 16.69
C ALA B 530 -10.22 32.96 16.27
N GLY B 531 -10.24 33.24 14.97
CA GLY B 531 -10.89 34.44 14.48
C GLY B 531 -10.83 34.51 12.98
N TYR B 532 -10.85 35.75 12.48
CA TYR B 532 -10.79 36.02 11.05
C TYR B 532 -9.76 37.12 10.79
N MET B 533 -9.11 37.04 9.63
CA MET B 533 -8.19 38.07 9.20
C MET B 533 -8.54 38.46 7.77
N GLU B 534 -8.33 39.73 7.43
CA GLU B 534 -8.64 40.25 6.11
C GLU B 534 -7.36 40.72 5.44
N TYR B 535 -7.07 40.16 4.27
CA TYR B 535 -5.86 40.49 3.53
C TYR B 535 -6.09 41.77 2.75
N ASN B 536 -5.04 42.61 2.70
CA ASN B 536 -5.09 43.91 2.00
C ASN B 536 -4.63 43.73 0.55
N LYS B 537 -5.49 44.10 -0.40
CA LYS B 537 -5.17 43.98 -1.82
C LYS B 537 -4.19 45.04 -2.30
N GLU B 538 -3.88 46.04 -1.48
CA GLU B 538 -2.97 47.10 -1.87
C GLU B 538 -1.66 47.08 -1.10
N THR B 539 -1.69 46.93 0.23
CA THR B 539 -0.48 46.97 1.03
C THR B 539 0.00 45.60 1.48
N GLY B 540 -0.80 44.55 1.33
CA GLY B 540 -0.38 43.22 1.68
C GLY B 540 -0.39 42.91 3.16
N TRP B 541 -0.96 43.79 3.98
CA TRP B 541 -1.06 43.59 5.42
C TRP B 541 -2.41 42.96 5.74
N LEU B 542 -2.41 41.66 6.00
CA LEU B 542 -3.61 41.01 6.52
C LEU B 542 -3.78 41.43 7.97
N GLU B 543 -4.93 42.01 8.27
CA GLU B 543 -5.25 42.73 9.49
C GLU B 543 -6.48 42.11 10.16
N PRO B 544 -6.63 42.27 11.49
CA PRO B 544 -7.77 41.64 12.16
C PRO B 544 -9.11 42.27 11.81
N SER B 545 -9.94 41.51 11.11
CA SER B 545 -11.28 41.95 10.76
C SER B 545 -12.23 41.68 11.92
N SER B 546 -13.50 42.04 11.71
CA SER B 546 -14.52 41.90 12.75
C SER B 546 -15.73 41.14 12.24
N TYR B 547 -15.53 40.19 11.32
CA TYR B 547 -16.62 39.37 10.84
C TYR B 547 -17.03 38.35 11.88
N SER B 548 -18.34 38.25 12.11
CA SER B 548 -18.91 37.26 13.01
C SER B 548 -19.88 36.40 12.20
N GLY B 549 -19.74 35.08 12.32
CA GLY B 549 -20.58 34.15 11.59
C GLY B 549 -22.02 34.13 12.07
N ASP C 263 18.62 -28.13 33.67
CA ASP C 263 17.23 -28.52 33.43
C ASP C 263 16.29 -27.78 34.36
N GLY C 264 15.22 -27.22 33.79
CA GLY C 264 14.23 -26.51 34.58
C GLY C 264 12.84 -27.06 34.39
N VAL C 265 12.76 -28.37 34.18
CA VAL C 265 11.47 -29.05 33.98
C VAL C 265 10.99 -29.46 35.37
N VAL C 266 10.37 -28.51 36.06
CA VAL C 266 9.92 -28.72 37.43
C VAL C 266 8.59 -29.45 37.41
N SER C 267 8.49 -30.54 38.17
CA SER C 267 7.25 -31.29 38.25
C SER C 267 6.22 -30.53 39.08
N ALA C 268 4.95 -30.84 38.86
CA ALA C 268 3.87 -30.13 39.53
C ALA C 268 3.64 -30.59 40.95
N LEU C 269 4.17 -31.76 41.34
CA LEU C 269 4.04 -32.21 42.72
C LEU C 269 5.02 -31.51 43.65
N SER C 270 6.28 -31.37 43.23
CA SER C 270 7.30 -30.74 44.06
C SER C 270 7.32 -29.23 43.88
N LEU C 271 6.16 -28.59 44.06
CA LEU C 271 6.07 -27.15 43.90
C LEU C 271 5.06 -26.56 44.89
N ARG C 272 4.87 -27.20 46.03
CA ARG C 272 3.83 -26.75 46.97
C ARG C 272 4.25 -25.48 47.70
N GLU C 273 5.42 -25.53 48.34
CA GLU C 273 5.95 -24.41 49.16
C GLU C 273 5.90 -23.07 48.41
N ARG C 274 6.32 -23.06 47.14
CA ARG C 274 6.33 -21.84 46.34
C ARG C 274 4.91 -21.28 46.27
N ILE C 275 3.93 -22.16 46.03
CA ILE C 275 2.55 -21.72 45.99
C ILE C 275 2.10 -21.32 47.39
N ARG C 276 2.68 -21.95 48.43
CA ARG C 276 2.43 -21.54 49.81
C ARG C 276 2.93 -20.13 50.07
N GLU C 277 4.02 -19.74 49.41
CA GLU C 277 4.43 -18.35 49.56
C GLU C 277 3.96 -17.49 48.39
N HIS C 278 2.97 -17.95 47.62
CA HIS C 278 2.52 -17.14 46.51
C HIS C 278 1.13 -16.55 46.73
N LEU C 279 0.15 -17.39 47.08
CA LEU C 279 -1.23 -16.93 47.20
C LEU C 279 -1.55 -16.29 48.54
N SER C 280 -0.57 -16.12 49.42
CA SER C 280 -0.76 -15.33 50.63
C SER C 280 -0.12 -13.96 50.54
N SER C 281 1.05 -13.87 49.92
CA SER C 281 1.72 -12.59 49.72
C SER C 281 1.53 -12.10 48.28
N VAL C 285 -0.65 -7.37 45.07
CA VAL C 285 -1.91 -7.18 44.35
C VAL C 285 -2.57 -5.92 44.90
N GLY C 286 -3.28 -5.20 44.04
CA GLY C 286 -3.98 -3.99 44.44
C GLY C 286 -3.56 -2.77 43.66
N LEU C 287 -3.17 -1.70 44.38
CA LEU C 287 -2.60 -0.47 43.82
C LEU C 287 -3.58 0.21 42.86
N LEU C 288 -4.68 0.69 43.44
CA LEU C 288 -5.80 1.21 42.67
C LEU C 288 -5.49 2.52 41.98
N PHE C 289 -6.20 2.76 40.88
CA PHE C 289 -6.12 3.99 40.11
C PHE C 289 -6.81 5.14 40.83
N SER C 290 -7.01 6.26 40.13
CA SER C 290 -7.72 7.40 40.67
C SER C 290 -8.36 8.16 39.52
N GLY C 291 -9.22 9.12 39.86
CA GLY C 291 -9.95 9.89 38.88
C GLY C 291 -11.23 9.22 38.40
N CYS C 292 -11.25 7.89 38.30
CA CYS C 292 -12.44 7.15 37.93
C CYS C 292 -12.53 5.89 38.78
N THR C 293 -13.76 5.41 38.95
CA THR C 293 -14.04 4.23 39.74
C THR C 293 -14.11 2.98 38.88
N GLY C 294 -14.58 3.11 37.64
CA GLY C 294 -14.77 1.95 36.79
C GLY C 294 -13.47 1.32 36.31
N ILE C 295 -12.37 2.07 36.36
CA ILE C 295 -11.07 1.50 36.00
C ILE C 295 -10.63 0.50 37.06
N ASN C 296 -10.87 0.82 38.33
CA ASN C 296 -10.52 -0.10 39.40
C ASN C 296 -11.53 -1.23 39.53
N ASP C 297 -12.72 -1.08 38.97
CA ASP C 297 -13.69 -2.17 38.98
C ASP C 297 -13.31 -3.28 38.00
N LYS C 298 -12.91 -2.90 36.78
CA LYS C 298 -12.67 -3.88 35.73
C LYS C 298 -11.24 -4.39 35.75
N THR C 299 -10.26 -3.50 35.70
CA THR C 299 -8.87 -3.94 35.66
C THR C 299 -8.32 -4.33 37.02
N LEU C 300 -8.99 -3.91 38.10
CA LEU C 300 -8.60 -4.19 39.49
C LEU C 300 -7.18 -3.72 39.79
N GLY C 301 -6.89 -2.49 39.41
CA GLY C 301 -5.61 -1.88 39.73
C GLY C 301 -4.46 -2.41 38.91
N ALA C 302 -3.27 -1.97 39.29
CA ALA C 302 -2.02 -2.33 38.63
C ALA C 302 -1.22 -3.25 39.54
N ARG C 303 -0.54 -4.23 38.96
CA ARG C 303 0.09 -5.28 39.73
C ARG C 303 1.58 -5.33 39.41
N GLY C 304 2.35 -5.91 40.33
CA GLY C 304 3.78 -6.01 40.14
C GLY C 304 4.13 -7.01 39.06
N GLY C 305 4.58 -6.50 37.92
CA GLY C 305 4.90 -7.34 36.79
C GLY C 305 3.98 -7.22 35.60
N GLU C 306 3.07 -6.25 35.60
CA GLU C 306 2.18 -6.03 34.47
C GLU C 306 2.70 -4.90 33.59
N VAL C 307 2.08 -4.77 32.43
CA VAL C 307 2.30 -3.66 31.52
C VAL C 307 0.96 -3.04 31.20
N ILE C 308 0.79 -1.78 31.60
CA ILE C 308 -0.45 -1.04 31.38
C ILE C 308 -0.14 0.03 30.35
N MET C 309 -0.91 0.07 29.28
CA MET C 309 -0.70 0.95 28.16
C MET C 309 -1.86 1.92 28.07
N VAL C 310 -1.56 3.21 27.91
CA VAL C 310 -2.57 4.26 27.88
C VAL C 310 -2.44 4.98 26.54
N THR C 311 -3.53 5.02 25.78
CA THR C 311 -3.51 5.52 24.42
C THR C 311 -4.50 6.65 24.22
N SER C 312 -4.18 7.52 23.27
CA SER C 312 -5.04 8.63 22.85
C SER C 312 -4.56 9.12 21.49
N GLY C 313 -5.13 10.23 21.04
CA GLY C 313 -4.74 10.84 19.78
C GLY C 313 -3.57 11.78 19.92
N SER C 314 -3.78 13.02 19.50
CA SER C 314 -2.78 14.08 19.65
C SER C 314 -3.41 15.25 20.40
N GLY C 315 -2.79 15.63 21.51
CA GLY C 315 -3.37 16.66 22.37
C GLY C 315 -4.65 16.21 23.03
N MET C 316 -4.79 14.91 23.28
CA MET C 316 -6.00 14.34 23.82
C MET C 316 -5.91 14.02 25.30
N GLY C 317 -4.75 14.27 25.92
CA GLY C 317 -4.59 14.06 27.33
C GLY C 317 -4.17 12.65 27.69
N LYS C 318 -3.12 12.14 27.07
CA LYS C 318 -2.57 10.85 27.44
C LYS C 318 -1.39 10.97 28.39
N SER C 319 -0.93 12.18 28.67
CA SER C 319 0.05 12.41 29.72
C SER C 319 -0.55 13.03 30.97
N THR C 320 -1.67 13.74 30.82
CA THR C 320 -2.32 14.37 31.97
C THR C 320 -2.90 13.33 32.92
N PHE C 321 -3.57 12.33 32.36
CA PHE C 321 -4.11 11.24 33.17
C PHE C 321 -2.99 10.43 33.83
N VAL C 322 -1.88 10.27 33.12
CA VAL C 322 -0.76 9.52 33.67
C VAL C 322 -0.10 10.28 34.83
N ARG C 323 0.10 11.59 34.70
CA ARG C 323 0.66 12.34 35.81
C ARG C 323 -0.32 12.49 36.96
N GLN C 324 -1.63 12.52 36.66
CA GLN C 324 -2.63 12.55 37.72
C GLN C 324 -2.69 11.23 38.47
N GLN C 325 -2.21 10.17 37.83
CA GLN C 325 -2.15 8.82 38.47
C GLN C 325 -0.82 8.70 39.23
N ALA C 326 0.23 9.38 38.74
CA ALA C 326 1.55 9.36 39.36
C ALA C 326 1.59 10.20 40.63
N LEU C 327 0.78 11.25 40.71
CA LEU C 327 0.73 12.03 41.93
C LEU C 327 0.00 11.27 43.05
N GLN C 328 -1.07 10.56 42.69
CA GLN C 328 -1.80 9.77 43.68
C GLN C 328 -1.00 8.55 44.13
N TRP C 329 -0.09 8.06 43.30
CA TRP C 329 0.65 6.85 43.66
C TRP C 329 2.02 7.15 44.25
N GLY C 330 2.36 8.41 44.47
CA GLY C 330 3.64 8.75 45.07
C GLY C 330 3.51 9.45 46.40
N THR C 331 2.32 9.97 46.68
CA THR C 331 2.06 10.72 47.91
C THR C 331 1.01 10.05 48.77
N ALA C 332 -0.13 9.70 48.19
CA ALA C 332 -1.24 9.11 48.95
C ALA C 332 -0.99 7.66 49.35
N MET C 333 0.07 7.02 48.86
CA MET C 333 0.39 5.65 49.22
C MET C 333 1.86 5.41 49.57
N GLY C 334 2.72 6.43 49.46
CA GLY C 334 4.09 6.28 49.90
C GLY C 334 4.98 5.42 49.04
N LYS C 335 4.54 5.06 47.84
CA LYS C 335 5.37 4.27 46.93
C LYS C 335 6.45 5.17 46.32
N LYS C 336 7.60 4.58 46.02
CA LYS C 336 8.58 5.31 45.22
C LYS C 336 8.24 5.19 43.74
N VAL C 337 8.24 6.32 43.05
CA VAL C 337 7.76 6.41 41.67
C VAL C 337 8.87 6.97 40.80
N GLY C 338 9.11 6.32 39.66
CA GLY C 338 10.06 6.81 38.68
C GLY C 338 9.41 7.26 37.38
N LEU C 339 9.91 8.36 36.81
CA LEU C 339 9.29 8.99 35.65
C LEU C 339 10.32 9.12 34.53
N ALA C 340 10.26 8.20 33.56
CA ALA C 340 10.99 8.36 32.31
C ALA C 340 10.13 9.19 31.37
N MET C 341 10.17 10.50 31.59
CA MET C 341 9.49 11.47 30.75
C MET C 341 10.46 11.91 29.65
N LEU C 342 10.09 11.69 28.39
CA LEU C 342 10.96 12.02 27.27
C LEU C 342 10.39 13.11 26.37
N GLN C 343 9.09 13.36 26.41
CA GLN C 343 8.54 14.59 25.80
C GLN C 343 9.10 15.81 26.50
N GLU C 344 8.82 15.94 27.79
CA GLU C 344 9.10 17.12 28.57
C GLU C 344 10.40 16.96 29.34
N SER C 345 11.11 18.07 29.51
CA SER C 345 12.31 18.06 30.33
C SER C 345 11.92 18.02 31.80
N VAL C 346 12.94 17.83 32.65
CA VAL C 346 12.72 17.67 34.08
C VAL C 346 12.28 18.94 34.78
N GLU C 347 12.34 20.09 34.11
CA GLU C 347 12.00 21.35 34.73
C GLU C 347 10.52 21.65 34.67
N GLU C 348 9.80 21.05 33.71
CA GLU C 348 8.37 21.32 33.51
C GLU C 348 7.49 20.28 34.18
N THR C 349 7.84 19.01 34.10
CA THR C 349 7.03 17.96 34.71
C THR C 349 7.23 17.90 36.21
N ALA C 350 8.28 18.52 36.74
CA ALA C 350 8.42 18.71 38.17
C ALA C 350 7.78 20.01 38.65
N GLU C 351 7.45 20.91 37.72
CA GLU C 351 6.78 22.14 38.07
C GLU C 351 5.26 22.04 37.96
N ASP C 352 4.80 21.11 37.13
CA ASP C 352 3.33 20.89 36.95
C ASP C 352 2.76 20.17 38.17
N LEU C 353 3.57 19.29 38.79
CA LEU C 353 3.14 18.52 39.96
C LEU C 353 2.94 19.39 41.20
N ILE C 354 3.76 20.43 41.37
CA ILE C 354 3.62 21.33 42.50
C ILE C 354 2.28 22.05 42.46
N GLY C 355 1.96 22.64 41.30
CA GLY C 355 0.69 23.31 41.15
C GLY C 355 -0.49 22.37 41.12
N LEU C 356 -0.27 21.11 40.72
CA LEU C 356 -1.36 20.14 40.72
C LEU C 356 -1.71 19.71 42.14
N HIS C 357 -0.71 19.46 42.96
CA HIS C 357 -0.97 19.14 44.36
C HIS C 357 -1.51 20.36 45.10
N ASN C 358 -1.08 21.55 44.72
CA ASN C 358 -1.63 22.79 45.25
C ASN C 358 -2.84 23.28 44.47
N ARG C 359 -3.33 22.47 43.51
CA ARG C 359 -4.62 22.66 42.82
C ARG C 359 -4.68 23.96 42.02
N VAL C 360 -3.59 24.33 41.35
CA VAL C 360 -3.58 25.46 40.42
C VAL C 360 -2.92 25.01 39.12
N ARG C 361 -2.80 25.97 38.19
CA ARG C 361 -2.10 25.77 36.89
C ARG C 361 -0.87 26.69 36.96
N LEU C 362 0.25 26.18 37.48
CA LEU C 362 1.40 27.03 37.73
C LEU C 362 2.13 27.39 36.43
N ARG C 363 2.21 26.44 35.49
CA ARG C 363 2.92 26.70 34.25
C ARG C 363 2.16 27.65 33.34
N GLN C 364 0.83 27.61 33.37
CA GLN C 364 0.01 28.42 32.48
C GLN C 364 -0.39 29.75 33.10
N SER C 365 0.40 30.28 34.03
CA SER C 365 0.07 31.55 34.68
C SER C 365 1.36 32.21 35.11
N ASP C 366 1.55 33.48 34.71
CA ASP C 366 2.77 34.20 35.05
C ASP C 366 2.67 34.89 36.41
N SER C 367 1.46 35.19 36.88
CA SER C 367 1.31 35.93 38.13
C SER C 367 1.62 35.05 39.33
N LEU C 368 1.11 33.82 39.35
CA LEU C 368 1.31 32.94 40.50
C LEU C 368 2.75 32.50 40.63
N LYS C 369 3.47 32.41 39.51
CA LYS C 369 4.89 32.10 39.54
C LYS C 369 5.68 33.17 40.28
N ARG C 370 5.43 34.45 39.97
CA ARG C 370 6.16 35.50 40.66
C ARG C 370 5.64 35.71 42.09
N GLU C 371 4.38 35.35 42.35
CA GLU C 371 3.87 35.42 43.71
C GLU C 371 4.56 34.39 44.61
N ILE C 372 4.75 33.17 44.11
CA ILE C 372 5.48 32.19 44.93
C ILE C 372 6.99 32.42 44.85
N ILE C 373 7.48 33.23 43.91
CA ILE C 373 8.85 33.72 44.02
C ILE C 373 8.99 34.68 45.20
N GLU C 374 8.07 35.65 45.32
CA GLU C 374 8.28 36.76 46.25
C GLU C 374 8.14 36.35 47.71
N ASN C 375 6.97 35.85 48.10
CA ASN C 375 6.70 35.71 49.53
C ASN C 375 7.41 34.52 50.17
N GLY C 376 8.00 33.64 49.39
CA GLY C 376 8.69 32.48 49.94
C GLY C 376 7.85 31.24 50.11
N LYS C 377 6.69 31.16 49.44
CA LYS C 377 5.83 29.97 49.52
C LYS C 377 6.36 28.84 48.66
N PHE C 378 7.36 29.13 47.81
CA PHE C 378 8.00 28.12 46.96
C PHE C 378 8.66 27.02 47.78
N ASP C 379 9.39 27.37 48.83
CA ASP C 379 10.06 26.37 49.65
C ASP C 379 9.08 25.51 50.42
N GLN C 380 7.97 26.14 50.83
CA GLN C 380 6.89 25.44 51.58
C GLN C 380 6.22 24.41 50.65
N TRP C 381 5.90 24.81 49.42
CA TRP C 381 5.27 23.90 48.47
C TRP C 381 6.24 22.85 47.95
N PHE C 382 7.54 23.16 47.90
CA PHE C 382 8.52 22.18 47.49
C PHE C 382 8.79 21.15 48.57
N ASP C 383 8.76 21.56 49.85
CA ASP C 383 9.02 20.62 50.92
C ASP C 383 7.79 19.81 51.31
N GLU C 384 6.60 20.32 51.04
CA GLU C 384 5.40 19.52 51.31
C GLU C 384 5.27 18.37 50.32
N LEU C 385 5.75 18.56 49.09
CA LEU C 385 5.64 17.53 48.06
C LEU C 385 6.89 16.66 47.99
N PHE C 386 8.06 17.28 47.76
CA PHE C 386 9.30 16.52 47.64
C PHE C 386 10.05 16.39 48.97
N GLY C 387 9.33 16.41 50.09
CA GLY C 387 9.98 16.17 51.37
C GLY C 387 10.32 14.71 51.60
N ASN C 388 9.65 13.81 50.90
CA ASN C 388 9.90 12.37 50.98
C ASN C 388 10.58 11.91 49.70
N ASP C 389 11.53 10.99 49.83
CA ASP C 389 12.27 10.47 48.68
C ASP C 389 11.37 9.51 47.90
N THR C 390 10.48 10.08 47.09
CA THR C 390 9.51 9.29 46.35
C THR C 390 9.59 9.44 44.84
N PHE C 391 9.80 10.65 44.31
CA PHE C 391 9.74 10.90 42.88
C PHE C 391 11.16 10.99 42.34
N HIS C 392 11.48 10.12 41.38
CA HIS C 392 12.79 10.11 40.73
C HIS C 392 12.58 10.28 39.23
N LEU C 393 13.13 11.35 38.67
CA LEU C 393 12.82 11.76 37.31
C LEU C 393 13.92 11.31 36.35
N TYR C 394 13.80 11.69 35.08
CA TYR C 394 14.70 11.25 34.02
C TYR C 394 14.65 12.24 32.87
N ASP C 395 15.80 12.53 32.28
CA ASP C 395 15.90 13.45 31.15
C ASP C 395 16.47 12.76 29.92
N SER C 396 16.47 13.47 28.80
CA SER C 396 17.02 12.92 27.56
C SER C 396 17.53 14.04 26.65
N GLU C 401 19.25 4.78 19.73
CA GLU C 401 19.90 4.31 20.93
C GLU C 401 18.86 3.86 21.96
N THR C 402 18.65 2.56 22.06
CA THR C 402 17.68 2.01 22.99
C THR C 402 18.33 1.15 24.08
N ASP C 403 19.65 1.13 24.16
CA ASP C 403 20.34 0.23 25.06
C ASP C 403 20.54 0.82 26.46
N ARG C 404 20.74 2.13 26.54
CA ARG C 404 21.00 2.77 27.83
C ARG C 404 19.75 3.07 28.62
N LEU C 405 18.58 3.16 27.97
CA LEU C 405 17.34 3.46 28.66
C LEU C 405 16.95 2.33 29.60
N LEU C 406 17.12 1.07 29.16
CA LEU C 406 16.77 -0.07 29.99
C LEU C 406 17.76 -0.23 31.14
N ALA C 407 19.02 0.16 30.92
CA ALA C 407 19.99 0.19 32.02
C ALA C 407 19.61 1.25 33.05
N LYS C 408 19.08 2.39 32.60
CA LYS C 408 18.61 3.40 33.54
C LYS C 408 17.37 2.94 34.30
N LEU C 409 16.50 2.16 33.65
CA LEU C 409 15.34 1.61 34.35
C LEU C 409 15.77 0.60 35.40
N ALA C 410 16.77 -0.23 35.08
CA ALA C 410 17.32 -1.15 36.06
C ALA C 410 18.03 -0.42 37.19
N TYR C 411 18.66 0.72 36.88
CA TYR C 411 19.32 1.53 37.91
C TYR C 411 18.30 2.20 38.82
N MET C 412 17.11 2.52 38.28
CA MET C 412 16.04 3.03 39.14
C MET C 412 15.45 1.93 40.01
N ARG C 413 15.26 0.74 39.46
CA ARG C 413 14.57 -0.32 40.21
C ARG C 413 15.47 -0.96 41.25
N SER C 414 16.73 -1.23 40.90
CA SER C 414 17.60 -2.02 41.77
C SER C 414 18.05 -1.23 42.99
N GLY C 415 18.76 -0.13 42.78
CA GLY C 415 19.30 0.62 43.90
C GLY C 415 18.26 1.52 44.57
N LEU C 416 17.56 2.33 43.77
CA LEU C 416 16.66 3.30 44.33
C LEU C 416 15.33 2.69 44.75
N GLY C 417 14.86 1.66 44.06
CA GLY C 417 13.68 0.94 44.49
C GLY C 417 12.36 1.60 44.17
N CYS C 418 12.09 1.84 42.90
CA CYS C 418 10.84 2.45 42.49
C CYS C 418 9.78 1.39 42.24
N ASP C 419 8.55 1.67 42.69
CA ASP C 419 7.45 0.73 42.53
C ASP C 419 6.69 0.91 41.23
N VAL C 420 6.40 2.15 40.84
CA VAL C 420 5.70 2.44 39.60
C VAL C 420 6.63 3.24 38.71
N ILE C 421 6.99 2.69 37.57
CA ILE C 421 7.86 3.37 36.61
C ILE C 421 7.03 3.66 35.36
N ILE C 422 7.08 4.92 34.92
CA ILE C 422 6.27 5.39 33.81
C ILE C 422 7.18 5.71 32.63
N LEU C 423 6.97 5.02 31.51
CA LEU C 423 7.68 5.27 30.26
C LEU C 423 6.76 6.11 29.38
N ASP C 424 7.00 7.41 29.36
CA ASP C 424 6.30 8.35 28.51
C ASP C 424 6.90 8.33 27.11
N HIS C 425 6.02 8.33 26.11
CA HIS C 425 6.36 8.62 24.71
C HIS C 425 7.37 7.63 24.15
N ILE C 426 6.91 6.38 23.99
CA ILE C 426 7.74 5.32 23.44
C ILE C 426 8.11 5.55 21.97
N SER C 427 7.42 6.47 21.29
CA SER C 427 7.64 6.67 19.86
C SER C 427 8.99 7.34 19.55
N ILE C 428 9.64 7.96 20.53
CA ILE C 428 10.90 8.65 20.27
C ILE C 428 12.07 7.66 20.15
N VAL C 429 12.05 6.56 20.90
CA VAL C 429 13.12 5.58 20.83
C VAL C 429 12.97 4.64 19.65
N VAL C 430 11.83 4.62 18.97
CA VAL C 430 11.68 3.86 17.74
C VAL C 430 11.80 4.73 16.50
N SER C 431 11.80 6.05 16.65
CA SER C 431 11.95 6.95 15.52
C SER C 431 13.33 7.56 15.42
N ALA C 432 13.93 7.99 16.53
CA ALA C 432 15.28 8.54 16.51
C ALA C 432 16.35 7.46 16.38
N SER C 433 15.99 6.21 16.60
CA SER C 433 16.88 5.09 16.39
C SER C 433 16.75 4.60 14.95
N GLY C 434 17.85 4.71 14.21
CA GLY C 434 17.81 4.41 12.78
C GLY C 434 17.85 2.93 12.49
N GLU C 435 16.72 2.37 12.08
CA GLU C 435 16.62 0.96 11.73
C GLU C 435 15.97 0.84 10.37
N SER C 436 16.45 -0.11 9.56
CA SER C 436 15.86 -0.34 8.25
C SER C 436 14.48 -0.98 8.40
N ASP C 437 14.38 -2.02 9.22
CA ASP C 437 13.10 -2.64 9.55
C ASP C 437 12.73 -2.22 10.97
N GLU C 438 11.63 -1.49 11.09
CA GLU C 438 11.26 -0.91 12.39
C GLU C 438 10.33 -1.84 13.17
N ARG C 439 9.65 -2.77 12.48
CA ARG C 439 8.70 -3.66 13.14
C ARG C 439 9.42 -4.62 14.09
N LYS C 440 10.55 -5.17 13.66
CA LYS C 440 11.33 -6.02 14.55
C LYS C 440 11.96 -5.22 15.68
N MET C 441 12.20 -3.92 15.46
CA MET C 441 12.77 -3.09 16.52
C MET C 441 11.75 -2.86 17.64
N ILE C 442 10.50 -2.57 17.26
CA ILE C 442 9.43 -2.39 18.24
C ILE C 442 9.11 -3.71 18.93
N ASP C 443 9.10 -4.81 18.16
CA ASP C 443 8.88 -6.14 18.74
C ASP C 443 9.96 -6.52 19.74
N ASN C 444 11.24 -6.27 19.41
CA ASN C 444 12.33 -6.68 20.27
C ASN C 444 12.42 -5.80 21.51
N LEU C 445 12.22 -4.49 21.35
CA LEU C 445 12.13 -3.58 22.50
C LEU C 445 10.98 -3.96 23.42
N MET C 446 9.82 -4.30 22.86
CA MET C 446 8.65 -4.61 23.67
C MET C 446 8.83 -5.93 24.41
N THR C 447 9.44 -6.93 23.76
CA THR C 447 9.61 -8.19 24.46
C THR C 447 10.71 -8.12 25.50
N LYS C 448 11.76 -7.31 25.27
CA LYS C 448 12.77 -7.13 26.30
C LYS C 448 12.24 -6.31 27.47
N LEU C 449 11.33 -5.37 27.19
CA LEU C 449 10.71 -4.58 28.25
C LEU C 449 9.76 -5.44 29.09
N LYS C 450 8.99 -6.32 28.45
CA LYS C 450 8.13 -7.23 29.19
C LYS C 450 8.95 -8.24 30.00
N GLY C 451 10.07 -8.69 29.44
CA GLY C 451 10.96 -9.56 30.21
C GLY C 451 11.56 -8.89 31.42
N PHE C 452 11.92 -7.61 31.30
CA PHE C 452 12.40 -6.84 32.44
C PHE C 452 11.31 -6.66 33.49
N ALA C 453 10.08 -6.35 33.05
CA ALA C 453 8.98 -6.13 33.96
C ALA C 453 8.57 -7.42 34.68
N LYS C 454 8.77 -8.57 34.04
CA LYS C 454 8.43 -9.82 34.71
C LYS C 454 9.59 -10.30 35.59
N SER C 455 10.83 -9.94 35.23
CA SER C 455 11.98 -10.33 36.03
C SER C 455 12.03 -9.54 37.34
N THR C 456 12.11 -8.22 37.26
CA THR C 456 12.23 -7.43 38.47
C THR C 456 10.91 -7.25 39.21
N GLY C 457 9.78 -7.47 38.53
CA GLY C 457 8.48 -7.37 39.17
C GLY C 457 8.10 -5.96 39.56
N VAL C 458 8.27 -5.02 38.64
CA VAL C 458 7.96 -3.61 38.87
C VAL C 458 6.68 -3.28 38.10
N VAL C 459 5.85 -2.40 38.69
CA VAL C 459 4.68 -1.91 37.97
C VAL C 459 5.14 -0.94 36.90
N LEU C 460 4.69 -1.14 35.68
CA LEU C 460 5.22 -0.41 34.53
C LEU C 460 4.07 0.17 33.72
N VAL C 461 4.12 1.46 33.45
CA VAL C 461 3.13 2.13 32.63
C VAL C 461 3.80 2.55 31.33
N VAL C 462 3.15 2.31 30.20
CA VAL C 462 3.69 2.58 28.88
C VAL C 462 2.76 3.55 28.17
N ILE C 463 3.33 4.57 27.51
CA ILE C 463 2.55 5.49 26.69
C ILE C 463 2.95 5.32 25.23
N CYS C 464 1.98 5.01 24.37
CA CYS C 464 2.19 4.93 22.93
C CYS C 464 1.08 5.70 22.23
N HIS C 465 1.23 5.88 20.92
CA HIS C 465 0.35 6.72 20.11
C HIS C 465 -0.57 5.86 19.25
N LEU C 466 -1.35 6.53 18.40
CA LEU C 466 -2.24 5.88 17.46
C LEU C 466 -1.87 6.31 16.04
N LYS C 467 -2.04 5.40 15.09
CA LYS C 467 -1.64 5.65 13.72
C LYS C 467 -2.73 6.40 12.97
N ASN C 468 -2.46 6.69 11.71
CA ASN C 468 -3.44 7.37 10.87
C ASN C 468 -4.55 6.39 10.47
N PRO C 469 -5.80 6.75 10.65
CA PRO C 469 -6.89 5.88 10.19
C PRO C 469 -7.03 5.94 8.67
N ASP C 470 -7.87 5.05 8.15
CA ASP C 470 -8.03 4.98 6.70
C ASP C 470 -8.92 6.12 6.17
N LYS C 471 -10.06 6.35 6.80
CA LYS C 471 -11.02 7.33 6.31
C LYS C 471 -12.01 7.66 7.43
N GLY C 472 -12.83 8.68 7.18
CA GLY C 472 -13.87 9.05 8.11
C GLY C 472 -13.43 10.07 9.13
N LYS C 473 -13.88 9.91 10.37
CA LYS C 473 -13.46 10.79 11.46
C LYS C 473 -12.02 10.49 11.86
N ALA C 474 -11.45 11.40 12.65
CA ALA C 474 -10.13 11.19 13.22
C ALA C 474 -10.26 10.83 14.70
N HIS C 475 -9.17 10.28 15.24
CA HIS C 475 -9.14 9.93 16.66
C HIS C 475 -9.15 11.16 17.55
N GLU C 476 -8.76 12.31 17.03
CA GLU C 476 -8.84 13.58 17.74
C GLU C 476 -10.21 14.23 17.61
N GLU C 477 -11.14 13.58 16.91
CA GLU C 477 -12.50 14.09 16.72
C GLU C 477 -13.52 13.14 17.32
N GLY C 478 -13.08 12.18 18.12
CA GLY C 478 -13.99 11.26 18.78
C GLY C 478 -14.27 9.98 18.03
N ARG C 479 -13.32 9.48 17.27
CA ARG C 479 -13.49 8.18 16.63
C ARG C 479 -13.41 7.08 17.68
N PRO C 480 -14.35 6.13 17.70
CA PRO C 480 -14.24 5.02 18.66
C PRO C 480 -13.08 4.10 18.28
N VAL C 481 -12.02 4.17 19.07
CA VAL C 481 -10.75 3.54 18.76
C VAL C 481 -10.88 2.03 18.93
N SER C 482 -10.24 1.27 18.04
CA SER C 482 -10.16 -0.17 18.13
C SER C 482 -8.79 -0.57 18.68
N ILE C 483 -8.63 -1.86 18.99
CA ILE C 483 -7.37 -2.35 19.53
C ILE C 483 -6.30 -2.42 18.45
N THR C 484 -6.68 -2.47 17.18
CA THR C 484 -5.75 -2.67 16.09
C THR C 484 -5.09 -1.38 15.61
N ASP C 485 -5.45 -0.24 16.19
CA ASP C 485 -4.94 1.04 15.74
C ASP C 485 -3.69 1.49 16.49
N LEU C 486 -3.03 0.60 17.21
CA LEU C 486 -1.77 0.93 17.86
C LEU C 486 -0.70 1.16 16.81
N ARG C 487 0.00 2.30 16.92
CA ARG C 487 0.90 2.73 15.87
C ARG C 487 2.25 2.06 16.00
N GLY C 488 2.70 1.44 14.91
CA GLY C 488 4.07 0.98 14.80
C GLY C 488 4.26 -0.48 14.49
N SER C 489 3.49 -1.35 15.14
CA SER C 489 3.60 -2.79 14.95
C SER C 489 2.35 -3.46 15.54
N GLY C 490 2.35 -4.79 15.54
CA GLY C 490 1.29 -5.54 16.17
C GLY C 490 1.78 -6.23 17.42
N ALA C 491 3.03 -5.96 17.78
CA ALA C 491 3.61 -6.48 19.03
C ALA C 491 3.26 -5.63 20.24
N LEU C 492 2.50 -4.54 20.05
CA LEU C 492 2.16 -3.69 21.18
C LEU C 492 0.98 -4.26 21.95
N ARG C 493 0.00 -4.84 21.25
CA ARG C 493 -1.17 -5.36 21.92
C ARG C 493 -1.00 -6.80 22.37
N GLN C 494 0.03 -7.50 21.90
CA GLN C 494 0.20 -8.91 22.21
C GLN C 494 0.99 -9.15 23.48
N LEU C 495 1.80 -8.19 23.91
CA LEU C 495 2.64 -8.35 25.09
C LEU C 495 2.36 -7.28 26.14
N SER C 496 1.16 -6.72 26.15
CA SER C 496 0.71 -5.84 27.21
C SER C 496 -0.35 -6.57 28.02
N ASP C 497 -0.50 -6.16 29.27
CA ASP C 497 -1.45 -6.81 30.17
C ASP C 497 -2.72 -6.00 30.38
N THR C 498 -2.68 -4.69 30.14
CA THR C 498 -3.88 -3.87 30.23
C THR C 498 -3.78 -2.77 29.19
N ILE C 499 -4.84 -2.55 28.42
CA ILE C 499 -4.88 -1.49 27.42
C ILE C 499 -6.06 -0.58 27.73
N ILE C 500 -5.76 0.70 27.96
CA ILE C 500 -6.72 1.71 28.36
C ILE C 500 -6.62 2.86 27.36
N ALA C 501 -7.76 3.27 26.82
CA ALA C 501 -7.80 4.31 25.81
C ALA C 501 -8.65 5.48 26.30
N LEU C 502 -8.27 6.68 25.90
CA LEU C 502 -8.96 7.90 26.31
C LEU C 502 -9.50 8.59 25.06
N GLU C 503 -10.75 9.01 25.10
CA GLU C 503 -11.44 9.50 23.92
C GLU C 503 -12.31 10.71 24.25
N ARG C 504 -11.96 11.83 23.62
CA ARG C 504 -12.71 13.11 23.75
C ARG C 504 -13.01 13.64 22.33
N ASN C 505 -13.67 14.78 22.25
CA ASN C 505 -14.01 15.39 20.96
C ASN C 505 -13.74 16.89 21.05
N GLN C 506 -12.73 17.34 20.32
CA GLN C 506 -12.37 18.74 20.29
C GLN C 506 -12.67 19.35 18.92
N MET C 510 -18.37 20.12 23.97
CA MET C 510 -17.70 19.64 25.17
C MET C 510 -16.35 19.04 24.85
N PRO C 511 -15.29 19.86 24.86
CA PRO C 511 -13.94 19.33 24.64
C PRO C 511 -13.27 18.77 25.88
N ASN C 512 -14.02 18.59 26.97
CA ASN C 512 -13.44 18.08 28.21
C ASN C 512 -14.07 16.79 28.69
N LEU C 513 -15.23 16.40 28.15
CA LEU C 513 -15.85 15.14 28.52
C LEU C 513 -15.15 14.01 27.80
N VAL C 514 -14.25 13.32 28.50
CA VAL C 514 -13.50 12.20 27.95
C VAL C 514 -14.10 10.91 28.50
N LEU C 515 -14.20 9.90 27.65
CA LEU C 515 -14.60 8.56 28.06
C LEU C 515 -13.40 7.62 27.98
N VAL C 516 -13.45 6.58 28.80
CA VAL C 516 -12.34 5.65 28.99
C VAL C 516 -12.79 4.28 28.49
N ARG C 517 -11.94 3.64 27.70
CA ARG C 517 -12.25 2.32 27.14
C ARG C 517 -11.18 1.31 27.55
N ILE C 518 -11.61 0.26 28.24
CA ILE C 518 -10.72 -0.87 28.53
C ILE C 518 -10.78 -1.79 27.34
N LEU C 519 -9.74 -1.76 26.49
CA LEU C 519 -9.76 -2.53 25.27
C LEU C 519 -9.35 -3.98 25.48
N LYS C 520 -8.42 -4.22 26.41
CA LYS C 520 -7.97 -5.61 26.63
C LYS C 520 -7.51 -5.85 28.07
N CYS C 521 -8.28 -6.63 28.82
CA CYS C 521 -7.93 -7.00 30.18
C CYS C 521 -7.49 -8.47 30.17
N ARG C 522 -6.20 -8.71 30.39
CA ARG C 522 -5.70 -10.07 30.45
C ARG C 522 -6.15 -10.79 31.72
N PHE C 523 -6.09 -10.09 32.85
CA PHE C 523 -6.33 -10.73 34.14
C PHE C 523 -7.80 -11.08 34.33
N THR C 524 -8.66 -10.08 34.36
CA THR C 524 -10.10 -10.30 34.42
C THR C 524 -10.63 -10.36 33.00
N GLY C 525 -11.95 -10.28 32.84
CA GLY C 525 -12.52 -10.32 31.51
C GLY C 525 -13.38 -9.12 31.17
N ASP C 526 -13.61 -8.24 32.15
CA ASP C 526 -14.48 -7.10 31.96
C ASP C 526 -13.78 -6.04 31.12
N THR C 527 -14.30 -5.82 29.91
CA THR C 527 -13.80 -4.82 28.97
C THR C 527 -14.93 -3.88 28.57
N GLY C 528 -14.59 -2.83 27.84
CA GLY C 528 -15.61 -1.91 27.37
C GLY C 528 -15.52 -0.50 27.92
N ILE C 529 -16.64 0.22 27.96
CA ILE C 529 -16.64 1.59 28.45
C ILE C 529 -16.56 1.59 29.97
N ALA C 530 -15.43 2.06 30.50
CA ALA C 530 -15.22 2.04 31.94
C ALA C 530 -15.98 3.17 32.62
N GLY C 531 -15.72 4.42 32.22
CA GLY C 531 -16.38 5.55 32.84
C GLY C 531 -16.28 6.84 32.06
N TYR C 532 -16.43 7.96 32.75
CA TYR C 532 -16.36 9.28 32.14
C TYR C 532 -15.65 10.22 33.09
N MET C 533 -14.80 11.09 32.55
CA MET C 533 -14.08 12.06 33.34
C MET C 533 -14.36 13.46 32.81
N GLU C 534 -14.04 14.45 33.65
CA GLU C 534 -14.08 15.84 33.27
C GLU C 534 -12.79 16.51 33.72
N TYR C 535 -12.13 17.19 32.78
CA TYR C 535 -10.91 17.91 33.08
C TYR C 535 -11.25 19.31 33.58
N ASN C 536 -10.44 19.82 34.48
CA ASN C 536 -10.64 21.13 35.08
C ASN C 536 -9.58 22.08 34.52
N LYS C 537 -10.03 23.13 33.84
CA LYS C 537 -9.11 24.15 33.36
C LYS C 537 -8.75 25.17 34.43
N GLU C 538 -9.20 24.96 35.66
CA GLU C 538 -8.84 25.83 36.78
C GLU C 538 -7.76 25.21 37.64
N THR C 539 -7.86 23.90 37.89
CA THR C 539 -6.91 23.19 38.74
C THR C 539 -6.03 22.21 37.98
N GLY C 540 -6.61 21.40 37.12
CA GLY C 540 -5.87 20.38 36.41
C GLY C 540 -6.14 18.96 36.85
N TRP C 541 -7.21 18.72 37.58
CA TRP C 541 -7.58 17.39 38.05
C TRP C 541 -8.65 16.79 37.16
N LEU C 542 -8.63 15.46 37.05
CA LEU C 542 -9.62 14.71 36.28
C LEU C 542 -10.68 14.22 37.25
N GLU C 543 -11.74 14.99 37.41
CA GLU C 543 -12.80 14.52 38.28
C GLU C 543 -13.66 13.50 37.55
N PRO C 544 -14.28 12.58 38.28
CA PRO C 544 -15.25 11.68 37.63
C PRO C 544 -16.55 12.40 37.35
N SER C 545 -17.21 11.98 36.26
CA SER C 545 -18.49 12.52 35.86
C SER C 545 -19.60 11.56 36.27
N SER C 546 -20.80 11.88 35.86
CA SER C 546 -21.96 11.05 36.17
C SER C 546 -22.79 10.70 34.95
N TYR C 547 -22.72 11.50 33.89
CA TYR C 547 -23.55 11.42 32.68
C TYR C 547 -25.05 11.42 32.99
N ASP D 263 21.25 -48.64 0.01
CA ASP D 263 19.96 -48.27 -0.54
C ASP D 263 18.82 -48.64 0.40
N GLY D 264 17.95 -47.67 0.66
CA GLY D 264 16.82 -47.89 1.55
C GLY D 264 15.50 -47.89 0.81
N VAL D 265 15.52 -48.35 -0.44
CA VAL D 265 14.29 -48.50 -1.22
C VAL D 265 13.64 -49.81 -0.83
N VAL D 266 12.31 -49.79 -0.72
CA VAL D 266 11.54 -50.95 -0.28
C VAL D 266 10.45 -51.21 -1.32
N SER D 267 10.40 -52.43 -1.83
CA SER D 267 9.37 -52.79 -2.79
C SER D 267 8.01 -52.91 -2.10
N ALA D 268 6.95 -52.96 -2.89
CA ALA D 268 5.61 -53.05 -2.35
C ALA D 268 5.26 -54.45 -1.86
N LEU D 269 6.01 -55.47 -2.28
CA LEU D 269 5.72 -56.83 -1.84
C LEU D 269 6.25 -57.09 -0.44
N SER D 270 7.44 -56.60 -0.12
CA SER D 270 8.05 -56.80 1.18
C SER D 270 7.61 -55.76 2.19
N LEU D 271 6.30 -55.57 2.32
CA LEU D 271 5.74 -54.63 3.28
C LEU D 271 4.50 -55.24 3.94
N ARG D 272 4.32 -56.56 3.82
CA ARG D 272 3.09 -57.20 4.26
C ARG D 272 2.96 -57.21 5.78
N GLU D 273 4.06 -57.47 6.48
CA GLU D 273 4.01 -57.47 7.94
C GLU D 273 3.92 -56.05 8.49
N ARG D 274 4.68 -55.12 7.90
CA ARG D 274 4.77 -53.76 8.41
C ARG D 274 3.47 -52.98 8.29
N ILE D 275 2.58 -53.40 7.38
CA ILE D 275 1.23 -52.85 7.37
C ILE D 275 0.35 -53.60 8.36
N ARG D 276 0.53 -54.92 8.46
CA ARG D 276 -0.30 -55.75 9.34
C ARG D 276 -0.09 -55.39 10.81
N GLU D 277 1.15 -55.07 11.19
CA GLU D 277 1.43 -54.59 12.53
C GLU D 277 1.08 -53.12 12.71
N HIS D 278 0.79 -52.40 11.63
CA HIS D 278 0.58 -50.96 11.73
C HIS D 278 -0.80 -50.60 12.23
N LEU D 279 -1.84 -51.26 11.73
CA LEU D 279 -3.21 -50.99 12.13
C LEU D 279 -3.64 -51.80 13.35
N SER D 280 -2.70 -52.36 14.09
CA SER D 280 -3.01 -53.06 15.33
C SER D 280 -2.85 -52.11 16.52
N VAL D 285 -9.00 -43.20 16.74
CA VAL D 285 -9.59 -41.89 16.91
C VAL D 285 -8.64 -40.96 17.65
N GLY D 286 -8.29 -41.32 18.89
CA GLY D 286 -7.32 -40.54 19.63
C GLY D 286 -7.91 -39.76 20.80
N LEU D 287 -7.31 -38.60 21.08
CA LEU D 287 -7.68 -37.83 22.27
C LEU D 287 -8.82 -36.89 21.93
N LEU D 288 -9.88 -36.92 22.73
CA LEU D 288 -11.03 -36.08 22.48
C LEU D 288 -10.93 -34.74 23.20
N PHE D 289 -11.72 -33.78 22.73
CA PHE D 289 -11.77 -32.44 23.29
C PHE D 289 -12.87 -32.23 24.32
N SER D 290 -12.78 -31.12 25.05
CA SER D 290 -13.71 -30.79 26.12
C SER D 290 -14.27 -29.39 25.90
N GLY D 291 -15.59 -29.30 25.77
CA GLY D 291 -16.23 -28.07 25.31
C GLY D 291 -16.29 -28.05 23.80
N CYS D 292 -17.31 -27.37 23.25
CA CYS D 292 -17.61 -27.25 21.81
C CYS D 292 -17.55 -28.61 21.11
N THR D 293 -18.52 -29.46 21.48
CA THR D 293 -18.55 -30.87 21.11
C THR D 293 -18.72 -31.17 19.62
N GLY D 294 -18.78 -30.15 18.78
CA GLY D 294 -18.67 -30.35 17.36
C GLY D 294 -17.26 -30.53 16.85
N ILE D 295 -16.24 -30.36 17.68
CA ILE D 295 -14.86 -30.49 17.23
C ILE D 295 -14.49 -31.95 17.00
N ASN D 296 -14.59 -32.76 18.05
CA ASN D 296 -14.32 -34.19 17.92
C ASN D 296 -15.36 -34.91 17.06
N ASP D 297 -16.51 -34.29 16.82
CA ASP D 297 -17.45 -34.75 15.81
C ASP D 297 -16.95 -34.46 14.40
N LYS D 298 -16.05 -33.50 14.24
CA LYS D 298 -15.56 -33.07 12.93
C LYS D 298 -14.15 -33.53 12.62
N THR D 299 -13.17 -33.21 13.46
CA THR D 299 -11.79 -33.61 13.22
C THR D 299 -11.42 -34.92 13.87
N LEU D 300 -12.37 -35.57 14.56
CA LEU D 300 -12.19 -36.86 15.24
C LEU D 300 -11.07 -36.81 16.27
N GLY D 301 -10.90 -35.66 16.93
CA GLY D 301 -9.93 -35.52 18.00
C GLY D 301 -8.49 -35.50 17.54
N ALA D 302 -7.57 -35.28 18.48
CA ALA D 302 -6.15 -35.27 18.17
C ALA D 302 -5.59 -36.67 18.18
N ARG D 303 -4.49 -36.86 17.48
CA ARG D 303 -3.84 -38.15 17.33
C ARG D 303 -2.37 -38.02 17.67
N GLY D 304 -1.73 -39.15 17.93
CA GLY D 304 -0.31 -39.15 18.23
C GLY D 304 0.51 -38.79 17.01
N GLY D 305 1.27 -37.70 17.13
CA GLY D 305 2.04 -37.21 16.01
C GLY D 305 1.33 -36.14 15.21
N GLU D 306 0.62 -35.24 15.88
CA GLU D 306 -0.04 -34.12 15.22
C GLU D 306 0.45 -32.81 15.82
N VAL D 307 0.63 -31.82 14.95
CA VAL D 307 0.99 -30.46 15.37
C VAL D 307 -0.23 -29.59 15.17
N ILE D 308 -0.79 -29.08 16.26
CA ILE D 308 -2.05 -28.37 16.25
C ILE D 308 -1.76 -26.88 16.47
N MET D 309 -2.49 -26.03 15.77
CA MET D 309 -2.37 -24.58 15.94
C MET D 309 -3.66 -24.04 16.54
N VAL D 310 -3.51 -23.13 17.51
CA VAL D 310 -4.64 -22.45 18.14
C VAL D 310 -4.49 -20.96 17.89
N THR D 311 -5.49 -20.36 17.23
CA THR D 311 -5.38 -18.99 16.73
C THR D 311 -6.54 -18.14 17.20
N SER D 312 -6.19 -16.95 17.71
CA SER D 312 -7.11 -15.84 17.98
C SER D 312 -6.28 -14.58 18.20
N GLY D 313 -6.95 -13.52 18.61
CA GLY D 313 -6.30 -12.28 18.95
C GLY D 313 -6.16 -12.13 20.46
N SER D 314 -5.53 -11.03 20.86
CA SER D 314 -5.28 -10.76 22.26
C SER D 314 -6.56 -10.30 22.95
N GLY D 315 -6.90 -10.93 24.06
CA GLY D 315 -8.17 -10.69 24.73
C GLY D 315 -9.27 -11.68 24.39
N MET D 316 -8.96 -12.68 23.57
CA MET D 316 -9.93 -13.70 23.19
C MET D 316 -9.89 -14.92 24.09
N GLY D 317 -8.76 -15.20 24.73
CA GLY D 317 -8.66 -16.35 25.59
C GLY D 317 -8.21 -17.62 24.91
N LYS D 318 -7.04 -17.58 24.27
CA LYS D 318 -6.40 -18.78 23.74
C LYS D 318 -5.86 -19.67 24.85
N SER D 319 -5.10 -19.07 25.78
CA SER D 319 -4.51 -19.83 26.88
C SER D 319 -5.59 -20.34 27.81
N THR D 320 -6.69 -19.60 27.96
CA THR D 320 -7.84 -20.05 28.71
C THR D 320 -8.49 -21.27 28.07
N PHE D 321 -8.52 -21.32 26.74
CA PHE D 321 -9.01 -22.51 26.06
C PHE D 321 -8.07 -23.70 26.19
N VAL D 322 -6.76 -23.49 26.04
CA VAL D 322 -5.84 -24.62 26.05
C VAL D 322 -5.56 -25.15 27.46
N ARG D 323 -5.77 -24.33 28.50
CA ARG D 323 -5.53 -24.79 29.86
C ARG D 323 -6.60 -25.77 30.30
N GLN D 324 -7.83 -25.58 29.80
CA GLN D 324 -8.90 -26.54 30.05
C GLN D 324 -8.59 -27.88 29.39
N GLN D 325 -7.99 -27.86 28.21
CA GLN D 325 -7.62 -29.12 27.56
C GLN D 325 -6.48 -29.80 28.30
N ALA D 326 -5.55 -29.01 28.84
CA ALA D 326 -4.48 -29.55 29.68
C ALA D 326 -5.03 -30.19 30.94
N LEU D 327 -6.09 -29.59 31.50
CA LEU D 327 -6.72 -30.19 32.67
C LEU D 327 -7.44 -31.48 32.32
N GLN D 328 -8.24 -31.47 31.25
CA GLN D 328 -9.07 -32.63 30.93
C GLN D 328 -8.29 -33.79 30.33
N TRP D 329 -7.10 -33.55 29.81
CA TRP D 329 -6.30 -34.67 29.32
C TRP D 329 -5.35 -35.21 30.37
N GLY D 330 -5.34 -34.65 31.57
CA GLY D 330 -4.45 -35.12 32.61
C GLY D 330 -5.16 -35.77 33.78
N THR D 331 -6.48 -35.55 33.87
CA THR D 331 -7.28 -36.12 34.95
C THR D 331 -8.16 -37.26 34.43
N ALA D 332 -8.93 -37.01 33.38
CA ALA D 332 -9.79 -38.06 32.84
C ALA D 332 -9.02 -39.06 32.00
N MET D 333 -7.97 -38.63 31.30
CA MET D 333 -7.22 -39.52 30.43
C MET D 333 -6.00 -40.12 31.10
N GLY D 334 -5.46 -39.45 32.12
CA GLY D 334 -4.33 -39.97 32.86
C GLY D 334 -3.00 -39.90 32.14
N LYS D 335 -2.93 -39.25 30.98
CA LYS D 335 -1.71 -39.19 30.20
C LYS D 335 -0.75 -38.18 30.79
N LYS D 336 0.54 -38.41 30.55
CA LYS D 336 1.56 -37.51 31.07
C LYS D 336 1.55 -36.20 30.28
N VAL D 337 1.12 -35.11 30.93
CA VAL D 337 0.89 -33.83 30.28
C VAL D 337 2.00 -32.88 30.64
N GLY D 338 2.67 -32.33 29.63
CA GLY D 338 3.72 -31.36 29.83
C GLY D 338 3.35 -29.99 29.30
N LEU D 339 3.26 -29.03 30.21
CA LEU D 339 2.96 -27.65 29.85
C LEU D 339 4.27 -26.91 29.61
N ALA D 340 4.25 -25.99 28.67
CA ALA D 340 5.41 -25.13 28.37
C ALA D 340 4.88 -23.71 28.32
N MET D 341 4.83 -23.08 29.49
CA MET D 341 4.33 -21.71 29.66
C MET D 341 5.48 -20.75 29.51
N LEU D 342 5.79 -20.37 28.27
CA LEU D 342 6.81 -19.37 28.03
C LEU D 342 6.28 -17.96 28.21
N GLN D 343 4.97 -17.80 28.39
CA GLN D 343 4.36 -16.49 28.52
C GLN D 343 4.31 -16.04 29.99
N GLU D 344 4.29 -17.00 30.91
CA GLU D 344 4.09 -16.69 32.33
C GLU D 344 4.91 -17.63 33.22
N SER D 345 4.70 -17.56 34.53
CA SER D 345 5.45 -18.36 35.48
C SER D 345 4.68 -19.61 35.85
N VAL D 346 5.36 -20.52 36.56
CA VAL D 346 4.75 -21.81 36.88
C VAL D 346 3.74 -21.69 38.01
N GLU D 347 3.91 -20.73 38.91
CA GLU D 347 2.97 -20.56 40.02
C GLU D 347 1.63 -20.06 39.52
N GLU D 348 1.64 -19.17 38.52
CA GLU D 348 0.40 -18.61 37.99
C GLU D 348 -0.41 -19.67 37.27
N THR D 349 0.22 -20.49 36.43
CA THR D 349 -0.51 -21.54 35.74
C THR D 349 -0.90 -22.67 36.67
N ALA D 350 -0.11 -22.90 37.73
CA ALA D 350 -0.50 -23.93 38.71
C ALA D 350 -1.73 -23.49 39.50
N GLU D 351 -1.75 -22.23 39.94
CA GLU D 351 -2.92 -21.72 40.65
C GLU D 351 -4.14 -21.63 39.75
N ASP D 352 -3.94 -21.36 38.46
CA ASP D 352 -5.07 -21.32 37.55
C ASP D 352 -5.62 -22.72 37.32
N LEU D 353 -4.75 -23.73 37.27
CA LEU D 353 -5.21 -25.12 37.17
C LEU D 353 -5.98 -25.54 38.42
N ILE D 354 -5.50 -25.12 39.60
CA ILE D 354 -6.18 -25.46 40.84
C ILE D 354 -7.55 -24.79 40.91
N GLY D 355 -7.63 -23.52 40.48
CA GLY D 355 -8.90 -22.82 40.48
C GLY D 355 -9.86 -23.35 39.43
N LEU D 356 -9.35 -23.86 38.31
CA LEU D 356 -10.22 -24.42 37.29
C LEU D 356 -10.75 -25.78 37.70
N HIS D 357 -9.91 -26.62 38.29
CA HIS D 357 -10.36 -27.94 38.72
C HIS D 357 -11.31 -27.85 39.91
N ASN D 358 -11.05 -26.94 40.84
CA ASN D 358 -11.90 -26.80 42.01
C ASN D 358 -13.08 -25.88 41.79
N ARG D 359 -13.41 -25.57 40.53
CA ARG D 359 -14.65 -24.94 40.07
C ARG D 359 -14.79 -23.47 40.48
N VAL D 360 -13.88 -22.93 41.29
CA VAL D 360 -14.01 -21.58 41.84
C VAL D 360 -12.79 -20.78 41.41
N ARG D 361 -13.04 -19.58 40.88
CA ARG D 361 -12.01 -18.71 40.31
C ARG D 361 -11.03 -18.26 41.40
N LEU D 362 -9.77 -18.70 41.30
CA LEU D 362 -8.80 -18.53 42.37
C LEU D 362 -8.02 -17.22 42.28
N ARG D 363 -7.28 -17.03 41.19
CA ARG D 363 -6.33 -15.92 41.14
C ARG D 363 -7.01 -14.57 40.98
N GLN D 364 -8.19 -14.56 40.37
CA GLN D 364 -8.91 -13.32 40.09
C GLN D 364 -9.84 -12.91 41.22
N SER D 365 -9.54 -13.33 42.45
CA SER D 365 -10.30 -12.93 43.63
C SER D 365 -9.36 -12.97 44.83
N ASP D 366 -9.45 -11.98 45.71
CA ASP D 366 -8.58 -11.91 46.87
C ASP D 366 -9.29 -12.31 48.15
N SER D 367 -10.61 -12.53 48.11
CA SER D 367 -11.34 -12.93 49.29
C SER D 367 -11.09 -14.39 49.68
N LEU D 368 -10.59 -15.20 48.74
CA LEU D 368 -10.43 -16.63 48.95
C LEU D 368 -8.99 -17.08 49.02
N LYS D 369 -8.05 -16.27 48.52
CA LYS D 369 -6.63 -16.58 48.57
C LYS D 369 -6.11 -16.64 50.00
N ARG D 370 -6.53 -15.71 50.85
CA ARG D 370 -6.18 -15.79 52.26
C ARG D 370 -7.07 -16.75 53.03
N GLU D 371 -8.21 -17.13 52.47
CA GLU D 371 -9.12 -18.03 53.16
C GLU D 371 -8.63 -19.47 53.10
N ILE D 372 -8.32 -19.96 51.89
CA ILE D 372 -7.97 -21.38 51.76
C ILE D 372 -6.54 -21.71 52.20
N ILE D 373 -5.75 -20.71 52.58
CA ILE D 373 -4.43 -21.02 53.10
C ILE D 373 -4.44 -21.16 54.62
N GLU D 374 -5.33 -20.44 55.32
CA GLU D 374 -5.45 -20.59 56.76
C GLU D 374 -6.48 -21.63 57.16
N ASN D 375 -7.34 -22.03 56.24
CA ASN D 375 -8.30 -23.10 56.50
C ASN D 375 -7.64 -24.46 56.53
N GLY D 376 -6.50 -24.61 55.87
CA GLY D 376 -5.77 -25.85 55.87
C GLY D 376 -6.09 -26.80 54.73
N LYS D 377 -7.03 -26.44 53.87
CA LYS D 377 -7.41 -27.28 52.75
C LYS D 377 -6.65 -26.97 51.49
N PHE D 378 -5.60 -26.13 51.57
CA PHE D 378 -4.69 -25.94 50.45
C PHE D 378 -3.98 -27.23 50.08
N ASP D 379 -3.43 -27.92 51.07
CA ASP D 379 -2.80 -29.21 50.80
C ASP D 379 -3.81 -30.28 50.41
N GLN D 380 -5.06 -30.12 50.83
CA GLN D 380 -6.13 -31.00 50.37
C GLN D 380 -6.40 -30.80 48.88
N TRP D 381 -6.46 -29.54 48.43
CA TRP D 381 -6.65 -29.27 47.01
C TRP D 381 -5.42 -29.53 46.18
N PHE D 382 -4.22 -29.53 46.78
CA PHE D 382 -3.00 -29.66 46.01
C PHE D 382 -2.81 -31.10 45.54
N ASP D 383 -2.84 -32.06 46.47
CA ASP D 383 -2.61 -33.46 46.10
C ASP D 383 -3.82 -34.12 45.45
N GLU D 384 -4.99 -33.46 45.49
CA GLU D 384 -6.16 -33.95 44.77
C GLU D 384 -5.94 -33.95 43.27
N LEU D 385 -5.12 -33.03 42.77
CA LEU D 385 -4.88 -32.88 41.34
C LEU D 385 -3.42 -33.01 40.93
N PHE D 386 -2.48 -32.83 41.85
CA PHE D 386 -1.06 -33.00 41.56
C PHE D 386 -0.46 -34.18 42.31
N GLY D 387 -1.28 -35.03 42.93
CA GLY D 387 -0.75 -36.14 43.69
C GLY D 387 -0.17 -37.23 42.81
N ASN D 388 -0.61 -37.30 41.55
CA ASN D 388 0.00 -38.18 40.59
C ASN D 388 1.26 -37.53 40.02
N ASP D 389 1.94 -38.25 39.12
CA ASP D 389 3.07 -37.69 38.39
C ASP D 389 2.64 -37.18 37.01
N THR D 390 1.43 -36.66 36.91
CA THR D 390 0.84 -36.34 35.61
C THR D 390 1.42 -35.05 35.03
N PHE D 391 1.21 -33.94 35.73
CA PHE D 391 1.50 -32.63 35.17
C PHE D 391 2.98 -32.29 35.35
N HIS D 392 3.60 -31.77 34.30
CA HIS D 392 5.00 -31.35 34.35
C HIS D 392 5.14 -29.98 33.72
N LEU D 393 5.56 -29.01 34.51
CA LEU D 393 5.67 -27.64 34.07
C LEU D 393 7.08 -27.34 33.59
N TYR D 394 7.23 -26.18 32.93
CA TYR D 394 8.52 -25.73 32.42
C TYR D 394 8.77 -24.32 32.92
N ASP D 395 9.97 -24.10 33.45
CA ASP D 395 10.37 -22.81 34.01
C ASP D 395 11.18 -22.06 32.95
N SER D 396 10.91 -20.77 32.79
CA SER D 396 11.57 -19.96 31.80
C SER D 396 13.03 -19.68 32.16
N THR D 402 16.05 -21.80 21.03
CA THR D 402 15.60 -22.77 20.04
C THR D 402 16.18 -24.16 20.34
N ASP D 403 17.51 -24.26 20.32
CA ASP D 403 18.19 -25.50 20.65
C ASP D 403 17.95 -25.91 22.10
N ARG D 404 17.95 -24.94 23.02
CA ARG D 404 17.64 -25.22 24.43
C ARG D 404 16.23 -25.76 24.59
N LEU D 405 15.25 -25.11 23.93
CA LEU D 405 13.86 -25.53 24.03
C LEU D 405 13.65 -26.91 23.42
N LEU D 406 14.32 -27.20 22.32
CA LEU D 406 14.10 -28.51 21.69
C LEU D 406 14.84 -29.62 22.44
N ALA D 407 15.97 -29.29 23.07
CA ALA D 407 16.62 -30.27 23.94
C ALA D 407 15.77 -30.55 25.18
N LYS D 408 15.09 -29.52 25.70
CA LYS D 408 14.21 -29.73 26.83
C LYS D 408 12.96 -30.52 26.42
N LEU D 409 12.47 -30.33 25.20
CA LEU D 409 11.35 -31.14 24.72
C LEU D 409 11.77 -32.59 24.48
N ALA D 410 13.01 -32.80 24.04
CA ALA D 410 13.55 -34.16 23.92
C ALA D 410 13.70 -34.82 25.29
N TYR D 411 14.08 -34.06 26.31
CA TYR D 411 14.11 -34.61 27.66
C TYR D 411 12.71 -34.90 28.19
N MET D 412 11.73 -34.05 27.82
CA MET D 412 10.34 -34.28 28.20
C MET D 412 9.80 -35.55 27.57
N ARG D 413 10.25 -35.84 26.34
CA ARG D 413 9.78 -37.04 25.59
C ARG D 413 10.49 -38.30 26.09
N SER D 414 11.78 -38.21 26.39
CA SER D 414 12.53 -39.39 26.84
C SER D 414 12.43 -39.57 28.35
N GLY D 415 12.92 -38.60 29.11
CA GLY D 415 13.04 -38.72 30.55
C GLY D 415 11.77 -38.55 31.35
N LEU D 416 10.63 -38.31 30.70
CA LEU D 416 9.35 -38.21 31.39
C LEU D 416 8.23 -39.02 30.78
N GLY D 417 8.31 -39.38 29.50
CA GLY D 417 7.24 -40.11 28.85
C GLY D 417 6.00 -39.30 28.63
N CYS D 418 6.14 -38.06 28.18
CA CYS D 418 4.99 -37.19 27.98
C CYS D 418 4.19 -37.63 26.76
N ASP D 419 2.87 -37.49 26.84
CA ASP D 419 2.00 -37.84 25.73
C ASP D 419 1.34 -36.61 25.13
N VAL D 420 1.13 -35.57 25.92
CA VAL D 420 0.61 -34.29 25.45
C VAL D 420 1.65 -33.24 25.79
N ILE D 421 2.05 -32.44 24.81
CA ILE D 421 2.93 -31.30 25.04
C ILE D 421 2.23 -30.06 24.54
N ILE D 422 2.13 -29.04 25.40
CA ILE D 422 1.50 -27.77 25.04
C ILE D 422 2.56 -26.69 25.07
N LEU D 423 2.61 -25.88 24.02
CA LEU D 423 3.56 -24.78 23.91
C LEU D 423 2.78 -23.48 23.81
N ASP D 424 3.02 -22.58 24.78
CA ASP D 424 2.14 -21.46 25.08
C ASP D 424 2.26 -20.31 24.10
N HIS D 425 3.46 -20.02 23.61
CA HIS D 425 3.67 -18.81 22.81
C HIS D 425 4.90 -19.00 21.95
N ILE D 426 4.72 -18.87 20.63
CA ILE D 426 5.80 -19.14 19.69
C ILE D 426 6.47 -17.86 19.19
N SER D 427 5.86 -16.69 19.41
CA SER D 427 6.41 -15.48 18.82
C SER D 427 7.61 -14.95 19.60
N ILE D 428 7.66 -15.13 20.92
CA ILE D 428 8.88 -14.75 21.66
C ILE D 428 9.93 -15.84 21.63
N VAL D 429 9.62 -17.00 21.05
CA VAL D 429 10.66 -17.98 20.75
C VAL D 429 11.60 -17.40 19.69
N VAL D 430 11.03 -16.69 18.71
CA VAL D 430 11.84 -15.94 17.76
C VAL D 430 12.27 -14.63 18.41
N SER D 431 13.57 -14.35 18.37
CA SER D 431 14.13 -13.17 19.02
C SER D 431 13.76 -11.89 18.30
N ARG D 439 11.39 -15.10 9.25
CA ARG D 439 10.74 -16.01 8.32
C ARG D 439 11.45 -17.35 8.32
N LYS D 440 12.75 -17.32 8.01
CA LYS D 440 13.54 -18.55 7.97
C LYS D 440 13.71 -19.15 9.36
N MET D 441 13.73 -18.31 10.40
CA MET D 441 13.79 -18.80 11.77
C MET D 441 12.49 -19.44 12.22
N ILE D 442 11.40 -19.25 11.48
CA ILE D 442 10.14 -19.91 11.79
C ILE D 442 10.00 -21.14 10.90
N ASP D 443 10.59 -21.07 9.70
CA ASP D 443 10.63 -22.25 8.83
C ASP D 443 11.46 -23.36 9.44
N ASN D 444 12.66 -23.02 9.93
CA ASN D 444 13.53 -24.01 10.58
C ASN D 444 12.88 -24.58 11.84
N LEU D 445 12.24 -23.71 12.63
CA LEU D 445 11.58 -24.13 13.85
C LEU D 445 10.41 -25.06 13.57
N MET D 446 9.61 -24.75 12.54
CA MET D 446 8.45 -25.58 12.24
C MET D 446 8.85 -26.90 11.59
N THR D 447 9.91 -26.92 10.78
CA THR D 447 10.42 -28.19 10.27
C THR D 447 10.98 -29.06 11.38
N LYS D 448 11.68 -28.45 12.34
CA LYS D 448 12.24 -29.23 13.45
C LYS D 448 11.14 -29.76 14.36
N LEU D 449 10.10 -28.96 14.60
CA LEU D 449 8.97 -29.42 15.41
C LEU D 449 8.17 -30.50 14.70
N LYS D 450 8.01 -30.39 13.37
CA LYS D 450 7.28 -31.43 12.64
C LYS D 450 8.06 -32.74 12.60
N GLY D 451 9.39 -32.67 12.44
CA GLY D 451 10.20 -33.87 12.53
C GLY D 451 10.18 -34.51 13.89
N PHE D 452 10.13 -33.68 14.94
CA PHE D 452 10.06 -34.19 16.31
C PHE D 452 8.73 -34.88 16.57
N ALA D 453 7.62 -34.29 16.10
CA ALA D 453 6.32 -34.91 16.30
C ALA D 453 6.13 -36.13 15.40
N LYS D 454 6.82 -36.17 14.27
CA LYS D 454 6.78 -37.35 13.41
C LYS D 454 7.54 -38.52 14.02
N SER D 455 8.72 -38.25 14.60
CA SER D 455 9.51 -39.32 15.18
C SER D 455 8.89 -39.82 16.49
N THR D 456 8.58 -38.91 17.41
CA THR D 456 8.16 -39.33 18.74
C THR D 456 6.68 -39.69 18.82
N GLY D 457 5.84 -39.13 17.96
CA GLY D 457 4.42 -39.43 18.01
C GLY D 457 3.68 -38.82 19.17
N VAL D 458 4.07 -37.62 19.60
CA VAL D 458 3.46 -36.98 20.76
C VAL D 458 2.35 -36.03 20.29
N VAL D 459 1.26 -35.98 21.07
CA VAL D 459 0.16 -35.08 20.77
C VAL D 459 0.59 -33.67 21.18
N LEU D 460 0.77 -32.79 20.21
CA LEU D 460 1.37 -31.49 20.42
C LEU D 460 0.36 -30.40 20.08
N VAL D 461 0.26 -29.39 20.95
CA VAL D 461 -0.52 -28.19 20.69
C VAL D 461 0.43 -27.01 20.76
N VAL D 462 0.42 -26.17 19.72
CA VAL D 462 1.30 -25.01 19.62
C VAL D 462 0.44 -23.78 19.40
N ILE D 463 0.67 -22.73 20.19
CA ILE D 463 -0.16 -21.52 20.09
C ILE D 463 0.59 -20.45 19.30
N CYS D 464 -0.09 -19.84 18.33
CA CYS D 464 0.41 -18.70 17.58
C CYS D 464 -0.69 -17.66 17.43
N HIS D 465 -0.31 -16.44 17.07
CA HIS D 465 -1.22 -15.32 17.01
C HIS D 465 -1.63 -14.98 15.59
N LEU D 466 -2.48 -13.97 15.46
CA LEU D 466 -3.00 -13.50 14.18
C LEU D 466 -2.27 -12.23 13.76
N LYS D 467 -2.43 -11.86 12.49
CA LYS D 467 -1.78 -10.66 12.00
C LYS D 467 -2.76 -9.49 11.99
N ASN D 468 -2.24 -8.32 11.61
CA ASN D 468 -3.04 -7.08 11.62
C ASN D 468 -3.70 -6.86 10.25
N PRO D 469 -5.04 -6.93 10.14
CA PRO D 469 -5.71 -6.70 8.85
C PRO D 469 -5.71 -5.22 8.51
N ASP D 470 -5.77 -4.93 7.22
CA ASP D 470 -5.64 -3.55 6.76
C ASP D 470 -6.95 -2.89 6.36
N LYS D 471 -8.05 -3.65 6.27
CA LYS D 471 -9.31 -3.06 5.84
C LYS D 471 -10.45 -3.63 6.67
N GLY D 472 -11.30 -2.75 7.18
CA GLY D 472 -12.46 -3.17 7.93
C GLY D 472 -12.19 -3.36 9.40
N LYS D 473 -12.98 -4.20 10.05
CA LYS D 473 -12.84 -4.46 11.48
C LYS D 473 -11.59 -5.28 11.77
N ALA D 474 -11.19 -5.31 13.02
CA ALA D 474 -10.16 -6.22 13.48
C ALA D 474 -10.79 -7.55 13.86
N HIS D 475 -9.94 -8.51 14.22
CA HIS D 475 -10.43 -9.85 14.56
C HIS D 475 -11.21 -9.86 15.85
N GLU D 476 -10.94 -8.90 16.75
CA GLU D 476 -11.52 -8.90 18.09
C GLU D 476 -12.96 -8.41 18.12
N GLU D 477 -13.48 -7.90 17.01
CA GLU D 477 -14.86 -7.40 16.95
C GLU D 477 -15.74 -8.28 16.08
N GLY D 478 -15.52 -9.60 16.13
CA GLY D 478 -16.39 -10.53 15.45
C GLY D 478 -16.05 -10.79 14.00
N ARG D 479 -14.85 -10.46 13.54
CA ARG D 479 -14.49 -10.73 12.16
C ARG D 479 -14.09 -12.19 12.00
N PRO D 480 -14.61 -12.88 10.99
CA PRO D 480 -14.18 -14.27 10.75
C PRO D 480 -12.74 -14.33 10.27
N VAL D 481 -12.00 -15.25 10.86
CA VAL D 481 -10.56 -15.37 10.64
C VAL D 481 -10.32 -16.30 9.45
N SER D 482 -9.57 -15.82 8.47
CA SER D 482 -9.15 -16.64 7.35
C SER D 482 -7.80 -17.27 7.63
N ILE D 483 -7.41 -18.20 6.75
CA ILE D 483 -6.22 -19.02 6.95
C ILE D 483 -4.94 -18.24 6.67
N THR D 484 -5.06 -17.07 6.04
CA THR D 484 -3.90 -16.21 5.79
C THR D 484 -3.32 -15.67 7.09
N ASP D 485 -4.18 -15.42 8.07
CA ASP D 485 -3.85 -14.57 9.22
C ASP D 485 -2.91 -15.29 10.18
N LEU D 486 -1.64 -15.38 9.77
CA LEU D 486 -0.62 -16.03 10.58
C LEU D 486 0.66 -15.22 10.46
N ARG D 487 1.15 -14.72 11.60
CA ARG D 487 2.27 -13.79 11.58
C ARG D 487 3.58 -14.49 11.25
N GLY D 488 4.63 -13.67 11.16
CA GLY D 488 5.99 -14.16 11.04
C GLY D 488 6.34 -14.70 9.68
N SER D 489 5.74 -15.82 9.30
CA SER D 489 6.04 -16.46 8.02
C SER D 489 4.77 -17.14 7.52
N GLY D 490 4.92 -17.94 6.47
CA GLY D 490 3.78 -18.54 5.82
C GLY D 490 3.73 -20.05 5.88
N ALA D 491 4.72 -20.67 6.52
CA ALA D 491 4.74 -22.12 6.64
C ALA D 491 4.00 -22.63 7.86
N LEU D 492 3.33 -21.75 8.61
CA LEU D 492 2.58 -22.18 9.78
C LEU D 492 1.34 -22.98 9.37
N ARG D 493 0.84 -22.77 8.17
CA ARG D 493 -0.27 -23.51 7.62
C ARG D 493 0.15 -24.62 6.68
N GLN D 494 1.46 -24.79 6.47
CA GLN D 494 1.97 -25.73 5.48
C GLN D 494 2.55 -26.98 6.11
N LEU D 495 2.74 -27.00 7.43
CA LEU D 495 3.38 -28.11 8.12
C LEU D 495 2.56 -28.57 9.32
N SER D 496 1.46 -27.91 9.63
CA SER D 496 0.63 -28.24 10.77
C SER D 496 -0.56 -29.08 10.30
N ASP D 497 -1.06 -29.92 11.19
CA ASP D 497 -2.07 -30.89 10.80
C ASP D 497 -3.49 -30.38 11.00
N THR D 498 -3.72 -29.50 11.97
CA THR D 498 -5.03 -28.88 12.13
C THR D 498 -4.90 -27.52 12.80
N ILE D 499 -5.87 -26.65 12.51
CA ILE D 499 -5.90 -25.28 13.00
C ILE D 499 -7.29 -24.99 13.56
N ILE D 500 -7.34 -24.55 14.81
CA ILE D 500 -8.57 -24.16 15.47
C ILE D 500 -8.51 -22.66 15.73
N ALA D 501 -9.53 -21.93 15.31
CA ALA D 501 -9.62 -20.49 15.53
C ALA D 501 -10.82 -20.17 16.40
N LEU D 502 -10.68 -19.11 17.20
CA LEU D 502 -11.77 -18.69 18.09
C LEU D 502 -12.06 -17.21 17.85
N GLU D 503 -13.32 -16.88 17.60
CA GLU D 503 -13.76 -15.50 17.45
C GLU D 503 -14.77 -15.17 18.55
N ARG D 504 -14.94 -13.86 18.81
CA ARG D 504 -15.91 -13.34 19.82
C ARG D 504 -15.92 -11.81 19.79
N ASN D 505 -17.11 -11.19 19.59
CA ASN D 505 -17.22 -9.73 19.57
C ASN D 505 -16.93 -9.24 20.97
N GLN D 506 -15.79 -8.56 21.14
CA GLN D 506 -15.32 -8.24 22.47
C GLN D 506 -16.06 -7.04 23.05
N GLN D 507 -16.20 -5.97 22.27
CA GLN D 507 -17.07 -4.86 22.64
C GLN D 507 -18.40 -4.99 21.90
N GLY D 508 -19.20 -5.95 22.34
CA GLY D 508 -20.43 -6.24 21.66
C GLY D 508 -21.63 -6.44 22.57
N ASP D 509 -22.71 -6.99 22.01
CA ASP D 509 -23.91 -7.24 22.80
C ASP D 509 -23.70 -8.38 23.78
N MET D 510 -22.89 -9.37 23.41
CA MET D 510 -22.41 -10.34 24.38
C MET D 510 -20.94 -10.65 24.09
N PRO D 511 -20.06 -10.49 25.08
CA PRO D 511 -18.65 -10.82 24.87
C PRO D 511 -18.30 -12.23 25.29
N ASN D 512 -19.32 -13.05 25.53
CA ASN D 512 -19.10 -14.40 26.04
C ASN D 512 -19.21 -15.49 24.98
N LEU D 513 -20.10 -15.33 24.01
CA LEU D 513 -20.32 -16.37 23.00
C LEU D 513 -19.14 -16.41 22.04
N VAL D 514 -18.45 -17.54 21.97
CA VAL D 514 -17.33 -17.70 21.05
C VAL D 514 -17.77 -18.58 19.88
N LEU D 515 -17.18 -18.31 18.74
CA LEU D 515 -17.34 -19.10 17.53
C LEU D 515 -16.06 -19.86 17.29
N VAL D 516 -16.17 -21.17 17.14
CA VAL D 516 -15.02 -22.05 16.95
C VAL D 516 -15.00 -22.50 15.50
N ARG D 517 -13.88 -22.30 14.83
CA ARG D 517 -13.77 -22.56 13.40
C ARG D 517 -12.57 -23.44 13.11
N ILE D 518 -12.83 -24.61 12.55
CA ILE D 518 -11.76 -25.45 12.02
C ILE D 518 -11.33 -24.90 10.67
N LEU D 519 -10.04 -24.67 10.51
CA LEU D 519 -9.50 -24.11 9.27
C LEU D 519 -8.87 -25.15 8.37
N LYS D 520 -8.23 -26.17 8.93
CA LYS D 520 -7.58 -27.18 8.11
C LYS D 520 -7.60 -28.49 8.87
N CYS D 521 -7.71 -29.59 8.12
CA CYS D 521 -7.63 -30.93 8.71
C CYS D 521 -7.13 -31.88 7.64
N ARG D 522 -5.92 -32.42 7.85
CA ARG D 522 -5.28 -33.34 6.86
C ARG D 522 -5.86 -34.77 6.99
N PHE D 523 -6.46 -35.10 8.14
CA PHE D 523 -7.00 -36.44 8.33
C PHE D 523 -8.45 -36.58 7.89
N THR D 524 -9.28 -35.56 8.08
CA THR D 524 -10.67 -35.67 7.65
C THR D 524 -10.98 -34.73 6.49
N GLY D 525 -10.77 -33.43 6.65
CA GLY D 525 -10.93 -32.46 5.58
C GLY D 525 -12.08 -31.50 5.78
N ASP D 526 -13.13 -31.92 6.47
CA ASP D 526 -14.29 -31.06 6.68
C ASP D 526 -13.96 -29.94 7.67
N THR D 527 -14.17 -28.70 7.23
CA THR D 527 -13.80 -27.52 8.00
C THR D 527 -15.03 -26.63 8.19
N GLY D 528 -14.80 -25.48 8.83
CA GLY D 528 -15.83 -24.47 8.95
C GLY D 528 -16.20 -24.21 10.40
N ILE D 529 -17.41 -23.70 10.59
CA ILE D 529 -17.92 -23.39 11.92
C ILE D 529 -18.36 -24.69 12.59
N ALA D 530 -17.85 -24.94 13.80
CA ALA D 530 -18.16 -26.19 14.48
C ALA D 530 -19.23 -26.01 15.56
N GLY D 531 -19.00 -25.11 16.51
CA GLY D 531 -19.93 -24.95 17.61
C GLY D 531 -19.88 -23.59 18.28
N TYR D 532 -20.51 -23.46 19.44
CA TYR D 532 -20.58 -22.20 20.16
C TYR D 532 -20.52 -22.47 21.66
N MET D 533 -19.70 -21.69 22.35
CA MET D 533 -19.50 -21.86 23.79
C MET D 533 -19.73 -20.54 24.51
N GLU D 534 -20.16 -20.64 25.75
CA GLU D 534 -20.15 -19.52 26.67
C GLU D 534 -19.08 -19.76 27.73
N TYR D 535 -18.83 -18.74 28.54
CA TYR D 535 -17.66 -18.74 29.40
C TYR D 535 -17.96 -19.00 30.86
N ASN D 536 -19.14 -18.63 31.36
CA ASN D 536 -19.58 -18.86 32.75
C ASN D 536 -18.62 -18.20 33.76
N LYS D 537 -18.70 -16.86 33.77
CA LYS D 537 -17.76 -15.97 34.44
C LYS D 537 -17.46 -16.32 35.90
N GLU D 538 -18.38 -16.98 36.60
CA GLU D 538 -18.08 -17.41 37.96
C GLU D 538 -17.09 -18.57 37.97
N THR D 539 -17.33 -19.58 37.13
CA THR D 539 -16.50 -20.78 37.12
C THR D 539 -15.25 -20.61 36.28
N GLY D 540 -15.41 -20.35 34.99
CA GLY D 540 -14.29 -20.31 34.09
C GLY D 540 -14.20 -21.47 33.13
N TRP D 541 -15.24 -22.28 33.02
CA TRP D 541 -15.28 -23.42 32.13
C TRP D 541 -15.89 -23.00 30.79
N LEU D 542 -15.17 -23.24 29.71
CA LEU D 542 -15.70 -23.00 28.37
C LEU D 542 -16.74 -24.07 28.10
N GLU D 543 -18.00 -23.72 28.29
CA GLU D 543 -19.01 -24.75 28.20
C GLU D 543 -19.89 -24.55 26.96
N PRO D 544 -20.35 -25.63 26.32
CA PRO D 544 -21.04 -25.47 25.02
C PRO D 544 -22.41 -24.84 25.18
N SER D 545 -22.81 -24.09 24.15
CA SER D 545 -24.07 -23.38 24.13
C SER D 545 -24.81 -23.69 22.83
N SER D 546 -26.12 -23.85 22.96
CA SER D 546 -26.99 -24.09 21.81
C SER D 546 -27.31 -22.75 21.15
N TYR D 547 -27.06 -22.65 19.85
CA TYR D 547 -27.22 -21.38 19.13
C TYR D 547 -27.45 -21.69 17.66
N SER D 548 -28.61 -21.29 17.14
CA SER D 548 -28.97 -21.62 15.77
C SER D 548 -28.29 -20.71 14.77
N GLY D 549 -28.20 -19.42 15.07
CA GLY D 549 -27.58 -18.47 14.17
C GLY D 549 -27.85 -17.02 14.55
N GLY E 264 11.85 -16.89 -31.68
CA GLY E 264 11.57 -17.17 -33.07
C GLY E 264 10.56 -16.23 -33.67
N VAL E 265 10.69 -15.96 -34.97
CA VAL E 265 9.78 -15.10 -35.70
C VAL E 265 9.18 -15.92 -36.83
N VAL E 266 7.86 -16.05 -36.82
CA VAL E 266 7.15 -16.88 -37.80
C VAL E 266 6.94 -16.09 -39.08
N SER E 267 7.51 -16.58 -40.18
CA SER E 267 7.29 -16.04 -41.51
C SER E 267 6.24 -16.87 -42.24
N ALA E 268 6.07 -16.57 -43.52
CA ALA E 268 5.13 -17.29 -44.38
C ALA E 268 5.83 -18.00 -45.53
N LEU E 269 7.14 -18.21 -45.44
CA LEU E 269 7.88 -18.80 -46.56
C LEU E 269 7.72 -20.31 -46.61
N SER E 270 8.14 -21.01 -45.54
CA SER E 270 8.15 -22.46 -45.50
C SER E 270 7.03 -23.04 -44.64
N LEU E 271 5.83 -22.45 -44.70
CA LEU E 271 4.73 -22.90 -43.86
C LEU E 271 3.51 -23.28 -44.69
N ARG E 272 3.72 -24.12 -45.70
CA ARG E 272 2.62 -24.62 -46.52
C ARG E 272 2.09 -25.97 -46.05
N GLU E 273 2.98 -26.91 -45.69
CA GLU E 273 2.58 -28.26 -45.35
C GLU E 273 2.23 -28.44 -43.88
N ARG E 274 2.60 -27.50 -43.02
CA ARG E 274 2.28 -27.61 -41.60
C ARG E 274 0.79 -27.38 -41.34
N ILE E 275 0.21 -26.37 -41.99
CA ILE E 275 -1.17 -25.95 -41.74
C ILE E 275 -2.16 -27.02 -42.17
N ARG E 276 -1.74 -27.83 -43.14
CA ARG E 276 -2.56 -28.96 -43.64
C ARG E 276 -2.76 -29.96 -42.50
N GLU E 277 -1.76 -30.11 -41.61
CA GLU E 277 -1.88 -31.03 -40.50
C GLU E 277 -2.87 -30.51 -39.45
N HIS E 278 -3.13 -29.19 -39.45
CA HIS E 278 -3.91 -28.57 -38.39
C HIS E 278 -5.39 -28.93 -38.47
N LEU E 279 -5.92 -29.21 -39.66
CA LEU E 279 -7.34 -29.54 -39.78
C LEU E 279 -7.63 -30.94 -39.27
N SER E 280 -6.90 -31.93 -39.74
CA SER E 280 -7.13 -33.30 -39.32
C SER E 280 -5.88 -33.91 -38.69
N VAL E 285 0.55 -39.68 -27.66
CA VAL E 285 -0.03 -39.02 -26.50
C VAL E 285 0.68 -39.46 -25.23
N GLY E 286 0.60 -40.75 -24.92
CA GLY E 286 1.26 -41.31 -23.76
C GLY E 286 0.28 -41.74 -22.68
N LEU E 287 0.72 -41.54 -21.43
CA LEU E 287 -0.09 -41.89 -20.28
C LEU E 287 -1.19 -40.86 -20.09
N LEU E 288 -2.33 -41.31 -19.56
CA LEU E 288 -3.51 -40.46 -19.47
C LEU E 288 -3.88 -40.17 -18.01
N PHE E 289 -4.59 -39.05 -17.81
CA PHE E 289 -5.03 -38.63 -16.49
C PHE E 289 -6.47 -39.05 -16.23
N SER E 290 -6.76 -39.37 -14.98
CA SER E 290 -8.07 -39.85 -14.57
C SER E 290 -8.80 -38.77 -13.78
N GLY E 291 -10.11 -38.65 -14.03
CA GLY E 291 -10.93 -37.66 -13.35
C GLY E 291 -10.83 -36.29 -13.99
N CYS E 292 -11.97 -35.62 -14.17
CA CYS E 292 -12.15 -34.36 -14.89
C CYS E 292 -11.39 -34.36 -16.23
N THR E 293 -11.88 -35.24 -17.12
CA THR E 293 -11.14 -35.72 -18.29
C THR E 293 -10.81 -34.67 -19.36
N GLY E 294 -11.05 -33.40 -19.08
CA GLY E 294 -10.51 -32.32 -19.89
C GLY E 294 -9.09 -31.93 -19.50
N ILE E 295 -8.35 -32.84 -18.88
CA ILE E 295 -6.93 -32.64 -18.65
C ILE E 295 -6.20 -33.17 -19.87
N ASN E 296 -6.31 -34.48 -20.10
CA ASN E 296 -5.72 -35.11 -21.28
C ASN E 296 -6.50 -34.82 -22.55
N ASP E 297 -7.66 -34.17 -22.45
CA ASP E 297 -8.31 -33.60 -23.62
C ASP E 297 -7.73 -32.25 -23.99
N LYS E 298 -7.01 -31.61 -23.07
CA LYS E 298 -6.48 -30.26 -23.27
C LYS E 298 -4.96 -30.25 -23.39
N THR E 299 -4.25 -30.81 -22.43
CA THR E 299 -2.78 -30.88 -22.48
C THR E 299 -2.27 -32.23 -22.97
N LEU E 300 -3.19 -33.16 -23.27
CA LEU E 300 -2.89 -34.44 -23.94
C LEU E 300 -1.97 -35.33 -23.12
N GLY E 301 -2.32 -35.51 -21.84
CA GLY E 301 -1.74 -36.57 -21.03
C GLY E 301 -0.29 -36.38 -20.65
N ALA E 302 0.35 -37.50 -20.31
CA ALA E 302 1.73 -37.51 -19.88
C ALA E 302 2.65 -37.96 -21.01
N ARG E 303 3.83 -37.34 -21.06
CA ARG E 303 4.82 -37.64 -22.09
C ARG E 303 6.16 -37.94 -21.44
N GLY E 304 6.98 -38.69 -22.16
CA GLY E 304 8.30 -39.01 -21.66
C GLY E 304 9.24 -37.83 -21.70
N GLY E 305 10.05 -37.70 -20.66
CA GLY E 305 11.00 -36.62 -20.56
C GLY E 305 10.45 -35.31 -20.03
N GLU E 306 9.20 -35.28 -19.59
CA GLU E 306 8.61 -34.05 -19.07
C GLU E 306 8.86 -33.90 -17.58
N VAL E 307 8.73 -32.66 -17.10
CA VAL E 307 8.78 -32.32 -15.68
C VAL E 307 7.47 -31.62 -15.37
N ILE E 308 6.65 -32.24 -14.53
CA ILE E 308 5.27 -31.83 -14.31
C ILE E 308 5.15 -31.24 -12.91
N MET E 309 4.44 -30.11 -12.80
CA MET E 309 4.23 -29.45 -11.52
C MET E 309 2.73 -29.35 -11.24
N VAL E 310 2.33 -29.79 -10.05
CA VAL E 310 0.96 -29.61 -9.58
C VAL E 310 1.04 -28.81 -8.29
N THR E 311 0.70 -27.53 -8.35
CA THR E 311 0.84 -26.63 -7.23
C THR E 311 -0.51 -26.02 -6.88
N SER E 312 -0.88 -26.09 -5.61
CA SER E 312 -2.14 -25.51 -5.15
C SER E 312 -1.94 -25.06 -3.70
N GLY E 313 -3.00 -24.54 -3.10
CA GLY E 313 -2.96 -24.08 -1.73
C GLY E 313 -2.85 -25.23 -0.74
N SER E 314 -2.59 -24.87 0.51
CA SER E 314 -2.35 -25.85 1.55
C SER E 314 -3.65 -26.53 1.95
N GLY E 315 -3.81 -27.79 1.55
CA GLY E 315 -5.02 -28.54 1.83
C GLY E 315 -5.97 -28.67 0.67
N MET E 316 -5.55 -28.31 -0.54
CA MET E 316 -6.41 -28.41 -1.71
C MET E 316 -6.51 -29.84 -2.25
N GLY E 317 -5.66 -30.75 -1.80
CA GLY E 317 -5.71 -32.11 -2.28
C GLY E 317 -4.67 -32.39 -3.35
N LYS E 318 -3.48 -31.83 -3.19
CA LYS E 318 -2.37 -32.12 -4.09
C LYS E 318 -1.94 -33.57 -3.97
N SER E 319 -1.70 -34.01 -2.73
CA SER E 319 -1.25 -35.37 -2.48
C SER E 319 -2.34 -36.39 -2.81
N THR E 320 -3.62 -36.03 -2.60
CA THR E 320 -4.70 -36.95 -2.92
C THR E 320 -4.86 -37.12 -4.42
N PHE E 321 -4.74 -36.03 -5.17
CA PHE E 321 -4.82 -36.07 -6.62
C PHE E 321 -3.66 -36.87 -7.22
N VAL E 322 -2.44 -36.61 -6.74
CA VAL E 322 -1.32 -37.37 -7.27
C VAL E 322 -1.34 -38.82 -6.77
N ARG E 323 -2.03 -39.09 -5.66
CA ARG E 323 -2.19 -40.47 -5.21
C ARG E 323 -3.15 -41.23 -6.12
N GLN E 324 -4.24 -40.57 -6.52
CA GLN E 324 -5.16 -41.16 -7.50
C GLN E 324 -4.48 -41.39 -8.84
N GLN E 325 -3.64 -40.44 -9.27
CA GLN E 325 -2.94 -40.63 -10.54
C GLN E 325 -1.86 -41.71 -10.44
N ALA E 326 -1.25 -41.85 -9.26
CA ALA E 326 -0.28 -42.92 -9.05
C ALA E 326 -0.96 -44.28 -9.02
N LEU E 327 -2.21 -44.31 -8.57
CA LEU E 327 -3.00 -45.53 -8.68
C LEU E 327 -3.30 -45.86 -10.14
N GLN E 328 -3.81 -44.89 -10.89
CA GLN E 328 -4.23 -45.16 -12.27
C GLN E 328 -3.08 -45.21 -13.27
N TRP E 329 -1.83 -44.95 -12.84
CA TRP E 329 -0.67 -45.18 -13.70
C TRP E 329 0.11 -46.41 -13.30
N GLY E 330 -0.42 -47.24 -12.41
CA GLY E 330 0.31 -48.40 -11.96
C GLY E 330 -0.46 -49.69 -12.17
N THR E 331 -1.78 -49.58 -12.37
CA THR E 331 -2.64 -50.74 -12.55
C THR E 331 -3.16 -50.86 -13.97
N ALA E 332 -3.74 -49.79 -14.52
CA ALA E 332 -4.22 -49.83 -15.89
C ALA E 332 -3.09 -49.80 -16.91
N MET E 333 -1.93 -49.26 -16.54
CA MET E 333 -0.78 -49.22 -17.43
C MET E 333 0.24 -50.31 -17.12
N GLY E 334 0.36 -50.70 -15.86
CA GLY E 334 1.30 -51.72 -15.46
C GLY E 334 2.73 -51.25 -15.32
N LYS E 335 3.00 -49.98 -15.52
CA LYS E 335 4.35 -49.45 -15.44
C LYS E 335 4.79 -49.31 -13.99
N LYS E 336 6.09 -49.42 -13.76
CA LYS E 336 6.63 -49.30 -12.42
C LYS E 336 6.49 -47.87 -11.92
N VAL E 337 6.03 -47.72 -10.68
CA VAL E 337 5.74 -46.41 -10.10
C VAL E 337 6.61 -46.21 -8.88
N GLY E 338 7.50 -45.22 -8.94
CA GLY E 338 8.37 -44.92 -7.83
C GLY E 338 7.99 -43.66 -7.09
N LEU E 339 7.60 -43.83 -5.83
CA LEU E 339 7.10 -42.72 -5.02
C LEU E 339 8.23 -42.12 -4.19
N ALA E 340 8.09 -40.83 -3.90
CA ALA E 340 8.95 -40.13 -2.94
C ALA E 340 8.02 -39.30 -2.06
N MET E 341 7.47 -39.95 -1.04
CA MET E 341 6.56 -39.32 -0.09
C MET E 341 7.36 -38.96 1.16
N LEU E 342 8.09 -37.86 1.07
CA LEU E 342 8.90 -37.41 2.20
C LEU E 342 8.08 -36.64 3.24
N GLN E 343 6.76 -36.59 3.11
CA GLN E 343 5.90 -35.88 4.04
C GLN E 343 5.29 -36.80 5.08
N GLU E 344 5.14 -38.08 4.77
CA GLU E 344 4.55 -39.06 5.67
C GLU E 344 5.32 -40.37 5.55
N SER E 345 4.79 -41.43 6.15
CA SER E 345 5.48 -42.72 6.19
C SER E 345 4.92 -43.68 5.13
N VAL E 346 5.65 -44.78 4.91
CA VAL E 346 5.32 -45.70 3.83
C VAL E 346 4.10 -46.56 4.10
N GLU E 347 3.70 -46.71 5.36
CA GLU E 347 2.50 -47.50 5.65
C GLU E 347 1.23 -46.70 5.42
N GLU E 348 1.29 -45.38 5.66
CA GLU E 348 0.10 -44.55 5.57
C GLU E 348 -0.36 -44.38 4.12
N THR E 349 0.57 -44.06 3.22
CA THR E 349 0.24 -43.95 1.81
C THR E 349 -0.05 -45.29 1.17
N ALA E 350 0.35 -46.40 1.78
CA ALA E 350 -0.04 -47.71 1.29
C ALA E 350 -1.45 -48.09 1.72
N GLU E 351 -1.79 -47.79 2.98
CA GLU E 351 -3.16 -48.01 3.45
C GLU E 351 -4.15 -47.13 2.70
N ASP E 352 -3.74 -45.92 2.33
CA ASP E 352 -4.64 -45.06 1.56
C ASP E 352 -4.84 -45.58 0.15
N LEU E 353 -3.80 -46.16 -0.48
CA LEU E 353 -3.95 -46.74 -1.80
C LEU E 353 -4.80 -48.00 -1.78
N ILE E 354 -4.63 -48.82 -0.73
CA ILE E 354 -5.46 -50.02 -0.59
C ILE E 354 -6.92 -49.66 -0.37
N GLY E 355 -7.18 -48.66 0.47
CA GLY E 355 -8.55 -48.20 0.66
C GLY E 355 -9.11 -47.49 -0.55
N LEU E 356 -8.26 -46.90 -1.38
CA LEU E 356 -8.75 -46.24 -2.58
C LEU E 356 -9.10 -47.27 -3.64
N HIS E 357 -8.30 -48.33 -3.78
CA HIS E 357 -8.64 -49.42 -4.67
C HIS E 357 -9.87 -50.18 -4.19
N ASN E 358 -10.08 -50.25 -2.87
CA ASN E 358 -11.21 -50.97 -2.31
C ASN E 358 -12.40 -50.06 -2.01
N ARG E 359 -12.38 -48.81 -2.48
CA ARG E 359 -13.45 -47.82 -2.34
C ARG E 359 -13.80 -47.49 -0.90
N VAL E 360 -12.84 -47.57 0.03
CA VAL E 360 -13.12 -47.40 1.45
C VAL E 360 -12.19 -46.32 2.01
N ARG E 361 -12.77 -45.33 2.68
CA ARG E 361 -11.98 -44.38 3.47
C ARG E 361 -11.41 -45.15 4.66
N LEU E 362 -10.17 -45.61 4.52
CA LEU E 362 -9.64 -46.63 5.42
C LEU E 362 -9.12 -46.05 6.73
N ARG E 363 -8.27 -45.03 6.66
CA ARG E 363 -7.57 -44.56 7.85
C ARG E 363 -8.45 -43.72 8.77
N GLN E 364 -9.73 -43.59 8.41
CA GLN E 364 -10.70 -42.81 9.22
C GLN E 364 -11.78 -43.73 9.79
N SER E 365 -12.00 -44.88 9.15
CA SER E 365 -13.01 -45.83 9.60
C SER E 365 -12.33 -46.78 10.58
N ASP E 366 -12.52 -46.53 11.88
CA ASP E 366 -11.72 -47.22 12.88
C ASP E 366 -12.21 -48.65 13.12
N SER E 367 -13.53 -48.88 13.05
CA SER E 367 -14.07 -50.22 13.28
C SER E 367 -13.69 -51.18 12.16
N LEU E 368 -13.68 -50.68 10.92
CA LEU E 368 -13.34 -51.49 9.76
C LEU E 368 -11.88 -51.92 9.76
N LYS E 369 -10.98 -51.13 10.37
CA LYS E 369 -9.56 -51.48 10.40
C LYS E 369 -9.30 -52.75 11.19
N ARG E 370 -10.04 -52.97 12.27
CA ARG E 370 -9.96 -54.23 13.00
C ARG E 370 -10.98 -55.24 12.55
N GLU E 371 -11.97 -54.84 11.76
CA GLU E 371 -12.88 -55.83 11.19
C GLU E 371 -12.21 -56.62 10.07
N ILE E 372 -11.39 -55.96 9.24
CA ILE E 372 -10.82 -56.63 8.07
C ILE E 372 -9.62 -57.49 8.46
N ILE E 373 -9.06 -57.28 9.65
CA ILE E 373 -7.91 -58.06 10.05
C ILE E 373 -8.31 -59.11 11.09
N LYS E 377 -9.21 -61.36 5.15
CA LYS E 377 -9.50 -60.66 3.91
C LYS E 377 -8.61 -59.44 3.75
N PHE E 378 -7.90 -59.10 4.84
CA PHE E 378 -6.87 -58.06 4.76
C PHE E 378 -5.76 -58.45 3.80
N ASP E 379 -5.25 -59.69 3.93
CA ASP E 379 -4.22 -60.13 3.01
C ASP E 379 -4.77 -60.35 1.61
N GLN E 380 -6.07 -60.67 1.51
CA GLN E 380 -6.73 -60.77 0.21
C GLN E 380 -6.76 -59.42 -0.51
N TRP E 381 -7.06 -58.34 0.21
CA TRP E 381 -7.04 -57.02 -0.41
C TRP E 381 -5.62 -56.49 -0.56
N PHE E 382 -4.67 -57.02 0.20
CA PHE E 382 -3.26 -56.66 0.03
C PHE E 382 -2.71 -57.25 -1.26
N ASP E 383 -2.73 -58.58 -1.38
CA ASP E 383 -2.02 -59.24 -2.47
C ASP E 383 -2.70 -59.06 -3.82
N GLU E 384 -4.00 -58.74 -3.84
CA GLU E 384 -4.71 -58.43 -5.07
C GLU E 384 -4.09 -57.26 -5.82
N LEU E 385 -3.66 -56.24 -5.10
CA LEU E 385 -3.03 -55.08 -5.71
C LEU E 385 -1.52 -55.06 -5.58
N PHE E 386 -0.92 -55.91 -4.73
CA PHE E 386 0.53 -55.98 -4.62
C PHE E 386 1.11 -57.34 -5.03
N GLY E 387 0.42 -58.09 -5.88
CA GLY E 387 1.01 -59.31 -6.40
C GLY E 387 2.13 -59.08 -7.38
N ASN E 388 2.15 -57.94 -8.04
CA ASN E 388 3.27 -57.57 -8.90
C ASN E 388 4.30 -56.83 -8.05
N ASP E 389 5.42 -56.47 -8.66
CA ASP E 389 6.45 -55.69 -8.01
C ASP E 389 6.43 -54.27 -8.59
N THR E 390 5.21 -53.76 -8.78
CA THR E 390 4.99 -52.51 -9.50
C THR E 390 5.51 -51.31 -8.72
N PHE E 391 4.98 -51.10 -7.52
CA PHE E 391 5.26 -49.87 -6.79
C PHE E 391 6.58 -49.97 -6.04
N HIS E 392 7.20 -48.82 -5.82
CA HIS E 392 8.46 -48.74 -5.07
C HIS E 392 8.41 -47.48 -4.21
N LEU E 393 8.28 -47.67 -2.90
CA LEU E 393 8.15 -46.55 -1.98
C LEU E 393 9.52 -46.13 -1.47
N TYR E 394 9.54 -45.10 -0.63
CA TYR E 394 10.78 -44.57 -0.07
C TYR E 394 10.51 -43.99 1.30
N ASP E 395 11.44 -44.18 2.22
CA ASP E 395 11.37 -43.57 3.55
C ASP E 395 12.03 -42.20 3.49
N ARG E 404 22.56 -37.85 -3.04
CA ARG E 404 21.91 -38.78 -2.12
C ARG E 404 20.54 -39.19 -2.64
N LEU E 405 19.59 -38.25 -2.59
CA LEU E 405 18.26 -38.51 -3.13
C LEU E 405 18.29 -38.66 -4.64
N LEU E 406 19.19 -37.92 -5.32
CA LEU E 406 19.34 -38.11 -6.76
C LEU E 406 19.97 -39.45 -7.08
N ALA E 407 20.86 -39.96 -6.22
CA ALA E 407 21.39 -41.30 -6.41
C ALA E 407 20.31 -42.35 -6.20
N LYS E 408 19.43 -42.12 -5.21
CA LYS E 408 18.27 -43.01 -5.02
C LYS E 408 17.35 -43.00 -6.23
N LEU E 409 17.12 -41.84 -6.83
CA LEU E 409 16.27 -41.76 -8.01
C LEU E 409 16.92 -42.40 -9.22
N ALA E 410 18.25 -42.26 -9.35
CA ALA E 410 18.97 -42.93 -10.44
C ALA E 410 18.94 -44.44 -10.27
N TYR E 411 19.01 -44.93 -9.03
CA TYR E 411 18.87 -46.36 -8.78
C TYR E 411 17.47 -46.85 -9.10
N MET E 412 16.43 -46.12 -8.67
CA MET E 412 15.04 -46.44 -9.00
C MET E 412 14.80 -46.43 -10.50
N ARG E 413 15.58 -45.63 -11.23
CA ARG E 413 15.40 -45.50 -12.71
C ARG E 413 16.16 -46.60 -13.48
N SER E 414 17.38 -46.94 -13.06
CA SER E 414 18.19 -47.92 -13.79
C SER E 414 17.93 -49.35 -13.31
N GLY E 415 18.08 -49.61 -12.01
CA GLY E 415 17.97 -50.98 -11.56
C GLY E 415 16.55 -51.49 -11.37
N LEU E 416 15.54 -50.66 -11.64
CA LEU E 416 14.16 -51.05 -11.38
C LEU E 416 13.19 -50.80 -12.53
N GLY E 417 13.55 -50.02 -13.54
CA GLY E 417 12.65 -49.84 -14.67
C GLY E 417 11.43 -48.98 -14.39
N CYS E 418 11.59 -47.92 -13.60
CA CYS E 418 10.47 -47.04 -13.30
C CYS E 418 10.18 -46.11 -14.46
N ASP E 419 8.90 -46.00 -14.81
CA ASP E 419 8.44 -45.08 -15.84
C ASP E 419 7.73 -43.85 -15.29
N VAL E 420 7.23 -43.91 -14.05
CA VAL E 420 6.66 -42.76 -13.37
C VAL E 420 7.41 -42.58 -12.06
N ILE E 421 7.92 -41.37 -11.84
CA ILE E 421 8.61 -41.02 -10.60
C ILE E 421 7.91 -39.80 -10.02
N ILE E 422 7.51 -39.88 -8.76
CA ILE E 422 6.78 -38.80 -8.10
C ILE E 422 7.61 -38.33 -6.91
N LEU E 423 7.75 -37.02 -6.75
CA LEU E 423 8.44 -36.41 -5.63
C LEU E 423 7.51 -35.38 -5.00
N ASP E 424 7.05 -35.66 -3.77
CA ASP E 424 5.97 -34.89 -3.18
C ASP E 424 6.43 -33.61 -2.50
N HIS E 425 7.54 -33.63 -1.77
CA HIS E 425 7.95 -32.46 -1.02
C HIS E 425 9.35 -32.05 -1.47
N ILE E 426 9.49 -30.78 -1.86
CA ILE E 426 10.75 -30.24 -2.34
C ILE E 426 11.12 -28.94 -1.62
N SER E 427 10.25 -28.45 -0.73
CA SER E 427 10.49 -27.16 -0.07
C SER E 427 11.67 -27.22 0.90
N ILE E 428 11.91 -28.37 1.54
CA ILE E 428 13.09 -28.52 2.38
C ILE E 428 14.18 -29.32 1.69
N VAL E 429 13.89 -29.93 0.54
CA VAL E 429 14.87 -30.74 -0.16
C VAL E 429 15.71 -29.87 -1.10
N ARG E 439 16.85 -19.97 -2.53
CA ARG E 439 16.69 -19.55 -3.92
C ARG E 439 17.59 -20.38 -4.81
N LYS E 440 18.91 -20.11 -4.72
CA LYS E 440 19.87 -20.81 -5.56
C LYS E 440 19.98 -22.29 -5.17
N MET E 441 19.73 -22.59 -3.89
CA MET E 441 19.72 -23.98 -3.42
C MET E 441 18.57 -24.79 -4.01
N ILE E 442 17.51 -24.11 -4.46
CA ILE E 442 16.37 -24.77 -5.09
C ILE E 442 16.61 -24.76 -6.59
N ASP E 443 17.25 -23.70 -7.09
CA ASP E 443 17.49 -23.58 -8.53
C ASP E 443 18.51 -24.59 -9.02
N ASN E 444 19.56 -24.84 -8.24
CA ASN E 444 20.55 -25.85 -8.61
C ASN E 444 19.94 -27.24 -8.60
N LEU E 445 19.05 -27.50 -7.63
CA LEU E 445 18.35 -28.77 -7.57
C LEU E 445 17.40 -28.95 -8.76
N MET E 446 16.75 -27.86 -9.18
CA MET E 446 15.87 -27.94 -10.35
C MET E 446 16.65 -28.14 -11.64
N THR E 447 17.82 -27.50 -11.77
CA THR E 447 18.70 -27.78 -12.92
C THR E 447 19.16 -29.22 -12.94
N LYS E 448 19.50 -29.76 -11.76
CA LYS E 448 19.94 -31.16 -11.67
C LYS E 448 18.81 -32.12 -12.03
N LEU E 449 17.60 -31.87 -11.53
CA LEU E 449 16.45 -32.69 -11.88
C LEU E 449 16.09 -32.60 -13.37
N LYS E 450 16.19 -31.40 -13.95
CA LYS E 450 15.86 -31.23 -15.36
C LYS E 450 16.87 -31.94 -16.25
N GLY E 451 18.17 -31.83 -15.91
CA GLY E 451 19.19 -32.58 -16.62
C GLY E 451 19.04 -34.08 -16.49
N PHE E 452 18.67 -34.57 -15.29
CA PHE E 452 18.44 -35.99 -15.09
C PHE E 452 17.25 -36.49 -15.91
N ALA E 453 16.18 -35.69 -15.96
CA ALA E 453 15.00 -36.09 -16.73
C ALA E 453 15.28 -36.08 -18.23
N LYS E 454 16.04 -35.09 -18.72
CA LYS E 454 16.41 -35.07 -20.13
C LYS E 454 17.37 -36.19 -20.47
N SER E 455 18.24 -36.60 -19.53
CA SER E 455 19.18 -37.67 -19.80
C SER E 455 18.49 -39.04 -19.78
N THR E 456 17.49 -39.21 -18.91
CA THR E 456 16.85 -40.51 -18.82
C THR E 456 15.66 -40.66 -19.76
N GLY E 457 14.65 -39.81 -19.64
CA GLY E 457 13.43 -40.03 -20.39
C GLY E 457 12.34 -40.72 -19.58
N VAL E 458 12.08 -40.21 -18.39
CA VAL E 458 11.09 -40.80 -17.48
C VAL E 458 10.04 -39.74 -17.19
N VAL E 459 8.78 -40.19 -17.00
CA VAL E 459 7.74 -39.28 -16.56
C VAL E 459 7.99 -38.91 -15.11
N LEU E 460 8.05 -37.61 -14.83
CA LEU E 460 8.38 -37.10 -13.51
C LEU E 460 7.31 -36.10 -13.07
N VAL E 461 6.81 -36.27 -11.85
CA VAL E 461 5.89 -35.31 -11.25
C VAL E 461 6.51 -34.81 -9.96
N VAL E 462 6.61 -33.49 -9.83
CA VAL E 462 7.24 -32.83 -8.68
C VAL E 462 6.22 -31.85 -8.11
N ILE E 463 6.07 -31.83 -6.79
CA ILE E 463 5.08 -30.96 -6.15
C ILE E 463 5.78 -29.96 -5.22
N CYS E 464 5.40 -28.68 -5.36
CA CYS E 464 5.74 -27.64 -4.39
C CYS E 464 4.49 -26.80 -4.12
N HIS E 465 4.60 -25.88 -3.16
CA HIS E 465 3.44 -25.06 -2.72
C HIS E 465 3.42 -23.68 -3.38
N LEU E 466 2.49 -22.85 -2.94
CA LEU E 466 2.26 -21.49 -3.42
C LEU E 466 2.66 -20.49 -2.35
N LYS E 467 2.83 -19.24 -2.77
CA LYS E 467 3.22 -18.21 -1.82
C LYS E 467 2.00 -17.53 -1.21
N ASN E 468 2.25 -16.72 -0.18
CA ASN E 468 1.20 -16.06 0.57
C ASN E 468 0.66 -14.88 -0.23
N PRO E 469 -0.63 -14.83 -0.55
CA PRO E 469 -1.17 -13.64 -1.21
C PRO E 469 -1.24 -12.46 -0.26
N ASP E 470 -1.14 -11.25 -0.82
CA ASP E 470 -1.04 -10.05 -0.01
C ASP E 470 -2.37 -9.38 0.29
N LYS E 471 -3.26 -9.26 -0.70
CA LYS E 471 -4.47 -8.46 -0.54
C LYS E 471 -5.66 -9.25 -1.07
N GLY E 472 -6.73 -9.25 -0.31
CA GLY E 472 -7.94 -9.96 -0.67
C GLY E 472 -8.05 -11.30 0.01
N LYS E 473 -8.70 -12.23 -0.69
CA LYS E 473 -8.88 -13.58 -0.18
C LYS E 473 -7.62 -14.39 -0.47
N ALA E 474 -7.54 -15.59 0.09
CA ALA E 474 -6.44 -16.49 -0.17
C ALA E 474 -6.82 -17.51 -1.23
N HIS E 475 -5.88 -18.40 -1.54
CA HIS E 475 -6.14 -19.45 -2.51
C HIS E 475 -7.15 -20.46 -1.99
N GLU E 476 -7.28 -20.56 -0.65
CA GLU E 476 -8.22 -21.49 -0.05
C GLU E 476 -9.66 -20.98 -0.05
N GLU E 477 -9.89 -19.77 -0.56
CA GLU E 477 -11.23 -19.20 -0.64
C GLU E 477 -11.58 -18.72 -2.05
N GLY E 478 -11.06 -19.40 -3.08
CA GLY E 478 -11.47 -19.10 -4.43
C GLY E 478 -10.68 -18.05 -5.16
N ARG E 479 -9.39 -17.92 -4.89
CA ARG E 479 -8.59 -16.98 -5.66
C ARG E 479 -7.86 -17.72 -6.78
N PRO E 480 -7.90 -17.23 -8.01
CA PRO E 480 -7.21 -17.93 -9.10
C PRO E 480 -5.70 -17.83 -8.99
N VAL E 481 -5.05 -18.95 -9.21
CA VAL E 481 -3.61 -19.08 -9.03
C VAL E 481 -2.92 -18.62 -10.30
N SER E 482 -1.94 -17.74 -10.15
CA SER E 482 -1.11 -17.29 -11.26
C SER E 482 0.24 -17.99 -11.22
N ILE E 483 0.98 -17.87 -12.33
CA ILE E 483 2.27 -18.55 -12.46
C ILE E 483 3.35 -17.81 -11.66
N THR E 484 3.08 -16.58 -11.25
CA THR E 484 4.02 -15.85 -10.40
C THR E 484 4.14 -16.48 -9.01
N ASP E 485 3.02 -16.97 -8.46
CA ASP E 485 2.98 -17.47 -7.09
C ASP E 485 3.65 -18.82 -6.92
N LEU E 486 4.98 -18.87 -6.97
CA LEU E 486 5.72 -20.07 -6.63
C LEU E 486 6.84 -19.70 -5.68
N ARG E 487 6.94 -20.40 -4.56
CA ARG E 487 7.91 -20.06 -3.54
C ARG E 487 9.33 -20.44 -3.98
N GLY E 488 10.31 -19.95 -3.23
CA GLY E 488 11.69 -20.27 -3.51
C GLY E 488 12.33 -19.37 -4.54
N SER E 489 11.97 -19.53 -5.81
CA SER E 489 12.57 -18.76 -6.89
C SER E 489 11.64 -18.78 -8.09
N GLY E 490 12.12 -18.28 -9.21
CA GLY E 490 11.35 -18.20 -10.44
C GLY E 490 11.77 -19.15 -11.54
N ALA E 491 12.75 -20.01 -11.30
CA ALA E 491 13.12 -21.01 -12.30
C ALA E 491 12.17 -22.20 -12.31
N LEU E 492 11.26 -22.28 -11.34
CA LEU E 492 10.34 -23.42 -11.27
C LEU E 492 9.35 -23.42 -12.42
N ARG E 493 9.03 -22.25 -12.97
CA ARG E 493 8.18 -22.17 -14.15
C ARG E 493 8.95 -22.19 -15.45
N GLN E 494 10.25 -21.91 -15.42
CA GLN E 494 11.07 -21.87 -16.63
C GLN E 494 11.74 -23.20 -16.94
N LEU E 495 11.89 -24.06 -15.93
CA LEU E 495 12.50 -25.36 -16.13
C LEU E 495 11.50 -26.50 -15.97
N SER E 496 10.21 -26.21 -16.05
CA SER E 496 9.17 -27.21 -16.04
C SER E 496 8.50 -27.26 -17.41
N ASP E 497 7.50 -28.14 -17.54
CA ASP E 497 6.82 -28.32 -18.80
C ASP E 497 5.31 -28.17 -18.73
N THR E 498 4.69 -28.39 -17.57
CA THR E 498 3.28 -28.08 -17.37
C THR E 498 3.02 -27.85 -15.89
N ILE E 499 2.01 -27.03 -15.61
CA ILE E 499 1.64 -26.63 -14.25
C ILE E 499 0.12 -26.72 -14.12
N ILE E 500 -0.35 -27.45 -13.11
CA ILE E 500 -1.77 -27.64 -12.84
C ILE E 500 -2.06 -27.10 -11.44
N ALA E 501 -3.12 -26.32 -11.31
CA ALA E 501 -3.52 -25.74 -10.03
C ALA E 501 -4.96 -26.07 -9.72
N LEU E 502 -5.29 -26.06 -8.43
CA LEU E 502 -6.64 -26.36 -7.94
C LEU E 502 -7.09 -25.22 -7.04
N GLU E 503 -8.38 -24.87 -7.12
CA GLU E 503 -8.95 -23.81 -6.29
C GLU E 503 -10.31 -24.26 -5.78
N ARG E 504 -10.51 -24.21 -4.47
CA ARG E 504 -11.83 -24.47 -3.93
C ARG E 504 -12.08 -23.57 -2.73
N ASN E 505 -13.35 -23.42 -2.37
CA ASN E 505 -13.76 -22.59 -1.24
C ASN E 505 -13.75 -23.46 0.01
N GLN E 506 -12.70 -23.34 0.82
CA GLN E 506 -12.56 -24.22 1.98
C GLN E 506 -13.42 -23.75 3.15
N GLN E 507 -13.49 -22.44 3.36
CA GLN E 507 -14.47 -21.85 4.28
C GLN E 507 -15.71 -21.36 3.53
N GLY E 508 -16.43 -22.28 2.91
CA GLY E 508 -17.60 -21.90 2.15
C GLY E 508 -18.74 -22.89 2.20
N ASP E 509 -19.65 -22.79 1.22
CA ASP E 509 -20.78 -23.71 1.17
C ASP E 509 -20.38 -25.07 0.63
N MET E 510 -19.51 -25.09 -0.37
CA MET E 510 -19.05 -26.33 -0.98
C MET E 510 -17.55 -26.44 -0.81
N PRO E 511 -17.06 -27.09 0.25
CA PRO E 511 -15.63 -27.42 0.34
C PRO E 511 -15.22 -28.65 -0.48
N ASN E 512 -16.15 -29.24 -1.21
CA ASN E 512 -15.91 -30.44 -2.01
C ASN E 512 -16.21 -30.16 -3.48
N LEU E 513 -15.73 -29.03 -3.99
CA LEU E 513 -15.89 -28.72 -5.41
C LEU E 513 -14.70 -27.86 -5.83
N VAL E 514 -13.70 -28.49 -6.40
CA VAL E 514 -12.51 -27.77 -6.86
C VAL E 514 -12.76 -27.27 -8.28
N LEU E 515 -11.91 -26.34 -8.69
CA LEU E 515 -11.77 -25.94 -10.08
C LEU E 515 -10.32 -26.20 -10.46
N VAL E 516 -10.12 -26.77 -11.64
CA VAL E 516 -8.80 -27.16 -12.12
C VAL E 516 -8.37 -26.14 -13.16
N ARG E 517 -7.12 -25.70 -13.10
CA ARG E 517 -6.61 -24.68 -14.01
C ARG E 517 -5.26 -25.12 -14.55
N ILE E 518 -5.16 -25.22 -15.87
CA ILE E 518 -3.89 -25.42 -16.56
C ILE E 518 -3.24 -24.06 -16.70
N LEU E 519 -1.96 -23.95 -16.34
CA LEU E 519 -1.27 -22.68 -16.42
C LEU E 519 -0.18 -22.65 -17.49
N LYS E 520 0.28 -23.81 -17.95
CA LYS E 520 1.38 -23.88 -18.90
C LYS E 520 1.39 -25.27 -19.52
N CYS E 521 1.70 -25.32 -20.82
CA CYS E 521 1.90 -26.59 -21.52
C CYS E 521 2.70 -26.29 -22.78
N ARG E 522 3.96 -26.74 -22.82
CA ARG E 522 4.86 -26.37 -23.93
C ARG E 522 4.48 -27.04 -25.24
N PHE E 523 3.77 -28.16 -25.19
CA PHE E 523 3.37 -28.82 -26.43
C PHE E 523 2.07 -28.23 -26.98
N THR E 524 1.07 -28.01 -26.13
CA THR E 524 -0.23 -27.57 -26.60
C THR E 524 -0.43 -26.07 -26.49
N GLY E 525 -0.30 -25.49 -25.29
CA GLY E 525 -0.58 -24.08 -25.11
C GLY E 525 -1.97 -23.78 -24.56
N ASP E 526 -2.92 -24.70 -24.68
CA ASP E 526 -4.27 -24.46 -24.20
C ASP E 526 -4.32 -24.46 -22.68
N THR E 527 -4.45 -23.27 -22.11
CA THR E 527 -4.47 -23.06 -20.67
C THR E 527 -5.82 -22.52 -20.25
N GLY E 528 -6.06 -22.48 -18.94
CA GLY E 528 -7.30 -21.98 -18.41
C GLY E 528 -8.07 -22.99 -17.59
N ILE E 529 -9.39 -22.85 -17.55
CA ILE E 529 -10.26 -23.78 -16.84
C ILE E 529 -10.21 -25.13 -17.54
N ALA E 530 -9.99 -26.20 -16.76
CA ALA E 530 -9.97 -27.55 -17.31
C ALA E 530 -11.23 -28.32 -16.94
N GLY E 531 -11.56 -28.41 -15.66
CA GLY E 531 -12.71 -29.18 -15.25
C GLY E 531 -13.04 -28.99 -13.79
N TYR E 532 -13.90 -29.87 -13.30
CA TYR E 532 -14.39 -29.81 -11.93
C TYR E 532 -14.41 -31.20 -11.32
N MET E 533 -14.02 -31.30 -10.05
CA MET E 533 -14.02 -32.55 -9.32
C MET E 533 -14.66 -32.37 -7.97
N GLU E 534 -15.58 -33.26 -7.61
CA GLU E 534 -16.06 -33.35 -6.25
C GLU E 534 -15.40 -34.55 -5.57
N TYR E 535 -15.26 -34.47 -4.26
CA TYR E 535 -14.40 -35.42 -3.57
C TYR E 535 -15.07 -36.75 -3.30
N ASN E 536 -16.41 -36.79 -3.27
CA ASN E 536 -17.23 -37.99 -3.05
C ASN E 536 -16.87 -38.63 -1.71
N LYS E 537 -17.12 -37.85 -0.65
CA LYS E 537 -16.78 -38.13 0.78
C LYS E 537 -16.93 -39.61 1.16
N GLU E 538 -17.97 -40.29 0.69
CA GLU E 538 -18.20 -41.66 1.12
C GLU E 538 -17.06 -42.57 0.69
N THR E 539 -16.56 -42.37 -0.53
CA THR E 539 -15.53 -43.24 -1.09
C THR E 539 -14.14 -42.63 -1.05
N GLY E 540 -13.97 -41.41 -1.56
CA GLY E 540 -12.67 -40.78 -1.64
C GLY E 540 -12.14 -40.59 -3.04
N TRP E 541 -12.94 -40.89 -4.06
CA TRP E 541 -12.54 -40.71 -5.45
C TRP E 541 -12.93 -39.33 -5.93
N LEU E 542 -11.98 -38.60 -6.51
CA LEU E 542 -12.26 -37.32 -7.14
C LEU E 542 -13.04 -37.58 -8.42
N GLU E 543 -14.35 -37.32 -8.40
CA GLU E 543 -15.15 -37.63 -9.56
C GLU E 543 -15.72 -36.36 -10.20
N PRO E 544 -15.79 -36.32 -11.53
CA PRO E 544 -16.30 -35.11 -12.19
C PRO E 544 -17.82 -35.13 -12.32
N SER E 545 -18.39 -33.93 -12.38
CA SER E 545 -19.83 -33.74 -12.59
C SER E 545 -20.11 -32.46 -13.36
N GLY F 264 21.76 14.77 -28.45
CA GLY F 264 20.32 14.64 -28.28
C GLY F 264 19.57 15.94 -28.46
N VAL F 265 20.31 17.05 -28.37
CA VAL F 265 19.75 18.39 -28.52
C VAL F 265 19.69 18.70 -30.01
N VAL F 266 18.49 19.02 -30.49
CA VAL F 266 18.26 19.25 -31.92
C VAL F 266 17.98 20.73 -32.16
N SER F 267 18.88 21.39 -32.88
CA SER F 267 18.65 22.78 -33.24
C SER F 267 17.70 22.85 -34.44
N ALA F 268 17.32 24.08 -34.80
CA ALA F 268 16.46 24.29 -35.96
C ALA F 268 17.25 24.54 -37.24
N LEU F 269 18.58 24.71 -37.14
CA LEU F 269 19.41 24.91 -38.33
C LEU F 269 19.68 23.60 -39.06
N SER F 270 19.73 22.48 -38.34
CA SER F 270 20.00 21.19 -38.96
C SER F 270 18.77 20.54 -39.57
N LEU F 271 17.64 21.25 -39.63
CA LEU F 271 16.44 20.80 -40.32
C LEU F 271 16.30 21.51 -41.67
N ARG F 272 17.43 21.70 -42.35
CA ARG F 272 17.43 22.39 -43.63
C ARG F 272 16.79 21.54 -44.73
N GLU F 273 17.15 20.26 -44.79
CA GLU F 273 16.61 19.34 -45.77
C GLU F 273 15.72 18.26 -45.15
N ARG F 274 15.86 18.00 -43.85
CA ARG F 274 15.21 16.86 -43.20
C ARG F 274 13.70 17.00 -43.06
N ILE F 275 13.18 18.22 -43.14
CA ILE F 275 11.74 18.43 -43.17
C ILE F 275 11.25 18.02 -44.56
N ARG F 276 12.08 18.31 -45.58
CA ARG F 276 11.85 17.83 -46.93
C ARG F 276 11.88 16.30 -46.98
N GLU F 277 12.67 15.67 -46.12
CA GLU F 277 12.67 14.22 -45.96
C GLU F 277 11.31 13.72 -45.49
N HIS F 278 10.59 14.52 -44.69
CA HIS F 278 9.24 14.12 -44.29
C HIS F 278 8.25 14.33 -45.42
N LEU F 279 8.62 15.11 -46.43
CA LEU F 279 7.70 15.40 -47.52
C LEU F 279 7.62 14.29 -48.55
N SER F 280 8.42 13.23 -48.40
CA SER F 280 8.36 12.09 -49.30
C SER F 280 7.21 11.16 -48.93
N VAL F 285 2.66 10.47 -45.98
CA VAL F 285 1.55 9.97 -46.80
C VAL F 285 0.80 8.88 -46.05
N GLY F 286 -0.50 9.11 -45.83
CA GLY F 286 -1.29 8.24 -44.99
C GLY F 286 -1.67 6.93 -45.67
N LEU F 287 -2.35 6.09 -44.88
CA LEU F 287 -2.83 4.79 -45.34
C LEU F 287 -4.32 4.69 -45.02
N LEU F 288 -5.11 4.32 -46.03
CA LEU F 288 -6.55 4.50 -45.99
C LEU F 288 -7.22 3.47 -45.08
N PHE F 289 -8.54 3.60 -44.96
CA PHE F 289 -9.40 2.66 -44.26
C PHE F 289 -10.43 2.11 -45.23
N SER F 290 -11.14 1.07 -44.82
CA SER F 290 -12.10 0.40 -45.69
C SER F 290 -13.35 0.07 -44.88
N GLY F 291 -14.32 -0.54 -45.55
CA GLY F 291 -15.56 -0.95 -44.89
C GLY F 291 -16.58 0.13 -44.68
N CYS F 292 -16.21 1.21 -43.98
CA CYS F 292 -17.08 2.35 -43.79
C CYS F 292 -16.31 3.60 -44.19
N THR F 293 -16.89 4.40 -45.09
CA THR F 293 -16.22 5.57 -45.63
C THR F 293 -16.20 6.74 -44.67
N GLY F 294 -16.95 6.68 -43.57
CA GLY F 294 -16.94 7.76 -42.59
C GLY F 294 -15.70 7.80 -41.73
N ILE F 295 -14.83 6.80 -41.82
CA ILE F 295 -13.58 6.79 -41.08
C ILE F 295 -12.52 7.66 -41.76
N ASN F 296 -12.40 7.58 -43.09
CA ASN F 296 -11.44 8.40 -43.83
C ASN F 296 -11.90 9.84 -44.01
N ASP F 297 -13.17 10.15 -43.70
CA ASP F 297 -13.65 11.51 -43.87
C ASP F 297 -13.09 12.43 -42.81
N LYS F 298 -12.94 11.93 -41.59
CA LYS F 298 -12.58 12.76 -40.44
C LYS F 298 -11.34 12.27 -39.71
N THR F 299 -10.58 11.35 -40.31
CA THR F 299 -9.30 10.94 -39.74
C THR F 299 -8.24 10.98 -40.84
N LEU F 300 -8.67 10.69 -42.08
CA LEU F 300 -7.86 10.71 -43.30
C LEU F 300 -6.69 9.73 -43.27
N GLY F 301 -6.74 8.71 -42.42
CA GLY F 301 -5.73 7.67 -42.46
C GLY F 301 -4.81 7.59 -41.26
N ALA F 302 -3.58 7.11 -41.49
CA ALA F 302 -2.62 6.87 -40.43
C ALA F 302 -1.23 6.81 -41.04
N ARG F 303 -0.30 7.60 -40.51
CA ARG F 303 1.08 7.57 -40.96
C ARG F 303 1.93 6.81 -39.93
N GLY F 304 3.24 6.86 -40.10
CA GLY F 304 4.13 6.31 -39.10
C GLY F 304 4.10 7.12 -37.81
N GLY F 305 4.13 6.41 -36.69
CA GLY F 305 4.00 7.04 -35.40
C GLY F 305 2.58 7.15 -34.91
N GLU F 306 1.67 6.37 -35.50
CA GLU F 306 0.22 6.48 -35.13
C GLU F 306 -0.26 5.21 -34.42
N VAL F 307 -0.96 5.38 -33.30
CA VAL F 307 -1.54 4.28 -32.54
C VAL F 307 -3.05 4.42 -32.62
N ILE F 308 -3.71 3.38 -33.11
CA ILE F 308 -5.16 3.34 -33.24
C ILE F 308 -5.71 2.33 -32.25
N MET F 309 -6.35 2.84 -31.20
CA MET F 309 -7.07 2.00 -30.26
C MET F 309 -8.42 1.68 -30.86
N VAL F 310 -8.75 0.40 -30.97
CA VAL F 310 -10.03 -0.07 -31.48
C VAL F 310 -10.66 -0.91 -30.40
N THR F 311 -11.88 -0.54 -29.99
CA THR F 311 -12.45 -1.25 -28.85
C THR F 311 -13.97 -1.33 -28.94
N SER F 312 -14.51 -2.29 -28.20
CA SER F 312 -15.91 -2.45 -27.85
C SER F 312 -15.94 -3.29 -26.58
N GLY F 313 -17.09 -3.86 -26.27
CA GLY F 313 -17.19 -4.78 -25.15
C GLY F 313 -16.39 -6.06 -25.39
N SER F 314 -16.24 -6.84 -24.31
CA SER F 314 -15.47 -8.07 -24.36
C SER F 314 -16.28 -9.12 -25.12
N GLY F 315 -16.03 -9.24 -26.41
CA GLY F 315 -16.76 -10.16 -27.26
C GLY F 315 -17.86 -9.53 -28.09
N MET F 316 -17.83 -8.22 -28.30
CA MET F 316 -18.83 -7.54 -29.10
C MET F 316 -18.39 -7.34 -30.55
N GLY F 317 -17.40 -8.09 -31.01
CA GLY F 317 -16.98 -8.01 -32.39
C GLY F 317 -15.89 -7.00 -32.65
N LYS F 318 -14.81 -7.06 -31.86
CA LYS F 318 -13.63 -6.26 -32.15
C LYS F 318 -12.87 -6.84 -33.34
N SER F 319 -12.53 -8.14 -33.24
CA SER F 319 -11.73 -8.80 -34.27
C SER F 319 -12.47 -8.95 -35.58
N THR F 320 -13.81 -8.97 -35.54
CA THR F 320 -14.64 -9.04 -36.75
C THR F 320 -14.38 -7.84 -37.67
N PHE F 321 -14.18 -6.66 -37.08
CA PHE F 321 -13.85 -5.48 -37.86
C PHE F 321 -12.34 -5.31 -38.06
N VAL F 322 -11.54 -5.67 -37.05
CA VAL F 322 -10.09 -5.45 -37.13
C VAL F 322 -9.46 -6.34 -38.20
N ARG F 323 -9.80 -7.63 -38.19
CA ARG F 323 -9.25 -8.54 -39.19
C ARG F 323 -9.83 -8.26 -40.57
N GLN F 324 -11.04 -7.69 -40.64
CA GLN F 324 -11.59 -7.26 -41.93
C GLN F 324 -10.80 -6.11 -42.52
N GLN F 325 -10.42 -5.13 -41.68
CA GLN F 325 -9.56 -4.05 -42.13
C GLN F 325 -8.17 -4.56 -42.50
N ALA F 326 -7.66 -5.54 -41.74
CA ALA F 326 -6.36 -6.13 -42.03
C ALA F 326 -6.40 -6.91 -43.35
N LEU F 327 -7.56 -7.48 -43.67
CA LEU F 327 -7.76 -8.18 -44.93
C LEU F 327 -7.81 -7.19 -46.09
N GLN F 328 -8.54 -6.09 -45.91
CA GLN F 328 -8.65 -5.10 -46.97
C GLN F 328 -7.37 -4.28 -47.16
N TRP F 329 -6.46 -4.32 -46.19
CA TRP F 329 -5.18 -3.64 -46.32
C TRP F 329 -4.10 -4.53 -46.92
N GLY F 330 -4.23 -5.85 -46.81
CA GLY F 330 -3.17 -6.75 -47.21
C GLY F 330 -3.28 -7.28 -48.62
N THR F 331 -4.45 -7.80 -49.00
CA THR F 331 -4.63 -8.39 -50.32
C THR F 331 -5.23 -7.42 -51.32
N ALA F 332 -5.71 -6.26 -50.89
CA ALA F 332 -6.37 -5.31 -51.78
C ALA F 332 -5.58 -4.05 -52.02
N MET F 333 -4.77 -3.60 -51.06
CA MET F 333 -3.98 -2.39 -51.22
C MET F 333 -2.48 -2.64 -51.12
N GLY F 334 -2.06 -3.90 -51.00
CA GLY F 334 -0.66 -4.26 -51.06
C GLY F 334 0.15 -3.97 -49.82
N LYS F 335 -0.46 -3.46 -48.75
CA LYS F 335 0.29 -3.12 -47.55
C LYS F 335 0.60 -4.39 -46.77
N LYS F 336 1.77 -4.40 -46.14
CA LYS F 336 2.34 -5.62 -45.57
C LYS F 336 1.85 -5.76 -44.13
N VAL F 337 0.64 -6.32 -44.00
CA VAL F 337 -0.03 -6.39 -42.72
C VAL F 337 0.57 -7.50 -41.87
N GLY F 338 0.85 -7.22 -40.61
CA GLY F 338 1.33 -8.23 -39.69
C GLY F 338 0.51 -8.28 -38.41
N LEU F 339 -0.10 -9.42 -38.14
CA LEU F 339 -0.86 -9.57 -36.91
C LEU F 339 -0.01 -10.22 -35.84
N ALA F 340 -0.37 -9.99 -34.59
CA ALA F 340 0.30 -10.59 -33.44
C ALA F 340 -0.74 -11.13 -32.48
N MET F 341 -1.68 -11.91 -33.01
CA MET F 341 -2.74 -12.54 -32.23
C MET F 341 -2.18 -13.47 -31.16
N LEU F 342 -2.37 -13.09 -29.90
CA LEU F 342 -1.83 -13.84 -28.76
C LEU F 342 -2.89 -14.63 -28.02
N GLN F 343 -4.13 -14.64 -28.51
CA GLN F 343 -5.11 -15.58 -27.97
C GLN F 343 -4.86 -16.99 -28.51
N GLU F 344 -4.40 -17.10 -29.75
CA GLU F 344 -4.16 -18.39 -30.40
C GLU F 344 -2.81 -18.41 -31.10
N SER F 345 -2.48 -19.54 -31.72
CA SER F 345 -1.19 -19.74 -32.37
C SER F 345 -1.28 -19.32 -33.83
N VAL F 346 -0.28 -19.70 -34.63
CA VAL F 346 -0.13 -19.24 -36.01
C VAL F 346 -1.20 -19.84 -36.92
N GLU F 347 -1.40 -21.16 -36.81
CA GLU F 347 -2.22 -21.89 -37.77
C GLU F 347 -3.69 -21.54 -37.68
N GLU F 348 -4.19 -21.29 -36.45
CA GLU F 348 -5.59 -20.99 -36.25
C GLU F 348 -5.97 -19.65 -36.87
N THR F 349 -5.18 -18.61 -36.62
CA THR F 349 -5.50 -17.32 -37.21
C THR F 349 -5.15 -17.25 -38.69
N ALA F 350 -4.22 -18.08 -39.18
CA ALA F 350 -3.99 -18.18 -40.62
C ALA F 350 -5.21 -18.78 -41.33
N GLU F 351 -5.75 -19.86 -40.76
CA GLU F 351 -6.99 -20.42 -41.30
C GLU F 351 -8.17 -19.48 -41.10
N ASP F 352 -8.14 -18.63 -40.07
CA ASP F 352 -9.15 -17.59 -39.93
C ASP F 352 -9.07 -16.57 -41.06
N LEU F 353 -7.85 -16.19 -41.45
CA LEU F 353 -7.67 -15.30 -42.59
C LEU F 353 -8.18 -15.93 -43.88
N ILE F 354 -7.89 -17.22 -44.09
CA ILE F 354 -8.36 -17.91 -45.29
C ILE F 354 -9.89 -18.01 -45.32
N GLY F 355 -10.48 -18.49 -44.23
CA GLY F 355 -11.92 -18.66 -44.18
C GLY F 355 -12.69 -17.35 -44.15
N LEU F 356 -12.05 -16.27 -43.71
CA LEU F 356 -12.69 -14.96 -43.78
C LEU F 356 -12.59 -14.36 -45.17
N HIS F 357 -11.46 -14.57 -45.86
CA HIS F 357 -11.32 -14.06 -47.21
C HIS F 357 -12.19 -14.82 -48.20
N ASN F 358 -12.49 -16.09 -47.93
CA ASN F 358 -13.32 -16.88 -48.82
C ASN F 358 -14.79 -16.90 -48.39
N ARG F 359 -15.20 -15.92 -47.57
CA ARG F 359 -16.60 -15.53 -47.36
C ARG F 359 -17.47 -16.60 -46.72
N VAL F 360 -16.88 -17.61 -46.07
CA VAL F 360 -17.68 -18.68 -45.49
C VAL F 360 -17.39 -18.77 -43.99
N ARG F 361 -18.37 -19.32 -43.27
CA ARG F 361 -18.22 -19.58 -41.84
C ARG F 361 -17.36 -20.83 -41.69
N LEU F 362 -16.06 -20.63 -41.47
CA LEU F 362 -15.13 -21.75 -41.50
C LEU F 362 -15.19 -22.58 -40.23
N ARG F 363 -14.89 -21.98 -39.08
CA ARG F 363 -14.71 -22.74 -37.85
C ARG F 363 -15.99 -22.89 -37.06
N GLN F 364 -17.14 -22.95 -37.73
CA GLN F 364 -18.43 -23.05 -37.07
C GLN F 364 -19.28 -24.23 -37.52
N SER F 365 -18.86 -24.97 -38.55
CA SER F 365 -19.65 -26.10 -39.06
C SER F 365 -18.70 -27.20 -39.50
N ASP F 366 -18.90 -28.41 -38.96
CA ASP F 366 -18.07 -29.55 -39.32
C ASP F 366 -18.37 -30.06 -40.72
N SER F 367 -19.58 -29.80 -41.24
CA SER F 367 -19.96 -30.29 -42.57
C SER F 367 -19.16 -29.61 -43.66
N LEU F 368 -19.03 -28.28 -43.58
CA LEU F 368 -18.28 -27.54 -44.58
C LEU F 368 -16.78 -27.80 -44.47
N LYS F 369 -16.26 -27.96 -43.25
CA LYS F 369 -14.85 -28.30 -43.06
C LYS F 369 -14.55 -29.70 -43.57
N ARG F 370 -15.51 -30.61 -43.43
CA ARG F 370 -15.39 -31.93 -44.03
C ARG F 370 -15.42 -31.85 -45.55
N GLU F 371 -16.25 -30.97 -46.10
CA GLU F 371 -16.48 -30.92 -47.53
C GLU F 371 -15.36 -30.21 -48.28
N ILE F 372 -14.68 -29.25 -47.67
CA ILE F 372 -13.66 -28.48 -48.40
C ILE F 372 -12.28 -29.13 -48.41
N ILE F 373 -12.03 -30.14 -47.58
CA ILE F 373 -10.68 -30.66 -47.48
C ILE F 373 -10.36 -31.63 -48.61
N GLU F 374 -11.36 -32.31 -49.17
CA GLU F 374 -11.11 -33.38 -50.14
C GLU F 374 -11.25 -32.94 -51.58
N ASN F 375 -12.08 -31.94 -51.86
CA ASN F 375 -12.37 -31.54 -53.24
C ASN F 375 -11.34 -30.56 -53.83
N GLY F 376 -10.18 -30.41 -53.20
CA GLY F 376 -9.09 -29.68 -53.80
C GLY F 376 -9.24 -28.18 -53.83
N LYS F 377 -10.16 -27.61 -53.05
CA LYS F 377 -10.34 -26.17 -52.99
C LYS F 377 -9.56 -25.54 -51.83
N PHE F 378 -8.61 -26.28 -51.25
CA PHE F 378 -7.76 -25.72 -50.22
C PHE F 378 -6.56 -24.99 -50.80
N ASP F 379 -5.83 -25.65 -51.70
CA ASP F 379 -4.64 -25.04 -52.29
C ASP F 379 -4.99 -24.14 -53.48
N GLN F 380 -6.28 -23.95 -53.75
CA GLN F 380 -6.74 -22.89 -54.64
C GLN F 380 -6.82 -21.59 -53.87
N TRP F 381 -6.63 -21.64 -52.56
CA TRP F 381 -6.79 -20.51 -51.68
C TRP F 381 -5.50 -20.08 -50.98
N PHE F 382 -4.43 -20.85 -51.07
CA PHE F 382 -3.19 -20.47 -50.41
C PHE F 382 -2.35 -19.53 -51.27
N ASP F 383 -2.26 -19.82 -52.56
CA ASP F 383 -1.40 -19.04 -53.45
C ASP F 383 -1.98 -17.67 -53.76
N GLU F 384 -3.26 -17.45 -53.52
CA GLU F 384 -3.88 -16.15 -53.76
C GLU F 384 -3.77 -15.20 -52.58
N LEU F 385 -3.47 -15.72 -51.38
CA LEU F 385 -3.35 -14.90 -50.18
C LEU F 385 -1.94 -14.90 -49.62
N PHE F 386 -1.39 -16.07 -49.31
CA PHE F 386 -0.18 -16.17 -48.51
C PHE F 386 1.05 -16.45 -49.35
N GLY F 387 0.95 -16.37 -50.68
CA GLY F 387 2.06 -16.74 -51.53
C GLY F 387 3.13 -15.67 -51.62
N ASN F 388 2.72 -14.39 -51.62
CA ASN F 388 3.65 -13.28 -51.78
C ASN F 388 4.10 -12.69 -50.45
N ASP F 389 4.34 -13.57 -49.48
CA ASP F 389 4.87 -13.28 -48.11
C ASP F 389 4.61 -11.86 -47.59
N THR F 390 3.37 -11.38 -47.59
CA THR F 390 3.03 -10.12 -46.93
C THR F 390 2.54 -10.33 -45.51
N PHE F 391 1.58 -11.24 -45.33
CA PHE F 391 1.01 -11.47 -44.01
C PHE F 391 2.02 -12.17 -43.09
N HIS F 392 2.24 -11.59 -41.91
CA HIS F 392 3.16 -12.16 -40.94
C HIS F 392 2.46 -12.30 -39.59
N LEU F 393 2.98 -13.23 -38.79
CA LEU F 393 2.40 -13.58 -37.50
C LEU F 393 3.53 -13.72 -36.47
N TYR F 394 3.14 -13.97 -35.22
CA TYR F 394 4.06 -14.05 -34.11
C TYR F 394 4.13 -15.48 -33.60
N ASP F 395 5.31 -15.86 -33.09
CA ASP F 395 5.47 -17.18 -32.51
C ASP F 395 4.74 -17.23 -31.17
N SER F 396 3.49 -17.68 -31.19
CA SER F 396 2.66 -17.67 -29.98
C SER F 396 2.93 -18.90 -29.12
N LEU F 406 9.61 -6.45 -28.23
CA LEU F 406 10.73 -5.61 -27.84
C LEU F 406 11.96 -5.95 -28.67
N ALA F 407 12.57 -7.10 -28.36
CA ALA F 407 13.68 -7.60 -29.15
C ALA F 407 13.21 -8.36 -30.38
N LYS F 408 11.92 -8.62 -30.50
CA LYS F 408 11.35 -9.33 -31.63
C LYS F 408 10.62 -8.40 -32.60
N LEU F 409 9.94 -7.38 -32.08
CA LEU F 409 9.24 -6.42 -32.92
C LEU F 409 10.19 -5.47 -33.66
N ALA F 410 11.45 -5.38 -33.24
CA ALA F 410 12.44 -4.64 -34.00
C ALA F 410 12.92 -5.44 -35.21
N TYR F 411 13.11 -6.75 -35.03
CA TYR F 411 13.44 -7.62 -36.15
C TYR F 411 12.25 -7.82 -37.08
N MET F 412 11.03 -7.67 -36.56
CA MET F 412 9.83 -7.73 -37.39
C MET F 412 9.72 -6.52 -38.32
N ARG F 413 10.36 -5.40 -37.97
CA ARG F 413 10.38 -4.21 -38.80
C ARG F 413 11.63 -4.09 -39.67
N SER F 414 12.81 -4.41 -39.12
CA SER F 414 14.04 -4.20 -39.87
C SER F 414 14.25 -5.30 -40.91
N GLY F 415 14.34 -6.56 -40.47
CA GLY F 415 14.65 -7.63 -41.40
C GLY F 415 13.49 -8.00 -42.31
N LEU F 416 12.26 -7.95 -41.78
CA LEU F 416 11.10 -8.29 -42.58
C LEU F 416 10.64 -7.09 -43.41
N GLY F 417 10.24 -6.01 -42.75
CA GLY F 417 9.79 -4.81 -43.42
C GLY F 417 8.32 -4.52 -43.34
N CYS F 418 7.56 -5.25 -42.52
CA CYS F 418 6.12 -5.01 -42.43
C CYS F 418 5.84 -3.75 -41.62
N ASP F 419 4.74 -3.08 -41.98
CA ASP F 419 4.39 -1.81 -41.37
C ASP F 419 3.13 -1.88 -40.53
N VAL F 420 2.00 -2.29 -41.10
CA VAL F 420 0.72 -2.21 -40.39
C VAL F 420 0.66 -3.41 -39.44
N ILE F 421 1.04 -3.19 -38.19
CA ILE F 421 1.11 -4.25 -37.19
C ILE F 421 -0.09 -4.12 -36.27
N ILE F 422 -0.74 -5.23 -35.97
CA ILE F 422 -1.90 -5.26 -35.07
C ILE F 422 -1.57 -6.12 -33.87
N LEU F 423 -1.85 -5.62 -32.67
CA LEU F 423 -1.80 -6.39 -31.44
C LEU F 423 -3.17 -6.36 -30.77
N ASP F 424 -3.63 -7.54 -30.35
CA ASP F 424 -4.98 -7.76 -29.87
C ASP F 424 -4.97 -8.16 -28.40
N HIS F 425 -6.08 -7.86 -27.73
CA HIS F 425 -6.47 -8.43 -26.44
C HIS F 425 -5.44 -8.11 -25.35
N ILE F 426 -5.37 -6.81 -25.01
CA ILE F 426 -4.36 -6.29 -24.11
C ILE F 426 -4.57 -6.74 -22.66
N SER F 427 -5.72 -7.34 -22.34
CA SER F 427 -5.99 -7.82 -20.99
C SER F 427 -5.04 -8.94 -20.59
N ILE F 428 -4.63 -9.78 -21.55
CA ILE F 428 -3.53 -10.71 -21.32
C ILE F 428 -2.20 -10.05 -21.62
N VAL F 429 -2.14 -9.24 -22.68
CA VAL F 429 -0.92 -8.54 -23.06
C VAL F 429 -0.59 -7.44 -22.05
N GLU F 438 -2.62 -3.23 -11.73
CA GLU F 438 -3.31 -3.10 -13.01
C GLU F 438 -3.22 -1.66 -13.53
N ARG F 439 -2.29 -0.89 -12.99
CA ARG F 439 -2.10 0.49 -13.39
C ARG F 439 -0.68 0.79 -13.86
N LYS F 440 0.33 0.25 -13.18
CA LYS F 440 1.71 0.52 -13.58
C LYS F 440 2.10 -0.30 -14.81
N MET F 441 1.61 -1.53 -14.91
CA MET F 441 1.97 -2.40 -16.02
C MET F 441 1.37 -1.90 -17.33
N ILE F 442 0.11 -1.48 -17.30
CA ILE F 442 -0.54 -0.99 -18.51
C ILE F 442 0.04 0.36 -18.95
N ASP F 443 0.47 1.19 -17.99
CA ASP F 443 1.10 2.45 -18.33
C ASP F 443 2.48 2.24 -18.94
N ASN F 444 3.26 1.31 -18.37
CA ASN F 444 4.59 1.03 -18.91
C ASN F 444 4.49 0.38 -20.29
N LEU F 445 3.48 -0.49 -20.48
CA LEU F 445 3.24 -1.11 -21.77
C LEU F 445 2.85 -0.08 -22.82
N MET F 446 1.93 0.82 -22.47
CA MET F 446 1.47 1.82 -23.43
C MET F 446 2.57 2.82 -23.75
N THR F 447 3.42 3.15 -22.78
CA THR F 447 4.54 4.05 -23.03
C THR F 447 5.59 3.40 -23.93
N LYS F 448 5.92 2.13 -23.69
CA LYS F 448 6.87 1.46 -24.56
C LYS F 448 6.32 1.21 -25.96
N LEU F 449 5.00 0.98 -26.09
CA LEU F 449 4.43 0.85 -27.43
C LEU F 449 4.31 2.19 -28.15
N LYS F 450 4.13 3.26 -27.37
CA LYS F 450 4.08 4.64 -27.94
C LYS F 450 5.47 4.94 -28.51
N GLY F 451 6.51 4.62 -27.73
CA GLY F 451 7.89 4.79 -28.17
C GLY F 451 8.27 3.86 -29.30
N PHE F 452 7.60 2.71 -29.40
CA PHE F 452 7.77 1.83 -30.54
C PHE F 452 7.16 2.44 -31.81
N ALA F 453 6.00 3.08 -31.68
CA ALA F 453 5.38 3.73 -32.82
C ALA F 453 6.21 4.93 -33.28
N LYS F 454 6.65 5.75 -32.33
CA LYS F 454 7.47 6.92 -32.64
C LYS F 454 8.86 6.50 -33.11
N SER F 455 9.42 7.32 -34.02
CA SER F 455 10.78 7.20 -34.57
C SER F 455 11.00 5.89 -35.31
N THR F 456 9.95 5.31 -35.86
CA THR F 456 10.07 4.08 -36.63
C THR F 456 9.45 4.19 -38.01
N GLY F 457 8.31 4.85 -38.13
CA GLY F 457 7.54 4.80 -39.36
C GLY F 457 6.71 3.54 -39.42
N VAL F 458 5.82 3.37 -38.44
CA VAL F 458 5.09 2.13 -38.27
C VAL F 458 3.69 2.47 -37.77
N VAL F 459 2.71 1.66 -38.14
CA VAL F 459 1.32 1.85 -37.75
C VAL F 459 0.95 0.69 -36.82
N LEU F 460 0.88 0.97 -35.53
CA LEU F 460 0.66 -0.05 -34.53
C LEU F 460 -0.76 0.09 -33.98
N VAL F 461 -1.65 -0.82 -34.41
CA VAL F 461 -3.05 -0.79 -34.01
C VAL F 461 -3.22 -1.77 -32.84
N VAL F 462 -3.56 -1.23 -31.68
CA VAL F 462 -3.67 -2.00 -30.45
C VAL F 462 -5.13 -2.07 -30.05
N ILE F 463 -5.56 -3.24 -29.58
CA ILE F 463 -6.96 -3.49 -29.23
C ILE F 463 -7.08 -3.62 -27.73
N CYS F 464 -8.12 -3.01 -27.14
CA CYS F 464 -8.35 -3.09 -25.70
C CYS F 464 -9.83 -3.41 -25.48
N HIS F 465 -10.27 -3.25 -24.23
CA HIS F 465 -11.62 -3.65 -23.85
C HIS F 465 -12.33 -2.54 -23.08
N LEU F 466 -13.48 -2.85 -22.49
CA LEU F 466 -14.22 -1.92 -21.66
C LEU F 466 -14.34 -2.47 -20.25
N LYS F 467 -14.62 -1.56 -19.31
CA LYS F 467 -14.82 -1.93 -17.88
C LYS F 467 -16.25 -2.48 -17.73
N ASN F 468 -16.49 -3.29 -16.70
CA ASN F 468 -17.79 -3.90 -16.47
C ASN F 468 -18.78 -2.84 -15.99
N PRO F 469 -20.08 -3.03 -16.29
CA PRO F 469 -21.09 -2.11 -15.77
C PRO F 469 -21.41 -2.35 -14.29
N ALA F 474 -25.09 -1.50 -18.41
CA ALA F 474 -24.92 -2.55 -19.42
C ALA F 474 -24.43 -1.96 -20.73
N HIS F 475 -23.37 -2.54 -21.28
CA HIS F 475 -22.74 -2.06 -22.49
C HIS F 475 -23.20 -2.79 -23.74
N GLU F 476 -24.09 -3.77 -23.62
CA GLU F 476 -24.51 -4.60 -24.73
C GLU F 476 -25.87 -4.20 -25.28
N GLU F 477 -26.42 -3.06 -24.86
CA GLU F 477 -27.75 -2.65 -25.24
C GLU F 477 -27.78 -1.35 -26.03
N GLY F 478 -26.64 -0.87 -26.51
CA GLY F 478 -26.57 0.40 -27.19
C GLY F 478 -26.28 1.58 -26.29
N ARG F 479 -25.61 1.35 -25.16
CA ARG F 479 -25.29 2.43 -24.24
C ARG F 479 -24.20 3.31 -24.84
N PRO F 480 -24.34 4.64 -24.81
CA PRO F 480 -23.33 5.52 -25.43
C PRO F 480 -22.02 5.50 -24.67
N VAL F 481 -20.99 4.96 -25.32
CA VAL F 481 -19.67 4.83 -24.73
C VAL F 481 -18.89 6.14 -24.97
N SER F 482 -18.49 6.77 -23.87
CA SER F 482 -17.68 7.98 -23.94
C SER F 482 -16.21 7.58 -23.93
N ILE F 483 -15.31 8.56 -23.74
CA ILE F 483 -13.89 8.25 -23.66
C ILE F 483 -13.51 7.77 -22.28
N THR F 484 -14.40 7.86 -21.31
CA THR F 484 -14.09 7.47 -19.93
C THR F 484 -14.44 6.02 -19.63
N ASP F 485 -14.99 5.27 -20.58
CA ASP F 485 -15.37 3.89 -20.34
C ASP F 485 -14.22 2.91 -20.55
N LEU F 486 -12.98 3.39 -20.58
CA LEU F 486 -11.82 2.51 -20.60
C LEU F 486 -11.68 1.80 -19.26
N ARG F 487 -10.81 0.79 -19.24
CA ARG F 487 -10.48 0.09 -18.01
C ARG F 487 -8.97 0.04 -17.86
N GLY F 488 -8.52 -0.54 -16.75
CA GLY F 488 -7.10 -0.61 -16.47
C GLY F 488 -6.58 0.68 -15.87
N SER F 489 -6.42 1.71 -16.69
CA SER F 489 -5.96 3.01 -16.23
C SER F 489 -6.46 4.07 -17.19
N GLY F 490 -6.06 5.31 -16.95
CA GLY F 490 -6.29 6.40 -17.86
C GLY F 490 -5.13 6.69 -18.78
N ALA F 491 -4.08 5.86 -18.73
CA ALA F 491 -2.91 6.07 -19.58
C ALA F 491 -3.10 5.54 -20.99
N LEU F 492 -4.23 4.90 -21.28
CA LEU F 492 -4.50 4.43 -22.64
C LEU F 492 -4.85 5.60 -23.54
N ARG F 493 -5.76 6.47 -23.06
CA ARG F 493 -6.25 7.63 -23.86
C ARG F 493 -5.20 8.75 -23.94
N GLN F 494 -4.11 8.66 -23.17
CA GLN F 494 -3.09 9.69 -23.20
C GLN F 494 -2.12 9.53 -24.35
N LEU F 495 -1.94 8.31 -24.85
CA LEU F 495 -1.01 8.04 -25.93
C LEU F 495 -1.67 7.49 -27.18
N SER F 496 -2.95 7.13 -27.13
CA SER F 496 -3.67 6.63 -28.29
C SER F 496 -3.98 7.80 -29.22
N ASP F 497 -3.33 7.82 -30.39
CA ASP F 497 -3.49 8.91 -31.38
C ASP F 497 -4.92 8.89 -31.95
N THR F 498 -5.53 7.72 -32.07
CA THR F 498 -6.88 7.62 -32.61
C THR F 498 -7.63 6.59 -31.79
N ILE F 499 -8.87 6.90 -31.41
CA ILE F 499 -9.68 6.03 -30.59
C ILE F 499 -11.00 5.76 -31.28
N ILE F 500 -11.30 4.48 -31.51
CA ILE F 500 -12.49 4.02 -32.23
C ILE F 500 -13.28 3.12 -31.30
N ALA F 501 -14.56 3.42 -31.12
CA ALA F 501 -15.47 2.60 -30.33
C ALA F 501 -16.52 1.98 -31.23
N LEU F 502 -16.91 0.76 -30.90
CA LEU F 502 -17.90 0.01 -31.66
C LEU F 502 -19.09 -0.29 -30.78
N GLU F 503 -20.29 0.01 -31.27
CA GLU F 503 -21.51 -0.22 -30.51
C GLU F 503 -22.41 -1.17 -31.29
N ARG F 504 -23.16 -2.00 -30.56
CA ARG F 504 -24.19 -2.82 -31.16
C ARG F 504 -25.26 -3.16 -30.13
N ASN F 505 -26.52 -3.15 -30.56
CA ASN F 505 -27.65 -3.44 -29.69
C ASN F 505 -28.16 -4.83 -30.07
N GLN F 506 -27.58 -5.84 -29.42
CA GLN F 506 -27.90 -7.24 -29.70
C GLN F 506 -29.10 -7.76 -28.92
N GLN F 507 -29.89 -6.87 -28.31
CA GLN F 507 -31.01 -7.29 -27.48
C GLN F 507 -32.29 -6.51 -27.76
N GLY F 508 -32.39 -5.84 -28.90
CA GLY F 508 -33.55 -5.00 -29.17
C GLY F 508 -34.47 -5.50 -30.27
N ASP F 509 -34.45 -4.80 -31.41
CA ASP F 509 -35.30 -5.12 -32.55
C ASP F 509 -34.52 -5.74 -33.69
N MET F 510 -33.37 -5.17 -34.03
CA MET F 510 -32.46 -5.77 -35.02
C MET F 510 -31.09 -5.89 -34.38
N PRO F 511 -30.67 -7.11 -34.00
CA PRO F 511 -29.37 -7.28 -33.34
C PRO F 511 -28.19 -7.16 -34.29
N ASN F 512 -28.41 -7.13 -35.60
CA ASN F 512 -27.34 -7.07 -36.59
C ASN F 512 -27.02 -5.66 -37.04
N LEU F 513 -27.27 -4.66 -36.20
CA LEU F 513 -27.05 -3.26 -36.54
C LEU F 513 -25.97 -2.70 -35.62
N VAL F 514 -24.82 -2.33 -36.20
CA VAL F 514 -23.69 -1.84 -35.43
C VAL F 514 -23.44 -0.38 -35.81
N LEU F 515 -22.53 0.25 -35.06
CA LEU F 515 -22.17 1.64 -35.28
C LEU F 515 -20.71 1.85 -34.87
N VAL F 516 -20.05 2.75 -35.59
CA VAL F 516 -18.66 3.12 -35.33
C VAL F 516 -18.62 4.57 -34.88
N ARG F 517 -17.93 4.84 -33.78
CA ARG F 517 -17.84 6.19 -33.21
C ARG F 517 -16.36 6.52 -32.98
N ILE F 518 -15.87 7.53 -33.68
CA ILE F 518 -14.57 8.11 -33.35
C ILE F 518 -14.73 8.89 -32.05
N LEU F 519 -13.88 8.59 -31.07
CA LEU F 519 -13.90 9.31 -29.80
C LEU F 519 -12.78 10.33 -29.67
N LYS F 520 -11.58 9.95 -30.12
CA LYS F 520 -10.40 10.86 -30.05
C LYS F 520 -9.64 10.83 -31.38
N CYS F 521 -9.45 12.00 -31.99
CA CYS F 521 -8.73 12.11 -33.26
C CYS F 521 -7.80 13.32 -33.15
N ARG F 522 -6.50 13.04 -32.97
CA ARG F 522 -5.48 14.12 -32.77
C ARG F 522 -5.07 14.78 -34.09
N PHE F 523 -5.30 14.13 -35.23
CA PHE F 523 -4.88 14.72 -36.50
C PHE F 523 -5.91 15.70 -37.06
N THR F 524 -7.20 15.42 -36.89
CA THR F 524 -8.26 16.30 -37.37
C THR F 524 -9.01 16.99 -36.25
N GLY F 525 -9.58 16.21 -35.32
CA GLY F 525 -10.39 16.72 -34.24
C GLY F 525 -11.86 16.42 -34.40
N ASP F 526 -12.31 16.16 -35.63
CA ASP F 526 -13.70 15.80 -35.85
C ASP F 526 -13.93 14.37 -35.38
N THR F 527 -14.66 14.23 -34.27
CA THR F 527 -14.96 12.93 -33.68
C THR F 527 -16.45 12.77 -33.56
N GLY F 528 -16.94 11.56 -33.79
CA GLY F 528 -18.37 11.31 -33.71
C GLY F 528 -18.76 10.10 -34.55
N ILE F 529 -19.98 10.17 -35.08
CA ILE F 529 -20.63 9.02 -35.70
C ILE F 529 -20.09 8.83 -37.11
N ALA F 530 -19.68 7.61 -37.45
CA ALA F 530 -19.29 7.29 -38.82
C ALA F 530 -20.52 6.96 -39.66
N GLY F 531 -21.46 6.21 -39.10
CA GLY F 531 -22.68 5.85 -39.80
C GLY F 531 -23.32 4.59 -39.26
N TYR F 532 -24.07 3.88 -40.09
CA TYR F 532 -24.68 2.62 -39.73
C TYR F 532 -24.11 1.50 -40.58
N MET F 533 -23.98 0.31 -39.99
CA MET F 533 -23.61 -0.88 -40.73
C MET F 533 -24.51 -2.02 -40.30
N GLU F 534 -24.76 -2.94 -41.23
CA GLU F 534 -25.65 -4.07 -41.02
C GLU F 534 -24.86 -5.36 -41.13
N TYR F 535 -25.07 -6.27 -40.17
CA TYR F 535 -24.35 -7.53 -40.09
C TYR F 535 -25.20 -8.66 -40.68
N ASN F 536 -24.51 -9.71 -41.14
CA ASN F 536 -25.16 -10.85 -41.78
C ASN F 536 -24.77 -12.12 -41.04
N LYS F 537 -25.77 -12.94 -40.69
CA LYS F 537 -25.56 -14.13 -39.89
C LYS F 537 -25.06 -15.33 -40.70
N GLU F 538 -25.42 -15.42 -41.98
CA GLU F 538 -25.15 -16.61 -42.76
C GLU F 538 -23.87 -16.57 -43.57
N THR F 539 -23.32 -15.39 -43.83
CA THR F 539 -22.02 -15.26 -44.46
C THR F 539 -20.97 -14.60 -43.57
N GLY F 540 -21.39 -13.94 -42.49
CA GLY F 540 -20.45 -13.31 -41.59
C GLY F 540 -19.85 -12.03 -42.15
N TRP F 541 -20.70 -11.11 -42.60
CA TRP F 541 -20.23 -9.89 -43.22
C TRP F 541 -21.12 -8.72 -42.83
N LEU F 542 -20.59 -7.52 -43.08
CA LEU F 542 -21.21 -6.27 -42.66
C LEU F 542 -21.11 -5.26 -43.80
N GLU F 543 -22.18 -4.52 -43.99
CA GLU F 543 -22.31 -3.58 -45.10
C GLU F 543 -22.64 -2.18 -44.59
N PRO F 544 -22.10 -1.13 -45.22
CA PRO F 544 -22.42 0.23 -44.78
C PRO F 544 -23.84 0.64 -45.15
N SER F 545 -24.61 1.01 -44.14
CA SER F 545 -26.01 1.38 -44.31
C SER F 545 -26.21 2.87 -44.02
N SER F 546 -27.37 3.37 -44.40
CA SER F 546 -27.73 4.78 -44.26
C SER F 546 -29.12 4.90 -43.67
N TYR F 547 -29.36 4.20 -42.56
CA TYR F 547 -30.66 4.20 -41.91
C TYR F 547 -30.95 5.57 -41.28
N SER F 548 -32.22 5.96 -41.32
CA SER F 548 -32.67 7.24 -40.80
C SER F 548 -32.65 7.21 -39.27
N GLY F 549 -31.62 7.79 -38.68
CA GLY F 549 -31.49 7.83 -37.23
C GLY F 549 -31.18 9.22 -36.71
PA TTP H . -4.23 17.95 -29.50
O1A TTP H . -3.99 19.44 -29.40
O2A TTP H . -2.93 17.25 -29.85
O3A TTP H . -4.79 17.37 -28.06
PB TTP H . -4.21 17.47 -26.52
O1B TTP H . -2.77 17.91 -26.56
O2B TTP H . -5.03 18.47 -25.75
O3B TTP H . -4.31 15.99 -25.80
PG TTP H . -3.58 14.60 -26.08
O1G TTP H . -2.13 14.85 -26.46
O2G TTP H . -4.27 13.88 -27.22
O3G TTP H . -3.63 13.74 -24.84
O5' TTP H . -5.35 17.65 -30.68
C5' TTP H . -6.57 18.31 -30.62
C4' TTP H . -7.17 18.43 -32.03
O4' TTP H . -8.59 18.71 -31.96
C3' TTP H . -6.56 19.65 -32.74
O3' TTP H . -5.41 19.24 -33.53
C2' TTP H . -7.69 20.09 -33.66
C1' TTP H . -8.94 19.77 -32.85
N1 TTP H . -9.32 20.93 -32.03
C2 TTP H . -10.73 21.41 -31.98
O2 TTP H . -11.54 20.83 -32.63
N3 TTP H . -11.18 22.51 -31.23
C4 TTP H . -10.20 23.12 -30.52
O4 TTP H . -10.54 24.10 -29.84
C5 TTP H . -8.77 22.73 -30.48
C5M TTP H . -7.76 23.50 -29.62
C6 TTP H . -8.38 21.64 -31.24
MG MG I . -1.28 16.60 -26.92
PA TTP J . 2.25 32.56 -0.69
O1A TTP J . 1.97 32.89 0.76
O2A TTP J . 3.72 32.67 -0.95
O3A TTP J . 1.75 31.01 -0.99
PB TTP J . 1.38 29.74 -0.01
O1B TTP J . 2.30 29.74 1.18
O2B TTP J . -0.04 29.87 0.46
O3B TTP J . 1.56 28.33 -0.86
PG TTP J . 2.76 27.74 -1.73
O1G TTP J . 4.05 28.44 -1.35
O2G TTP J . 2.47 27.97 -3.20
O3G TTP J . 2.89 26.26 -1.47
O5' TTP J . 1.42 33.60 -1.65
C5' TTP J . 0.10 33.91 -1.32
C4' TTP J . -0.48 34.87 -2.40
O4' TTP J . -1.89 34.63 -2.59
C3' TTP J . -0.41 36.32 -1.92
O3' TTP J . 0.87 36.91 -2.32
C2' TTP J . -1.54 36.98 -2.68
C1' TTP J . -2.59 35.86 -2.76
N1 TTP J . -3.55 35.99 -1.66
C2 TTP J . -4.70 36.93 -1.73
O2 TTP J . -4.82 37.57 -2.73
N3 TTP J . -5.67 37.11 -0.74
C4 TTP J . -5.49 36.34 0.35
O4 TTP J . -6.31 36.46 1.26
C5 TTP J . -4.37 35.36 0.55
C5M TTP J . -4.27 34.55 1.84
C6 TTP J . -3.45 35.22 -0.46
MG MG K . 4.31 30.30 -0.20
PA TTP L . -1.14 16.67 27.25
O1A TTP L . -1.92 15.86 28.25
O2A TTP L . 0.34 16.50 27.48
O3A TTP L . -1.51 16.14 25.73
PB TTP L . -1.24 14.70 25.02
O1B TTP L . -0.45 13.86 25.99
O2B TTP L . -2.57 14.04 24.71
O3B TTP L . -0.37 14.89 23.64
PG TTP L . 1.13 14.50 23.29
O1G TTP L . 1.99 14.57 24.53
O2G TTP L . 1.67 15.46 22.26
O3G TTP L . 1.17 13.10 22.74
O5' TTP L . -1.56 18.25 27.36
C5' TTP L . -2.60 18.68 26.54
C4' TTP L . -3.46 19.70 27.31
O4' TTP L . -4.85 19.54 26.96
C3' TTP L . -3.47 19.34 28.78
O3' TTP L . -2.33 19.95 29.44
C2' TTP L . -4.76 19.99 29.28
C1' TTP L . -5.61 20.08 28.02
N1 TTP L . -6.81 19.25 28.15
C2 TTP L . -8.15 19.85 28.26
O2 TTP L . -8.23 21.03 28.24
N3 TTP L . -9.34 19.14 28.39
C4 TTP L . -9.18 17.81 28.41
O4 TTP L . -10.21 17.12 28.53
C5 TTP L . -7.89 17.08 28.31
C5M TTP L . -7.86 15.56 28.35
C6 TTP L . -6.74 17.83 28.19
MG MG M . 1.84 14.05 26.33
PA TTP N . -6.16 -14.92 27.82
O1A TTP N . -6.08 -16.42 27.70
O2A TTP N . -5.33 -14.47 28.99
O3A TTP N . -5.58 -14.23 26.45
PB TTP N . -4.80 -14.84 25.13
O1B TTP N . -5.83 -15.40 24.16
O2B TTP N . -3.87 -15.95 25.56
O3B TTP N . -3.95 -13.65 24.39
PG TTP N . -2.43 -13.14 24.57
O1G TTP N . -1.97 -12.50 23.28
O2G TTP N . -1.54 -14.32 24.89
O3G TTP N . -2.37 -12.13 25.68
O5' TTP N . -7.73 -14.46 28.05
C5' TTP N . -8.40 -14.95 29.18
C4' TTP N . -9.10 -13.78 29.90
O4' TTP N . -10.24 -13.32 29.12
C3' TTP N . -9.66 -14.24 31.25
O3' TTP N . -9.58 -13.16 32.22
C2' TTP N . -11.11 -14.55 30.92
C1' TTP N . -11.43 -13.54 29.84
N1 TTP N . -12.43 -14.09 28.91
C2 TTP N . -13.78 -13.47 28.75
O2 TTP N . -14.02 -12.51 29.41
N3 TTP N . -14.78 -13.93 27.89
C4 TTP N . -14.43 -15.02 27.18
O4 TTP N . -15.27 -15.47 26.40
C5 TTP N . -13.12 -15.73 27.25
C5M TTP N . -12.84 -16.96 26.38
C6 TTP N . -12.16 -15.23 28.11
MG MG O . -1.97 -16.07 26.30
PA TTP P . -4.10 -33.33 1.00
O1A TTP P . -3.59 -33.95 -0.27
O2A TTP P . -3.78 -34.21 2.17
O3A TTP P . -3.36 -31.87 1.20
PB TTP P . -1.78 -31.51 0.97
O1B TTP P . -1.64 -30.69 -0.29
O2B TTP P . -1.01 -32.80 0.83
O3B TTP P . -1.18 -30.64 2.23
PG TTP P . 0.28 -30.05 2.44
O1G TTP P . 0.37 -28.70 1.78
O2G TTP P . 1.26 -31.00 1.79
O3G TTP P . 0.57 -29.92 3.91
O5' TTP P . -5.73 -33.13 0.88
C5' TTP P . -6.39 -32.40 1.86
C4' TTP P . -7.20 -33.32 2.79
O4' TTP P . -8.60 -32.92 2.77
C3' TTP P . -7.17 -34.78 2.33
O3' TTP P . -7.27 -35.67 3.48
C2' TTP P . -8.42 -34.90 1.49
C1' TTP P . -9.39 -33.94 2.17
N1 TTP P . -10.25 -33.30 1.17
C2 TTP P . -11.67 -33.00 1.46
O2 TTP P . -12.09 -33.29 2.53
N3 TTP P . -12.56 -32.39 0.58
C4 TTP P . -12.01 -32.07 -0.62
O4 TTP P . -12.75 -31.53 -1.45
C5 TTP P . -10.60 -32.33 -1.03
C5M TTP P . -10.10 -31.93 -2.42
C6 TTP P . -9.77 -32.93 -0.12
MG MG Q . 1.03 -33.01 0.80
#